data_4LB7
# 
_entry.id   4LB7 
# 
_audit_conform.dict_name       mmcif_pdbx.dic 
_audit_conform.dict_version    5.399 
_audit_conform.dict_location   http://mmcif.pdb.org/dictionaries/ascii/mmcif_pdbx.dic 
# 
loop_
_database_2.database_id 
_database_2.database_code 
_database_2.pdbx_database_accession 
_database_2.pdbx_DOI 
PDB   4LB7         pdb_00004lb7 10.2210/pdb4lb7/pdb 
RCSB  RCSB080411   ?            ?                   
WWPDB D_1000080411 ?            ?                   
# 
loop_
_pdbx_audit_revision_history.ordinal 
_pdbx_audit_revision_history.data_content_type 
_pdbx_audit_revision_history.major_revision 
_pdbx_audit_revision_history.minor_revision 
_pdbx_audit_revision_history.revision_date 
1 'Structure model' 1 0 2013-11-27 
2 'Structure model' 1 1 2023-09-20 
3 'Structure model' 1 2 2024-11-20 
# 
_pdbx_audit_revision_details.ordinal             1 
_pdbx_audit_revision_details.revision_ordinal    1 
_pdbx_audit_revision_details.data_content_type   'Structure model' 
_pdbx_audit_revision_details.provider            repository 
_pdbx_audit_revision_details.type                'Initial release' 
_pdbx_audit_revision_details.description         ? 
_pdbx_audit_revision_details.details             ? 
# 
loop_
_pdbx_audit_revision_group.ordinal 
_pdbx_audit_revision_group.revision_ordinal 
_pdbx_audit_revision_group.data_content_type 
_pdbx_audit_revision_group.group 
1 2 'Structure model' 'Data collection'        
2 2 'Structure model' 'Database references'    
3 2 'Structure model' 'Refinement description' 
4 3 'Structure model' 'Structure summary'      
# 
loop_
_pdbx_audit_revision_category.ordinal 
_pdbx_audit_revision_category.revision_ordinal 
_pdbx_audit_revision_category.data_content_type 
_pdbx_audit_revision_category.category 
1 2 'Structure model' chem_comp_atom                
2 2 'Structure model' chem_comp_bond                
3 2 'Structure model' database_2                    
4 2 'Structure model' pdbx_initial_refinement_model 
5 2 'Structure model' struct_ref_seq_dif            
6 3 'Structure model' pdbx_entry_details            
7 3 'Structure model' pdbx_modification_feature     
# 
loop_
_pdbx_audit_revision_item.ordinal 
_pdbx_audit_revision_item.revision_ordinal 
_pdbx_audit_revision_item.data_content_type 
_pdbx_audit_revision_item.item 
1 2 'Structure model' '_database_2.pdbx_DOI'                
2 2 'Structure model' '_database_2.pdbx_database_accession' 
3 2 'Structure model' '_struct_ref_seq_dif.details'         
# 
_pdbx_database_status.status_code                     REL 
_pdbx_database_status.entry_id                        4LB7 
_pdbx_database_status.recvd_initial_deposition_date   2013-06-20 
_pdbx_database_status.deposit_site                    RCSB 
_pdbx_database_status.process_site                    RCSB 
_pdbx_database_status.status_code_sf                  REL 
_pdbx_database_status.status_code_mr                  ? 
_pdbx_database_status.SG_entry                        ? 
_pdbx_database_status.status_code_cs                  ? 
_pdbx_database_status.methods_development_category    ? 
_pdbx_database_status.pdb_format_compatible           Y 
_pdbx_database_status.status_code_nmr_data            ? 
# 
loop_
_pdbx_database_related.db_name 
_pdbx_database_related.db_id 
_pdbx_database_related.details 
_pdbx_database_related.content_type 
PDB 3GNY 'wild type HNP1' unspecified 
PDB 4LB1 .                unspecified 
PDB 4LBB .                unspecified 
PDB 4LBF .                unspecified 
# 
loop_
_audit_author.name 
_audit_author.pdbx_ordinal 
'Tolbert, W.D.' 1 
'Wu, X.'        2 
'Pazgier, M.'   3 
# 
_citation.id                        primary 
_citation.title                     
;Single, Double and Quadruple Alanine Substitutions at Oligomeric Interfaces Identify Hydrophobicity as the Key Determinant of Human Neutrophil Alpha Defensin HNP1 Function.
;
_citation.journal_abbrev            'Plos One' 
_citation.journal_volume            8 
_citation.page_first                e78937 
_citation.page_last                 e78937 
_citation.year                      2013 
_citation.journal_id_ASTM           ? 
_citation.country                   US 
_citation.journal_id_ISSN           1932-6203 
_citation.journal_id_CSD            ? 
_citation.book_publisher            ? 
_citation.pdbx_database_id_PubMed   24236072 
_citation.pdbx_database_id_DOI      10.1371/journal.pone.0078937 
# 
loop_
_citation_author.citation_id 
_citation_author.name 
_citation_author.ordinal 
_citation_author.identifier_ORCID 
primary 'Zhao, L.'      1 ? 
primary 'Tolbert, W.D.' 2 ? 
primary 'Ericksen, B.'  3 ? 
primary 'Zhan, C.'      4 ? 
primary 'Wu, X.'        5 ? 
primary 'Yuan, W.'      6 ? 
primary 'Li, X.'        7 ? 
primary 'Pazgier, M.'   8 ? 
primary 'Lu, W.'        9 ? 
# 
loop_
_entity.id 
_entity.type 
_entity.src_method 
_entity.pdbx_description 
_entity.formula_weight 
_entity.pdbx_number_of_molecules 
_entity.pdbx_ec 
_entity.pdbx_mutation 
_entity.pdbx_fragment 
_entity.details 
1 polymer syn 'Neutrophil defensin 1' 3199.759 4 ? 'Y16A, I20A, L25A, F28A' ? ? 
2 water   nat water                   18.015   8 ? ?                        ? ? 
# 
_entity_name_com.entity_id   1 
_entity_name_com.name        'Defensin, alpha 1, HNP-1, HP-1, HP1, HP 1-56, Neutrophil defensin 2, HNP-2, HP-2, HP2' 
# 
_entity_poly.entity_id                      1 
_entity_poly.type                           'polypeptide(L)' 
_entity_poly.nstd_linkage                   no 
_entity_poly.nstd_monomer                   no 
_entity_poly.pdbx_seq_one_letter_code       ACYCRIPACIAGERRAGTCAYQGRAWAACC 
_entity_poly.pdbx_seq_one_letter_code_can   ACYCRIPACIAGERRAGTCAYQGRAWAACC 
_entity_poly.pdbx_strand_id                 D,E,A,B 
_entity_poly.pdbx_target_identifier         ? 
# 
_pdbx_entity_nonpoly.entity_id   2 
_pdbx_entity_nonpoly.name        water 
_pdbx_entity_nonpoly.comp_id     HOH 
# 
loop_
_entity_poly_seq.entity_id 
_entity_poly_seq.num 
_entity_poly_seq.mon_id 
_entity_poly_seq.hetero 
1 1  ALA n 
1 2  CYS n 
1 3  TYR n 
1 4  CYS n 
1 5  ARG n 
1 6  ILE n 
1 7  PRO n 
1 8  ALA n 
1 9  CYS n 
1 10 ILE n 
1 11 ALA n 
1 12 GLY n 
1 13 GLU n 
1 14 ARG n 
1 15 ARG n 
1 16 ALA n 
1 17 GLY n 
1 18 THR n 
1 19 CYS n 
1 20 ALA n 
1 21 TYR n 
1 22 GLN n 
1 23 GLY n 
1 24 ARG n 
1 25 ALA n 
1 26 TRP n 
1 27 ALA n 
1 28 ALA n 
1 29 CYS n 
1 30 CYS n 
# 
_pdbx_entity_src_syn.entity_id              1 
_pdbx_entity_src_syn.pdbx_src_id            1 
_pdbx_entity_src_syn.pdbx_alt_source_flag   sample 
_pdbx_entity_src_syn.pdbx_beg_seq_num       ? 
_pdbx_entity_src_syn.pdbx_end_seq_num       ? 
_pdbx_entity_src_syn.organism_scientific    'Homo sapiens' 
_pdbx_entity_src_syn.organism_common_name   human 
_pdbx_entity_src_syn.ncbi_taxonomy_id       9606 
_pdbx_entity_src_syn.details                ? 
# 
loop_
_chem_comp.id 
_chem_comp.type 
_chem_comp.mon_nstd_flag 
_chem_comp.name 
_chem_comp.pdbx_synonyms 
_chem_comp.formula 
_chem_comp.formula_weight 
ALA 'L-peptide linking' y ALANINE         ? 'C3 H7 N O2'     89.093  
ARG 'L-peptide linking' y ARGININE        ? 'C6 H15 N4 O2 1' 175.209 
CYS 'L-peptide linking' y CYSTEINE        ? 'C3 H7 N O2 S'   121.158 
GLN 'L-peptide linking' y GLUTAMINE       ? 'C5 H10 N2 O3'   146.144 
GLU 'L-peptide linking' y 'GLUTAMIC ACID' ? 'C5 H9 N O4'     147.129 
GLY 'peptide linking'   y GLYCINE         ? 'C2 H5 N O2'     75.067  
HOH non-polymer         . WATER           ? 'H2 O'           18.015  
ILE 'L-peptide linking' y ISOLEUCINE      ? 'C6 H13 N O2'    131.173 
LEU 'L-peptide linking' y LEUCINE         ? 'C6 H13 N O2'    131.173 
PHE 'L-peptide linking' y PHENYLALANINE   ? 'C9 H11 N O2'    165.189 
PRO 'L-peptide linking' y PROLINE         ? 'C5 H9 N O2'     115.130 
THR 'L-peptide linking' y THREONINE       ? 'C4 H9 N O3'     119.119 
TRP 'L-peptide linking' y TRYPTOPHAN      ? 'C11 H12 N2 O2'  204.225 
TYR 'L-peptide linking' y TYROSINE        ? 'C9 H11 N O3'    181.189 
# 
loop_
_pdbx_poly_seq_scheme.asym_id 
_pdbx_poly_seq_scheme.entity_id 
_pdbx_poly_seq_scheme.seq_id 
_pdbx_poly_seq_scheme.mon_id 
_pdbx_poly_seq_scheme.ndb_seq_num 
_pdbx_poly_seq_scheme.pdb_seq_num 
_pdbx_poly_seq_scheme.auth_seq_num 
_pdbx_poly_seq_scheme.pdb_mon_id 
_pdbx_poly_seq_scheme.auth_mon_id 
_pdbx_poly_seq_scheme.pdb_strand_id 
_pdbx_poly_seq_scheme.pdb_ins_code 
_pdbx_poly_seq_scheme.hetero 
A 1 1  ALA 1  1  1  ALA ALA D . n 
A 1 2  CYS 2  2  2  CYS CYS D . n 
A 1 3  TYR 3  3  3  TYR TYR D . n 
A 1 4  CYS 4  4  4  CYS CYS D . n 
A 1 5  ARG 5  5  5  ARG ARG D . n 
A 1 6  ILE 6  6  6  ILE ILE D . n 
A 1 7  PRO 7  7  7  PRO PRO D . n 
A 1 8  ALA 8  8  8  ALA ALA D . n 
A 1 9  CYS 9  9  9  CYS CYS D . n 
A 1 10 ILE 10 10 10 ILE ILE D . n 
A 1 11 ALA 11 11 11 ALA ALA D . n 
A 1 12 GLY 12 12 12 GLY GLY D . n 
A 1 13 GLU 13 13 13 GLU GLU D . n 
A 1 14 ARG 14 14 14 ARG ARG D . n 
A 1 15 ARG 15 15 15 ARG ARG D . n 
A 1 16 ALA 16 16 16 ALA ALA D . n 
A 1 17 GLY 17 17 17 GLY GLY D . n 
A 1 18 THR 18 18 18 THR THR D . n 
A 1 19 CYS 19 19 19 CYS CYS D . n 
A 1 20 ALA 20 20 20 ALA ALA D . n 
A 1 21 TYR 21 21 21 TYR TYR D . n 
A 1 22 GLN 22 22 22 GLN GLN D . n 
A 1 23 GLY 23 23 23 GLY GLY D . n 
A 1 24 ARG 24 24 24 ARG ARG D . n 
A 1 25 ALA 25 25 25 ALA ALA D . n 
A 1 26 TRP 26 26 26 TRP TRP D . n 
A 1 27 ALA 27 27 27 ALA ALA D . n 
A 1 28 ALA 28 28 28 ALA ALA D . n 
A 1 29 CYS 29 29 29 CYS CYS D . n 
A 1 30 CYS 30 30 30 CYS CYS D . n 
B 1 1  ALA 1  1  1  ALA ALA E . n 
B 1 2  CYS 2  2  2  CYS CYS E . n 
B 1 3  TYR 3  3  3  TYR TYR E . n 
B 1 4  CYS 4  4  4  CYS CYS E . n 
B 1 5  ARG 5  5  5  ARG ARG E . n 
B 1 6  ILE 6  6  6  ILE ILE E . n 
B 1 7  PRO 7  7  7  PRO PRO E . n 
B 1 8  ALA 8  8  8  ALA ALA E . n 
B 1 9  CYS 9  9  9  CYS CYS E . n 
B 1 10 ILE 10 10 10 ILE ILE E . n 
B 1 11 ALA 11 11 11 ALA ALA E . n 
B 1 12 GLY 12 12 12 GLY GLY E . n 
B 1 13 GLU 13 13 13 GLU GLU E . n 
B 1 14 ARG 14 14 14 ARG ARG E . n 
B 1 15 ARG 15 15 15 ARG ARG E . n 
B 1 16 ALA 16 16 16 ALA ALA E . n 
B 1 17 GLY 17 17 17 GLY GLY E . n 
B 1 18 THR 18 18 18 THR THR E . n 
B 1 19 CYS 19 19 19 CYS CYS E . n 
B 1 20 ALA 20 20 20 ALA ALA E . n 
B 1 21 TYR 21 21 21 TYR TYR E . n 
B 1 22 GLN 22 22 22 GLN GLN E . n 
B 1 23 GLY 23 23 23 GLY GLY E . n 
B 1 24 ARG 24 24 24 ARG ARG E . n 
B 1 25 ALA 25 25 25 ALA ALA E . n 
B 1 26 TRP 26 26 26 TRP TRP E . n 
B 1 27 ALA 27 27 27 ALA ALA E . n 
B 1 28 ALA 28 28 28 ALA ALA E . n 
B 1 29 CYS 29 29 29 CYS CYS E . n 
B 1 30 CYS 30 30 30 CYS CYS E . n 
C 1 1  ALA 1  1  1  ALA ALA A . n 
C 1 2  CYS 2  2  2  CYS CYS A . n 
C 1 3  TYR 3  3  3  TYR TYR A . n 
C 1 4  CYS 4  4  4  CYS CYS A . n 
C 1 5  ARG 5  5  5  ARG ARG A . n 
C 1 6  ILE 6  6  6  ILE ILE A . n 
C 1 7  PRO 7  7  7  PRO PRO A . n 
C 1 8  ALA 8  8  8  ALA ALA A . n 
C 1 9  CYS 9  9  9  CYS CYS A . n 
C 1 10 ILE 10 10 10 ILE ILE A . n 
C 1 11 ALA 11 11 11 ALA ALA A . n 
C 1 12 GLY 12 12 12 GLY GLY A . n 
C 1 13 GLU 13 13 13 GLU GLU A . n 
C 1 14 ARG 14 14 14 ARG ARG A . n 
C 1 15 ARG 15 15 15 ARG ARG A . n 
C 1 16 ALA 16 16 16 ALA ALA A . n 
C 1 17 GLY 17 17 17 GLY GLY A . n 
C 1 18 THR 18 18 18 THR THR A . n 
C 1 19 CYS 19 19 19 CYS CYS A . n 
C 1 20 ALA 20 20 20 ALA ALA A . n 
C 1 21 TYR 21 21 21 TYR TYR A . n 
C 1 22 GLN 22 22 22 GLN GLN A . n 
C 1 23 GLY 23 23 23 GLY GLY A . n 
C 1 24 ARG 24 24 24 ARG ARG A . n 
C 1 25 ALA 25 25 25 ALA ALA A . n 
C 1 26 TRP 26 26 26 TRP TRP A . n 
C 1 27 ALA 27 27 27 ALA ALA A . n 
C 1 28 ALA 28 28 28 ALA ALA A . n 
C 1 29 CYS 29 29 29 CYS CYS A . n 
C 1 30 CYS 30 30 30 CYS CYS A . n 
D 1 1  ALA 1  1  1  ALA ALA B . n 
D 1 2  CYS 2  2  2  CYS CYS B . n 
D 1 3  TYR 3  3  3  TYR TYR B . n 
D 1 4  CYS 4  4  4  CYS CYS B . n 
D 1 5  ARG 5  5  5  ARG ARG B . n 
D 1 6  ILE 6  6  6  ILE ILE B . n 
D 1 7  PRO 7  7  7  PRO PRO B . n 
D 1 8  ALA 8  8  8  ALA ALA B . n 
D 1 9  CYS 9  9  9  CYS CYS B . n 
D 1 10 ILE 10 10 10 ILE ILE B . n 
D 1 11 ALA 11 11 11 ALA ALA B . n 
D 1 12 GLY 12 12 12 GLY GLY B . n 
D 1 13 GLU 13 13 13 GLU GLU B . n 
D 1 14 ARG 14 14 14 ARG ARG B . n 
D 1 15 ARG 15 15 15 ARG ARG B . n 
D 1 16 ALA 16 16 16 ALA ALA B . n 
D 1 17 GLY 17 17 17 GLY GLY B . n 
D 1 18 THR 18 18 18 THR THR B . n 
D 1 19 CYS 19 19 19 CYS CYS B . n 
D 1 20 ALA 20 20 20 ALA ALA B . n 
D 1 21 TYR 21 21 21 TYR TYR B . n 
D 1 22 GLN 22 22 22 GLN GLN B . n 
D 1 23 GLY 23 23 23 GLY GLY B . n 
D 1 24 ARG 24 24 24 ARG ARG B . n 
D 1 25 ALA 25 25 25 ALA ALA B . n 
D 1 26 TRP 26 26 26 TRP TRP B . n 
D 1 27 ALA 27 27 27 ALA ALA B . n 
D 1 28 ALA 28 28 28 ALA ALA B . n 
D 1 29 CYS 29 29 29 CYS CYS B . n 
D 1 30 CYS 30 30 30 CYS CYS B . n 
# 
loop_
_pdbx_nonpoly_scheme.asym_id 
_pdbx_nonpoly_scheme.entity_id 
_pdbx_nonpoly_scheme.mon_id 
_pdbx_nonpoly_scheme.ndb_seq_num 
_pdbx_nonpoly_scheme.pdb_seq_num 
_pdbx_nonpoly_scheme.auth_seq_num 
_pdbx_nonpoly_scheme.pdb_mon_id 
_pdbx_nonpoly_scheme.auth_mon_id 
_pdbx_nonpoly_scheme.pdb_strand_id 
_pdbx_nonpoly_scheme.pdb_ins_code 
E 2 HOH 1 101 3 HOH HOH D . 
E 2 HOH 2 102 5 HOH HOH D . 
F 2 HOH 1 101 2 HOH HOH E . 
F 2 HOH 2 102 6 HOH HOH E . 
F 2 HOH 3 103 8 HOH HOH E . 
G 2 HOH 1 101 4 HOH HOH A . 
H 2 HOH 1 101 1 HOH HOH B . 
H 2 HOH 2 102 7 HOH HOH B . 
# 
loop_
_software.name 
_software.classification 
_software.version 
_software.citation_id 
_software.pdbx_ordinal 
HKL-2000 'data collection' .                                      ? 1 
PHASER   phasing           .                                      ? 2 
PHENIX   refinement        '(phenix.refine: 1.8_1069)/Refmac 5.1' ? 3 
HKL-2000 'data reduction'  .                                      ? 4 
HKL-2000 'data scaling'    .                                      ? 5 
# 
_cell.entry_id           4LB7 
_cell.length_a           83.771 
_cell.length_b           83.771 
_cell.length_c           51.288 
_cell.angle_alpha        90.00 
_cell.angle_beta         90.00 
_cell.angle_gamma        120.00 
_cell.Z_PDB              36 
_cell.pdbx_unique_axis   ? 
_cell.length_a_esd       ? 
_cell.length_b_esd       ? 
_cell.length_c_esd       ? 
_cell.angle_alpha_esd    ? 
_cell.angle_beta_esd     ? 
_cell.angle_gamma_esd    ? 
# 
_symmetry.entry_id                         4LB7 
_symmetry.space_group_name_H-M             'H 3' 
_symmetry.pdbx_full_space_group_name_H-M   ? 
_symmetry.cell_setting                     ? 
_symmetry.Int_Tables_number                146 
_symmetry.space_group_name_Hall            ? 
# 
_exptl.entry_id          4LB7 
_exptl.method            'X-RAY DIFFRACTION' 
_exptl.crystals_number   1 
# 
_exptl_crystal.id                    1 
_exptl_crystal.density_meas          ? 
_exptl_crystal.density_Matthews      2.71 
_exptl_crystal.density_percent_sol   54.54 
_exptl_crystal.description           ? 
_exptl_crystal.F_000                 ? 
_exptl_crystal.preparation           ? 
# 
_exptl_crystal_grow.crystal_id      1 
_exptl_crystal_grow.method          'VAPOR DIFFUSION, HANGING DROP' 
_exptl_crystal_grow.temp            298.0 
_exptl_crystal_grow.temp_details    ? 
_exptl_crystal_grow.pH              7.5 
_exptl_crystal_grow.pdbx_details    
;0.8 M sodium phosphate monobasic, 0.8 M potassium phosphate monobasic, 0.1 M HEPES pH 7.5, VAPOR DIFFUSION, HANGING DROP, temperature 298.0K
;
_exptl_crystal_grow.pdbx_pH_range   ? 
# 
_diffrn.id                     1 
_diffrn.ambient_temp           100 
_diffrn.ambient_temp_details   ? 
_diffrn.crystal_id             1 
# 
_diffrn_detector.diffrn_id              1 
_diffrn_detector.detector               CCD 
_diffrn_detector.type                   'MARMOSAIC 325 mm CCD' 
_diffrn_detector.pdbx_collection_date   2012-03-29 
_diffrn_detector.details                'RH COATED FLAT MIRROR' 
# 
_diffrn_radiation.diffrn_id                        1 
_diffrn_radiation.wavelength_id                    1 
_diffrn_radiation.pdbx_monochromatic_or_laue_m_l   M 
_diffrn_radiation.monochromator                    'SI(111)' 
_diffrn_radiation.pdbx_diffrn_protocol             'SINGLE WAVELENGTH' 
_diffrn_radiation.pdbx_scattering_type             x-ray 
# 
_diffrn_radiation_wavelength.id           1 
_diffrn_radiation_wavelength.wavelength   1.0 
_diffrn_radiation_wavelength.wt           1.0 
# 
_diffrn_source.diffrn_id                   1 
_diffrn_source.source                      SYNCHROTRON 
_diffrn_source.type                        'SSRL BEAMLINE BL7-1' 
_diffrn_source.pdbx_synchrotron_site       SSRL 
_diffrn_source.pdbx_synchrotron_beamline   BL7-1 
_diffrn_source.pdbx_wavelength             ? 
_diffrn_source.pdbx_wavelength_list        1.0 
# 
_reflns.entry_id                     4LB7 
_reflns.observed_criterion_sigma_I   0.0 
_reflns.observed_criterion_sigma_F   0.0 
_reflns.d_resolution_low             50.0 
_reflns.d_resolution_high            1.90 
_reflns.number_obs                   10457 
_reflns.number_all                   10552 
_reflns.percent_possible_obs         99.1 
_reflns.pdbx_Rmerge_I_obs            0.036 
_reflns.pdbx_netI_over_sigmaI        56 
_reflns.B_iso_Wilson_estimate        ? 
_reflns.pdbx_redundancy              5.8 
_reflns.R_free_details               ? 
_reflns.limit_h_max                  ? 
_reflns.limit_h_min                  ? 
_reflns.limit_k_max                  ? 
_reflns.limit_k_min                  ? 
_reflns.limit_l_max                  ? 
_reflns.limit_l_min                  ? 
_reflns.observed_criterion_F_max     ? 
_reflns.observed_criterion_F_min     ? 
_reflns.pdbx_chi_squared             ? 
_reflns.pdbx_scaling_rejects         ? 
_reflns.pdbx_Rsym_value              ? 
_reflns.pdbx_ordinal                 1 
_reflns.pdbx_diffrn_id               1 
# 
_reflns_shell.d_res_high             1.90 
_reflns_shell.d_res_low              1.93 
_reflns_shell.percent_possible_all   100 
_reflns_shell.Rmerge_I_obs           0.96 
_reflns_shell.pdbx_Rsym_value        ? 
_reflns_shell.meanI_over_sigI_obs    2.2 
_reflns_shell.pdbx_redundancy        5.8 
_reflns_shell.percent_possible_obs   ? 
_reflns_shell.number_unique_all      ? 
_reflns_shell.number_measured_all    ? 
_reflns_shell.number_measured_obs    ? 
_reflns_shell.number_unique_obs      ? 
_reflns_shell.pdbx_chi_squared       ? 
_reflns_shell.pdbx_ordinal           1 
_reflns_shell.pdbx_diffrn_id         1 
# 
_refine.entry_id                                 4LB7 
_refine.ls_number_reflns_obs                     10449 
_refine.ls_number_reflns_all                     10544 
_refine.pdbx_ls_sigma_I                          ? 
_refine.pdbx_ls_sigma_F                          1.97 
_refine.pdbx_data_cutoff_high_absF               ? 
_refine.pdbx_data_cutoff_low_absF                ? 
_refine.pdbx_data_cutoff_high_rms_absF           ? 
_refine.ls_d_res_low                             24.183 
_refine.ls_d_res_high                            1.902 
_refine.ls_percent_reflns_obs                    99.10 
_refine.ls_R_factor_obs                          0.2034 
_refine.ls_R_factor_R_work                       0.1998 
_refine.ls_R_factor_R_free                       0.2359 
_refine.ls_R_factor_R_free_error                 ? 
_refine.ls_R_factor_R_free_error_details         ? 
_refine.ls_percent_reflns_R_free                 9.89 
_refine.ls_number_reflns_R_free                  1033 
_refine.ls_number_parameters                     ? 
_refine.ls_number_restraints                     ? 
_refine.occupancy_min                            ? 
_refine.occupancy_max                            ? 
_refine.correlation_coeff_Fo_to_Fc               ? 
_refine.correlation_coeff_Fo_to_Fc_free          ? 
_refine.B_iso_mean                               ? 
_refine.aniso_B[1][1]                            ? 
_refine.aniso_B[2][2]                            ? 
_refine.aniso_B[3][3]                            ? 
_refine.aniso_B[1][2]                            ? 
_refine.aniso_B[1][3]                            ? 
_refine.aniso_B[2][3]                            ? 
_refine.solvent_model_details                    'FLAT BULK SOLVENT MODEL' 
_refine.solvent_model_param_ksol                 ? 
_refine.solvent_model_param_bsol                 ? 
_refine.pdbx_solvent_vdw_probe_radii             1.11 
_refine.pdbx_solvent_ion_probe_radii             ? 
_refine.pdbx_solvent_shrinkage_radii             0.90 
_refine.pdbx_ls_cross_valid_method               ? 
_refine.details                                  ? 
_refine.pdbx_starting_model                      'PDB entry 3GNY' 
_refine.pdbx_method_to_determine_struct          'MOLECULAR REPLACEMENT' 
_refine.pdbx_isotropic_thermal_model             ? 
_refine.pdbx_stereochemistry_target_values       ML 
_refine.pdbx_stereochem_target_val_spec_case     ? 
_refine.pdbx_R_Free_selection_details            RANDOM 
_refine.pdbx_overall_ESU_R                       ? 
_refine.pdbx_overall_ESU_R_Free                  ? 
_refine.overall_SU_ML                            0.28 
_refine.pdbx_overall_phase_error                 29.71 
_refine.overall_SU_B                             ? 
_refine.overall_SU_R_Cruickshank_DPI             ? 
_refine.ls_redundancy_reflns_obs                 ? 
_refine.B_iso_min                                ? 
_refine.B_iso_max                                ? 
_refine.overall_SU_R_free                        ? 
_refine.ls_wR_factor_R_free                      ? 
_refine.ls_wR_factor_R_work                      ? 
_refine.overall_FOM_free_R_set                   ? 
_refine.overall_FOM_work_R_set                   ? 
_refine.ls_R_factor_all                          ? 
_refine.pdbx_diffrn_id                           1 
_refine.pdbx_refine_id                           'X-RAY DIFFRACTION' 
_refine.pdbx_TLS_residual_ADP_flag               ? 
_refine.pdbx_overall_SU_R_free_Cruickshank_DPI   ? 
_refine.pdbx_overall_SU_R_Blow_DPI               ? 
_refine.pdbx_overall_SU_R_free_Blow_DPI          ? 
# 
_refine_hist.pdbx_refine_id                   'X-RAY DIFFRACTION' 
_refine_hist.cycle_id                         LAST 
_refine_hist.pdbx_number_atoms_protein        876 
_refine_hist.pdbx_number_atoms_nucleic_acid   0 
_refine_hist.pdbx_number_atoms_ligand         0 
_refine_hist.number_atoms_solvent             8 
_refine_hist.number_atoms_total               884 
_refine_hist.d_res_high                       1.902 
_refine_hist.d_res_low                        24.183 
# 
loop_
_refine_ls_restr.type 
_refine_ls_restr.dev_ideal 
_refine_ls_restr.dev_ideal_target 
_refine_ls_restr.weight 
_refine_ls_restr.number 
_refine_ls_restr.pdbx_restraint_function 
_refine_ls_restr.pdbx_refine_id 
f_bond_d           0.007  ? ? 904  ? 'X-RAY DIFFRACTION' 
f_angle_d          1.326  ? ? 1204 ? 'X-RAY DIFFRACTION' 
f_dihedral_angle_d 11.898 ? ? 312  ? 'X-RAY DIFFRACTION' 
f_chiral_restr     0.097  ? ? 120  ? 'X-RAY DIFFRACTION' 
f_plane_restr      0.005  ? ? 160  ? 'X-RAY DIFFRACTION' 
# 
loop_
_refine_ls_shell.pdbx_total_number_of_bins_used 
_refine_ls_shell.d_res_high 
_refine_ls_shell.d_res_low 
_refine_ls_shell.number_reflns_R_work 
_refine_ls_shell.R_factor_R_work 
_refine_ls_shell.percent_reflns_obs 
_refine_ls_shell.R_factor_R_free 
_refine_ls_shell.R_factor_R_free_error 
_refine_ls_shell.percent_reflns_R_free 
_refine_ls_shell.number_reflns_R_free 
_refine_ls_shell.number_reflns_all 
_refine_ls_shell.R_factor_all 
_refine_ls_shell.number_reflns_obs 
_refine_ls_shell.redundancy_reflns_obs 
_refine_ls_shell.pdbx_refine_id 
. 1.902  2.0017 1350 0.3132 100.00 0.3559 . . 137 . . . . 'X-RAY DIFFRACTION' 
. 2.0017 2.1271 1369 0.2961 100.00 0.2961 . . 145 . . . . 'X-RAY DIFFRACTION' 
. 2.1271 2.2912 1332 0.2424 100.00 0.2974 . . 155 . . . . 'X-RAY DIFFRACTION' 
. 2.2912 2.5216 1387 0.2506 100.00 0.2733 . . 139 . . . . 'X-RAY DIFFRACTION' 
. 2.5216 2.8859 1350 0.2269 100.00 0.2741 . . 161 . . . . 'X-RAY DIFFRACTION' 
. 2.8859 3.6340 1345 0.1887 100.00 0.2144 . . 167 . . . . 'X-RAY DIFFRACTION' 
. 3.6340 24.183 1283 0.1757 95.00  0.2146 . . 129 . . . . 'X-RAY DIFFRACTION' 
# 
_struct.entry_id                  4LB7 
_struct.title                     'Crystal structure of human alpha-defensin 1 (HNP1) Y16A/I20A/L25A/F28A mutant.' 
_struct.pdbx_model_details        ? 
_struct.pdbx_CASP_flag            ? 
_struct.pdbx_model_type_details   ? 
# 
_struct_keywords.entry_id        4LB7 
_struct_keywords.pdbx_keywords   'ANTIMICROBIAL PROTEIN' 
_struct_keywords.text            
;ANTIMICROBIAL PEPTIDE, HUMAN ALPHA DEFENSIN 1, HUMAN NEUTROPHIL PEPTIDE 1, HNP1, ANTIBIOTIC, ANTIVIRAL DEFENSE, DEFENSIN, DISULFIDE BOND, FUNGICIDE, PHOSPHOPROTEIN, SECRETED, ANTIMICROBIAL PROTEIN
;
# 
loop_
_struct_asym.id 
_struct_asym.pdbx_blank_PDB_chainid_flag 
_struct_asym.pdbx_modified 
_struct_asym.entity_id 
_struct_asym.details 
A N N 1 ? 
B N N 1 ? 
C N N 1 ? 
D N N 1 ? 
E N N 2 ? 
F N N 2 ? 
G N N 2 ? 
H N N 2 ? 
# 
_struct_ref.id                         1 
_struct_ref.db_name                    UNP 
_struct_ref.db_code                    DEF1_HUMAN 
_struct_ref.pdbx_db_accession          P59665 
_struct_ref.entity_id                  1 
_struct_ref.pdbx_seq_one_letter_code   ACYCRIPACIAGERRYGTCIYQGRLWAFCC 
_struct_ref.pdbx_align_begin           65 
_struct_ref.pdbx_db_isoform            ? 
# 
loop_
_struct_ref_seq.align_id 
_struct_ref_seq.ref_id 
_struct_ref_seq.pdbx_PDB_id_code 
_struct_ref_seq.pdbx_strand_id 
_struct_ref_seq.seq_align_beg 
_struct_ref_seq.pdbx_seq_align_beg_ins_code 
_struct_ref_seq.seq_align_end 
_struct_ref_seq.pdbx_seq_align_end_ins_code 
_struct_ref_seq.pdbx_db_accession 
_struct_ref_seq.db_align_beg 
_struct_ref_seq.pdbx_db_align_beg_ins_code 
_struct_ref_seq.db_align_end 
_struct_ref_seq.pdbx_db_align_end_ins_code 
_struct_ref_seq.pdbx_auth_seq_align_beg 
_struct_ref_seq.pdbx_auth_seq_align_end 
1 1 4LB7 D 1 ? 30 ? P59665 65 ? 94 ? 1 30 
2 1 4LB7 E 1 ? 30 ? P59665 65 ? 94 ? 1 30 
3 1 4LB7 A 1 ? 30 ? P59665 65 ? 94 ? 1 30 
4 1 4LB7 B 1 ? 30 ? P59665 65 ? 94 ? 1 30 
# 
loop_
_struct_ref_seq_dif.align_id 
_struct_ref_seq_dif.pdbx_pdb_id_code 
_struct_ref_seq_dif.mon_id 
_struct_ref_seq_dif.pdbx_pdb_strand_id 
_struct_ref_seq_dif.seq_num 
_struct_ref_seq_dif.pdbx_pdb_ins_code 
_struct_ref_seq_dif.pdbx_seq_db_name 
_struct_ref_seq_dif.pdbx_seq_db_accession_code 
_struct_ref_seq_dif.db_mon_id 
_struct_ref_seq_dif.pdbx_seq_db_seq_num 
_struct_ref_seq_dif.details 
_struct_ref_seq_dif.pdbx_auth_seq_num 
_struct_ref_seq_dif.pdbx_ordinal 
1 4LB7 ALA D 16 ? UNP P59665 TYR 80 'engineered mutation' 16 1  
1 4LB7 ALA D 20 ? UNP P59665 ILE 84 'engineered mutation' 20 2  
1 4LB7 ALA D 25 ? UNP P59665 LEU 89 'engineered mutation' 25 3  
1 4LB7 ALA D 28 ? UNP P59665 PHE 92 'engineered mutation' 28 4  
2 4LB7 ALA E 16 ? UNP P59665 TYR 80 'engineered mutation' 16 5  
2 4LB7 ALA E 20 ? UNP P59665 ILE 84 'engineered mutation' 20 6  
2 4LB7 ALA E 25 ? UNP P59665 LEU 89 'engineered mutation' 25 7  
2 4LB7 ALA E 28 ? UNP P59665 PHE 92 'engineered mutation' 28 8  
3 4LB7 ALA A 16 ? UNP P59665 TYR 80 'engineered mutation' 16 9  
3 4LB7 ALA A 20 ? UNP P59665 ILE 84 'engineered mutation' 20 10 
3 4LB7 ALA A 25 ? UNP P59665 LEU 89 'engineered mutation' 25 11 
3 4LB7 ALA A 28 ? UNP P59665 PHE 92 'engineered mutation' 28 12 
4 4LB7 ALA B 16 ? UNP P59665 TYR 80 'engineered mutation' 16 13 
4 4LB7 ALA B 20 ? UNP P59665 ILE 84 'engineered mutation' 20 14 
4 4LB7 ALA B 25 ? UNP P59665 LEU 89 'engineered mutation' 25 15 
4 4LB7 ALA B 28 ? UNP P59665 PHE 92 'engineered mutation' 28 16 
# 
_pdbx_struct_assembly.id                   1 
_pdbx_struct_assembly.details              author_and_software_defined_assembly 
_pdbx_struct_assembly.method_details       PISA 
_pdbx_struct_assembly.oligomeric_details   tetrameric 
_pdbx_struct_assembly.oligomeric_count     4 
# 
loop_
_pdbx_struct_assembly_prop.biol_id 
_pdbx_struct_assembly_prop.type 
_pdbx_struct_assembly_prop.value 
_pdbx_struct_assembly_prop.details 
1 'ABSA (A^2)' 2900 ? 
1 MORE         -21  ? 
1 'SSA (A^2)'  6490 ? 
# 
_pdbx_struct_assembly_gen.assembly_id       1 
_pdbx_struct_assembly_gen.oper_expression   1 
_pdbx_struct_assembly_gen.asym_id_list      A,B,C,D,E,F,G,H 
# 
_pdbx_struct_oper_list.id                   1 
_pdbx_struct_oper_list.type                 'identity operation' 
_pdbx_struct_oper_list.name                 1_555 
_pdbx_struct_oper_list.symmetry_operation   x,y,z 
_pdbx_struct_oper_list.matrix[1][1]         1.0000000000 
_pdbx_struct_oper_list.matrix[1][2]         0.0000000000 
_pdbx_struct_oper_list.matrix[1][3]         0.0000000000 
_pdbx_struct_oper_list.vector[1]            0.0000000000 
_pdbx_struct_oper_list.matrix[2][1]         0.0000000000 
_pdbx_struct_oper_list.matrix[2][2]         1.0000000000 
_pdbx_struct_oper_list.matrix[2][3]         0.0000000000 
_pdbx_struct_oper_list.vector[2]            0.0000000000 
_pdbx_struct_oper_list.matrix[3][1]         0.0000000000 
_pdbx_struct_oper_list.matrix[3][2]         0.0000000000 
_pdbx_struct_oper_list.matrix[3][3]         1.0000000000 
_pdbx_struct_oper_list.vector[3]            0.0000000000 
# 
_struct_biol.id        1 
_struct_biol.details   ? 
# 
loop_
_struct_conn.id 
_struct_conn.conn_type_id 
_struct_conn.pdbx_leaving_atom_flag 
_struct_conn.pdbx_PDB_id 
_struct_conn.ptnr1_label_asym_id 
_struct_conn.ptnr1_label_comp_id 
_struct_conn.ptnr1_label_seq_id 
_struct_conn.ptnr1_label_atom_id 
_struct_conn.pdbx_ptnr1_label_alt_id 
_struct_conn.pdbx_ptnr1_PDB_ins_code 
_struct_conn.pdbx_ptnr1_standard_comp_id 
_struct_conn.ptnr1_symmetry 
_struct_conn.ptnr2_label_asym_id 
_struct_conn.ptnr2_label_comp_id 
_struct_conn.ptnr2_label_seq_id 
_struct_conn.ptnr2_label_atom_id 
_struct_conn.pdbx_ptnr2_label_alt_id 
_struct_conn.pdbx_ptnr2_PDB_ins_code 
_struct_conn.ptnr1_auth_asym_id 
_struct_conn.ptnr1_auth_comp_id 
_struct_conn.ptnr1_auth_seq_id 
_struct_conn.ptnr2_auth_asym_id 
_struct_conn.ptnr2_auth_comp_id 
_struct_conn.ptnr2_auth_seq_id 
_struct_conn.ptnr2_symmetry 
_struct_conn.pdbx_ptnr3_label_atom_id 
_struct_conn.pdbx_ptnr3_label_seq_id 
_struct_conn.pdbx_ptnr3_label_comp_id 
_struct_conn.pdbx_ptnr3_label_asym_id 
_struct_conn.pdbx_ptnr3_label_alt_id 
_struct_conn.pdbx_ptnr3_PDB_ins_code 
_struct_conn.details 
_struct_conn.pdbx_dist_value 
_struct_conn.pdbx_value_order 
_struct_conn.pdbx_role 
disulf1  disulf ? ? A CYS 2 SG ? ? ? 1_555 A CYS 30 SG ? ? D CYS 2 D CYS 30 1_555 ? ? ? ? ? ? ? 2.024 ? ? 
disulf2  disulf ? ? A CYS 4 SG ? ? ? 1_555 A CYS 19 SG ? ? D CYS 4 D CYS 19 1_555 ? ? ? ? ? ? ? 2.027 ? ? 
disulf3  disulf ? ? A CYS 9 SG ? ? ? 1_555 A CYS 29 SG ? ? D CYS 9 D CYS 29 1_555 ? ? ? ? ? ? ? 2.044 ? ? 
disulf4  disulf ? ? B CYS 2 SG ? ? ? 1_555 B CYS 30 SG ? ? E CYS 2 E CYS 30 1_555 ? ? ? ? ? ? ? 2.031 ? ? 
disulf5  disulf ? ? B CYS 4 SG ? ? ? 1_555 B CYS 19 SG ? ? E CYS 4 E CYS 19 1_555 ? ? ? ? ? ? ? 2.033 ? ? 
disulf6  disulf ? ? B CYS 9 SG ? ? ? 1_555 B CYS 29 SG ? ? E CYS 9 E CYS 29 1_555 ? ? ? ? ? ? ? 2.034 ? ? 
disulf7  disulf ? ? C CYS 2 SG ? ? ? 1_555 C CYS 30 SG ? ? A CYS 2 A CYS 30 1_555 ? ? ? ? ? ? ? 2.023 ? ? 
disulf8  disulf ? ? C CYS 4 SG ? ? ? 1_555 C CYS 19 SG ? ? A CYS 4 A CYS 19 1_555 ? ? ? ? ? ? ? 2.033 ? ? 
disulf9  disulf ? ? C CYS 9 SG ? ? ? 1_555 C CYS 29 SG ? ? A CYS 9 A CYS 29 1_555 ? ? ? ? ? ? ? 2.043 ? ? 
disulf10 disulf ? ? D CYS 2 SG ? ? ? 1_555 D CYS 30 SG ? ? B CYS 2 B CYS 30 1_555 ? ? ? ? ? ? ? 2.021 ? ? 
disulf11 disulf ? ? D CYS 4 SG ? ? ? 1_555 D CYS 19 SG ? ? B CYS 4 B CYS 19 1_555 ? ? ? ? ? ? ? 2.026 ? ? 
disulf12 disulf ? ? D CYS 9 SG ? ? ? 1_555 D CYS 29 SG ? ? B CYS 9 B CYS 29 1_555 ? ? ? ? ? ? ? 2.041 ? ? 
# 
_struct_conn_type.id          disulf 
_struct_conn_type.criteria    ? 
_struct_conn_type.reference   ? 
# 
loop_
_pdbx_modification_feature.ordinal 
_pdbx_modification_feature.label_comp_id 
_pdbx_modification_feature.label_asym_id 
_pdbx_modification_feature.label_seq_id 
_pdbx_modification_feature.label_alt_id 
_pdbx_modification_feature.modified_residue_label_comp_id 
_pdbx_modification_feature.modified_residue_label_asym_id 
_pdbx_modification_feature.modified_residue_label_seq_id 
_pdbx_modification_feature.modified_residue_label_alt_id 
_pdbx_modification_feature.auth_comp_id 
_pdbx_modification_feature.auth_asym_id 
_pdbx_modification_feature.auth_seq_id 
_pdbx_modification_feature.PDB_ins_code 
_pdbx_modification_feature.symmetry 
_pdbx_modification_feature.modified_residue_auth_comp_id 
_pdbx_modification_feature.modified_residue_auth_asym_id 
_pdbx_modification_feature.modified_residue_auth_seq_id 
_pdbx_modification_feature.modified_residue_PDB_ins_code 
_pdbx_modification_feature.modified_residue_symmetry 
_pdbx_modification_feature.comp_id_linking_atom 
_pdbx_modification_feature.modified_residue_id_linking_atom 
_pdbx_modification_feature.modified_residue_id 
_pdbx_modification_feature.ref_pcm_id 
_pdbx_modification_feature.ref_comp_id 
_pdbx_modification_feature.type 
_pdbx_modification_feature.category 
1  CYS A 2 ? CYS A 30 ? CYS D 2 ? 1_555 CYS D 30 ? 1_555 SG SG . . . None 'Disulfide bridge' 
2  CYS A 4 ? CYS A 19 ? CYS D 4 ? 1_555 CYS D 19 ? 1_555 SG SG . . . None 'Disulfide bridge' 
3  CYS A 9 ? CYS A 29 ? CYS D 9 ? 1_555 CYS D 29 ? 1_555 SG SG . . . None 'Disulfide bridge' 
4  CYS B 2 ? CYS B 30 ? CYS E 2 ? 1_555 CYS E 30 ? 1_555 SG SG . . . None 'Disulfide bridge' 
5  CYS B 4 ? CYS B 19 ? CYS E 4 ? 1_555 CYS E 19 ? 1_555 SG SG . . . None 'Disulfide bridge' 
6  CYS B 9 ? CYS B 29 ? CYS E 9 ? 1_555 CYS E 29 ? 1_555 SG SG . . . None 'Disulfide bridge' 
7  CYS C 2 ? CYS C 30 ? CYS A 2 ? 1_555 CYS A 30 ? 1_555 SG SG . . . None 'Disulfide bridge' 
8  CYS C 4 ? CYS C 19 ? CYS A 4 ? 1_555 CYS A 19 ? 1_555 SG SG . . . None 'Disulfide bridge' 
9  CYS C 9 ? CYS C 29 ? CYS A 9 ? 1_555 CYS A 29 ? 1_555 SG SG . . . None 'Disulfide bridge' 
10 CYS D 2 ? CYS D 30 ? CYS B 2 ? 1_555 CYS B 30 ? 1_555 SG SG . . . None 'Disulfide bridge' 
11 CYS D 4 ? CYS D 19 ? CYS B 4 ? 1_555 CYS B 19 ? 1_555 SG SG . . . None 'Disulfide bridge' 
12 CYS D 9 ? CYS D 29 ? CYS B 9 ? 1_555 CYS B 29 ? 1_555 SG SG . . . None 'Disulfide bridge' 
# 
loop_
_struct_mon_prot_cis.pdbx_id 
_struct_mon_prot_cis.label_comp_id 
_struct_mon_prot_cis.label_seq_id 
_struct_mon_prot_cis.label_asym_id 
_struct_mon_prot_cis.label_alt_id 
_struct_mon_prot_cis.pdbx_PDB_ins_code 
_struct_mon_prot_cis.auth_comp_id 
_struct_mon_prot_cis.auth_seq_id 
_struct_mon_prot_cis.auth_asym_id 
_struct_mon_prot_cis.pdbx_label_comp_id_2 
_struct_mon_prot_cis.pdbx_label_seq_id_2 
_struct_mon_prot_cis.pdbx_label_asym_id_2 
_struct_mon_prot_cis.pdbx_PDB_ins_code_2 
_struct_mon_prot_cis.pdbx_auth_comp_id_2 
_struct_mon_prot_cis.pdbx_auth_seq_id_2 
_struct_mon_prot_cis.pdbx_auth_asym_id_2 
_struct_mon_prot_cis.pdbx_PDB_model_num 
_struct_mon_prot_cis.pdbx_omega_angle 
1 ILE 6 A . ? ILE 6 D PRO 7 A ? PRO 7 D 1 -1.06 
2 ILE 6 B . ? ILE 6 E PRO 7 B ? PRO 7 E 1 1.45  
3 ILE 6 C . ? ILE 6 A PRO 7 C ? PRO 7 A 1 -0.33 
4 ILE 6 D . ? ILE 6 B PRO 7 D ? PRO 7 B 1 1.49  
# 
loop_
_struct_sheet.id 
_struct_sheet.type 
_struct_sheet.number_strands 
_struct_sheet.details 
A ? 7 ? 
B ? 7 ? 
# 
loop_
_struct_sheet_order.sheet_id 
_struct_sheet_order.range_id_1 
_struct_sheet_order.range_id_2 
_struct_sheet_order.offset 
_struct_sheet_order.sense 
A 1 2 ? anti-parallel 
A 2 3 ? anti-parallel 
A 3 4 ? anti-parallel 
A 4 5 ? anti-parallel 
A 5 6 ? anti-parallel 
A 6 7 ? anti-parallel 
B 1 2 ? anti-parallel 
B 2 3 ? anti-parallel 
B 3 4 ? anti-parallel 
B 4 5 ? anti-parallel 
B 5 6 ? anti-parallel 
B 6 7 ? anti-parallel 
# 
loop_
_struct_sheet_range.sheet_id 
_struct_sheet_range.id 
_struct_sheet_range.beg_label_comp_id 
_struct_sheet_range.beg_label_asym_id 
_struct_sheet_range.beg_label_seq_id 
_struct_sheet_range.pdbx_beg_PDB_ins_code 
_struct_sheet_range.end_label_comp_id 
_struct_sheet_range.end_label_asym_id 
_struct_sheet_range.end_label_seq_id 
_struct_sheet_range.pdbx_end_PDB_ins_code 
_struct_sheet_range.beg_auth_comp_id 
_struct_sheet_range.beg_auth_asym_id 
_struct_sheet_range.beg_auth_seq_id 
_struct_sheet_range.end_auth_comp_id 
_struct_sheet_range.end_auth_asym_id 
_struct_sheet_range.end_auth_seq_id 
A 1 CYS A 2  ? ARG A 5  ? CYS D 2  ARG D 5  
A 2 ARG A 24 ? CYS A 30 ? ARG D 24 CYS D 30 
A 3 ARG A 14 ? TYR A 21 ? ARG D 14 TYR D 21 
A 4 ARG B 14 ? TYR B 21 ? ARG E 14 TYR E 21 
A 5 ARG B 24 ? CYS B 30 ? ARG E 24 CYS E 30 
A 6 CYS B 2  ? ARG B 5  ? CYS E 2  ARG E 5  
A 7 CYS A 2  ? ARG A 5  ? CYS D 2  ARG D 5  
B 1 TYR C 3  ? ARG C 5  ? TYR A 3  ARG A 5  
B 2 ARG C 24 ? CYS C 30 ? ARG A 24 CYS A 30 
B 3 ARG C 14 ? TYR C 21 ? ARG A 14 TYR A 21 
B 4 ARG D 14 ? TYR D 21 ? ARG B 14 TYR B 21 
B 5 ARG D 24 ? CYS D 30 ? ARG B 24 CYS B 30 
B 6 CYS D 2  ? ARG D 5  ? CYS B 2  ARG B 5  
B 7 TYR C 3  ? ARG C 5  ? TYR A 3  ARG A 5  
# 
loop_
_pdbx_struct_sheet_hbond.sheet_id 
_pdbx_struct_sheet_hbond.range_id_1 
_pdbx_struct_sheet_hbond.range_id_2 
_pdbx_struct_sheet_hbond.range_1_label_atom_id 
_pdbx_struct_sheet_hbond.range_1_label_comp_id 
_pdbx_struct_sheet_hbond.range_1_label_asym_id 
_pdbx_struct_sheet_hbond.range_1_label_seq_id 
_pdbx_struct_sheet_hbond.range_1_PDB_ins_code 
_pdbx_struct_sheet_hbond.range_1_auth_atom_id 
_pdbx_struct_sheet_hbond.range_1_auth_comp_id 
_pdbx_struct_sheet_hbond.range_1_auth_asym_id 
_pdbx_struct_sheet_hbond.range_1_auth_seq_id 
_pdbx_struct_sheet_hbond.range_2_label_atom_id 
_pdbx_struct_sheet_hbond.range_2_label_comp_id 
_pdbx_struct_sheet_hbond.range_2_label_asym_id 
_pdbx_struct_sheet_hbond.range_2_label_seq_id 
_pdbx_struct_sheet_hbond.range_2_PDB_ins_code 
_pdbx_struct_sheet_hbond.range_2_auth_atom_id 
_pdbx_struct_sheet_hbond.range_2_auth_comp_id 
_pdbx_struct_sheet_hbond.range_2_auth_asym_id 
_pdbx_struct_sheet_hbond.range_2_auth_seq_id 
A 1 2 N ARG A 5  ? N ARG D 5  O ALA A 27 ? O ALA D 27 
A 2 3 O CYS A 30 ? O CYS D 30 N ARG A 14 ? N ARG D 14 
A 3 4 N THR A 18 ? N THR D 18 O ALA B 20 ? O ALA E 20 
A 4 5 N ARG B 14 ? N ARG E 14 O CYS B 30 ? O CYS E 30 
A 5 6 O ALA B 27 ? O ALA E 27 N ARG B 5  ? N ARG E 5  
A 6 7 O CYS B 2  ? O CYS E 2  N CYS A 4  ? N CYS D 4  
B 1 2 N ARG C 5  ? N ARG A 5  O ALA C 27 ? O ALA A 27 
B 2 3 O CYS C 30 ? O CYS A 30 N ARG C 14 ? N ARG A 14 
B 3 4 N THR C 18 ? N THR A 18 O ALA D 20 ? O ALA B 20 
B 4 5 N GLY D 17 ? N GLY B 17 O ALA D 28 ? O ALA B 28 
B 5 6 O ALA D 27 ? O ALA B 27 N ARG D 5  ? N ARG B 5  
B 6 7 O CYS D 2  ? O CYS B 2  N CYS C 4  ? N CYS A 4  
# 
_pdbx_entry_details.entry_id                   4LB7 
_pdbx_entry_details.compound_details           ? 
_pdbx_entry_details.source_details             ? 
_pdbx_entry_details.nonpolymer_details         ? 
_pdbx_entry_details.sequence_details           ? 
_pdbx_entry_details.has_ligand_of_interest     ? 
_pdbx_entry_details.has_protein_modification   Y 
# 
loop_
_pdbx_validate_close_contact.id 
_pdbx_validate_close_contact.PDB_model_num 
_pdbx_validate_close_contact.auth_atom_id_1 
_pdbx_validate_close_contact.auth_asym_id_1 
_pdbx_validate_close_contact.auth_comp_id_1 
_pdbx_validate_close_contact.auth_seq_id_1 
_pdbx_validate_close_contact.PDB_ins_code_1 
_pdbx_validate_close_contact.label_alt_id_1 
_pdbx_validate_close_contact.auth_atom_id_2 
_pdbx_validate_close_contact.auth_asym_id_2 
_pdbx_validate_close_contact.auth_comp_id_2 
_pdbx_validate_close_contact.auth_seq_id_2 
_pdbx_validate_close_contact.PDB_ins_code_2 
_pdbx_validate_close_contact.label_alt_id_2 
_pdbx_validate_close_contact.dist 
1 1 O  A HOH 101 ? ? O B HOH 101 ? ? 1.87 
2 1 OH D TYR 3   ? ? N E ALA 1   ? ? 2.11 
3 1 OH A TYR 3   ? ? N B ALA 1   ? ? 2.16 
# 
loop_
_pdbx_refine_tls.pdbx_refine_id 
_pdbx_refine_tls.id 
_pdbx_refine_tls.details 
_pdbx_refine_tls.method 
_pdbx_refine_tls.origin_x 
_pdbx_refine_tls.origin_y 
_pdbx_refine_tls.origin_z 
_pdbx_refine_tls.T[1][1] 
_pdbx_refine_tls.T[2][2] 
_pdbx_refine_tls.T[3][3] 
_pdbx_refine_tls.T[1][2] 
_pdbx_refine_tls.T[1][3] 
_pdbx_refine_tls.T[2][3] 
_pdbx_refine_tls.L[1][1] 
_pdbx_refine_tls.L[2][2] 
_pdbx_refine_tls.L[3][3] 
_pdbx_refine_tls.L[1][2] 
_pdbx_refine_tls.L[1][3] 
_pdbx_refine_tls.L[2][3] 
_pdbx_refine_tls.S[1][1] 
_pdbx_refine_tls.S[2][2] 
_pdbx_refine_tls.S[3][3] 
_pdbx_refine_tls.S[1][2] 
_pdbx_refine_tls.S[1][3] 
_pdbx_refine_tls.S[2][3] 
_pdbx_refine_tls.S[2][1] 
_pdbx_refine_tls.S[3][1] 
_pdbx_refine_tls.S[3][2] 
'X-RAY DIFFRACTION' 1 ? refined 3.0910  5.4728  8.7563  0.9704 0.6180 0.5857 0.0005  0.2134  -0.0477 8.7807  8.8508 4.3058 0.2011  -0.8736 -0.1167 0.0074  0.0646 -0.1727 -1.1236 0.2390  -0.3475 -1.7270 0.1047  -0.4003 
'X-RAY DIFFRACTION' 2 ? refined -5.2058 -2.7548 8.9639  1.0790 0.5950 0.5627 -0.0348 -0.0798 -0.0089 8.0208  8.2879 5.0338 -1.0091 0.3738  0.4491  0.1602  0.0346 -0.0980 -1.1747 -0.1109 0.2297  -2.2642 0.4556  -0.0299 
'X-RAY DIFFRACTION' 3 ? refined 5.8567  -4.4302 -7.7914 0.9591 0.5316 0.4480 0.0675  -0.0876 -0.0802 8.1342  8.6024 4.3092 -2.1238 0.3207  -1.0440 -0.8875 0.8251 -0.0084 1.0842  -0.1305 -0.1539 1.9370  -0.0108 -0.2246 
'X-RAY DIFFRACTION' 4 ? refined -3.7060 1.7865  -9.9138 1.0424 0.7539 0.6188 0.1051  0.1850  0.0639  11.0992 8.9487 3.3370 -2.1689 1.5139  -0.1237 -0.6123 0.7433 -0.1918 1.0087  -0.2825 0.9301  1.8977  -0.2061 -0.0948  
# 
loop_
_pdbx_refine_tls_group.pdbx_refine_id 
_pdbx_refine_tls_group.id 
_pdbx_refine_tls_group.refine_tls_id 
_pdbx_refine_tls_group.beg_auth_asym_id 
_pdbx_refine_tls_group.beg_auth_seq_id 
_pdbx_refine_tls_group.end_auth_asym_id 
_pdbx_refine_tls_group.end_auth_seq_id 
_pdbx_refine_tls_group.selection_details 
_pdbx_refine_tls_group.beg_label_asym_id 
_pdbx_refine_tls_group.beg_label_seq_id 
_pdbx_refine_tls_group.end_label_asym_id 
_pdbx_refine_tls_group.end_label_seq_id 
_pdbx_refine_tls_group.selection 
'X-RAY DIFFRACTION' 1 1 D 1 D 30 '( CHAIN D AND RESID 1:30 )' . . . . ? 
'X-RAY DIFFRACTION' 2 2 E 1 E 30 '( CHAIN E AND RESID 1:30 )' . . . . ? 
'X-RAY DIFFRACTION' 3 3 A 1 A 30 '( CHAIN A AND RESID 1:30 )' . . . . ? 
'X-RAY DIFFRACTION' 4 4 B 1 B 30 '( CHAIN B AND RESID 1:30 )' . . . . ? 
# 
loop_
_chem_comp_atom.comp_id 
_chem_comp_atom.atom_id 
_chem_comp_atom.type_symbol 
_chem_comp_atom.pdbx_aromatic_flag 
_chem_comp_atom.pdbx_stereo_config 
_chem_comp_atom.pdbx_ordinal 
ALA N    N N N 1   
ALA CA   C N S 2   
ALA C    C N N 3   
ALA O    O N N 4   
ALA CB   C N N 5   
ALA OXT  O N N 6   
ALA H    H N N 7   
ALA H2   H N N 8   
ALA HA   H N N 9   
ALA HB1  H N N 10  
ALA HB2  H N N 11  
ALA HB3  H N N 12  
ALA HXT  H N N 13  
ARG N    N N N 14  
ARG CA   C N S 15  
ARG C    C N N 16  
ARG O    O N N 17  
ARG CB   C N N 18  
ARG CG   C N N 19  
ARG CD   C N N 20  
ARG NE   N N N 21  
ARG CZ   C N N 22  
ARG NH1  N N N 23  
ARG NH2  N N N 24  
ARG OXT  O N N 25  
ARG H    H N N 26  
ARG H2   H N N 27  
ARG HA   H N N 28  
ARG HB2  H N N 29  
ARG HB3  H N N 30  
ARG HG2  H N N 31  
ARG HG3  H N N 32  
ARG HD2  H N N 33  
ARG HD3  H N N 34  
ARG HE   H N N 35  
ARG HH11 H N N 36  
ARG HH12 H N N 37  
ARG HH21 H N N 38  
ARG HH22 H N N 39  
ARG HXT  H N N 40  
CYS N    N N N 41  
CYS CA   C N R 42  
CYS C    C N N 43  
CYS O    O N N 44  
CYS CB   C N N 45  
CYS SG   S N N 46  
CYS OXT  O N N 47  
CYS H    H N N 48  
CYS H2   H N N 49  
CYS HA   H N N 50  
CYS HB2  H N N 51  
CYS HB3  H N N 52  
CYS HG   H N N 53  
CYS HXT  H N N 54  
GLN N    N N N 55  
GLN CA   C N S 56  
GLN C    C N N 57  
GLN O    O N N 58  
GLN CB   C N N 59  
GLN CG   C N N 60  
GLN CD   C N N 61  
GLN OE1  O N N 62  
GLN NE2  N N N 63  
GLN OXT  O N N 64  
GLN H    H N N 65  
GLN H2   H N N 66  
GLN HA   H N N 67  
GLN HB2  H N N 68  
GLN HB3  H N N 69  
GLN HG2  H N N 70  
GLN HG3  H N N 71  
GLN HE21 H N N 72  
GLN HE22 H N N 73  
GLN HXT  H N N 74  
GLU N    N N N 75  
GLU CA   C N S 76  
GLU C    C N N 77  
GLU O    O N N 78  
GLU CB   C N N 79  
GLU CG   C N N 80  
GLU CD   C N N 81  
GLU OE1  O N N 82  
GLU OE2  O N N 83  
GLU OXT  O N N 84  
GLU H    H N N 85  
GLU H2   H N N 86  
GLU HA   H N N 87  
GLU HB2  H N N 88  
GLU HB3  H N N 89  
GLU HG2  H N N 90  
GLU HG3  H N N 91  
GLU HE2  H N N 92  
GLU HXT  H N N 93  
GLY N    N N N 94  
GLY CA   C N N 95  
GLY C    C N N 96  
GLY O    O N N 97  
GLY OXT  O N N 98  
GLY H    H N N 99  
GLY H2   H N N 100 
GLY HA2  H N N 101 
GLY HA3  H N N 102 
GLY HXT  H N N 103 
HOH O    O N N 104 
HOH H1   H N N 105 
HOH H2   H N N 106 
ILE N    N N N 107 
ILE CA   C N S 108 
ILE C    C N N 109 
ILE O    O N N 110 
ILE CB   C N S 111 
ILE CG1  C N N 112 
ILE CG2  C N N 113 
ILE CD1  C N N 114 
ILE OXT  O N N 115 
ILE H    H N N 116 
ILE H2   H N N 117 
ILE HA   H N N 118 
ILE HB   H N N 119 
ILE HG12 H N N 120 
ILE HG13 H N N 121 
ILE HG21 H N N 122 
ILE HG22 H N N 123 
ILE HG23 H N N 124 
ILE HD11 H N N 125 
ILE HD12 H N N 126 
ILE HD13 H N N 127 
ILE HXT  H N N 128 
LEU N    N N N 129 
LEU CA   C N S 130 
LEU C    C N N 131 
LEU O    O N N 132 
LEU CB   C N N 133 
LEU CG   C N N 134 
LEU CD1  C N N 135 
LEU CD2  C N N 136 
LEU OXT  O N N 137 
LEU H    H N N 138 
LEU H2   H N N 139 
LEU HA   H N N 140 
LEU HB2  H N N 141 
LEU HB3  H N N 142 
LEU HG   H N N 143 
LEU HD11 H N N 144 
LEU HD12 H N N 145 
LEU HD13 H N N 146 
LEU HD21 H N N 147 
LEU HD22 H N N 148 
LEU HD23 H N N 149 
LEU HXT  H N N 150 
PHE N    N N N 151 
PHE CA   C N S 152 
PHE C    C N N 153 
PHE O    O N N 154 
PHE CB   C N N 155 
PHE CG   C Y N 156 
PHE CD1  C Y N 157 
PHE CD2  C Y N 158 
PHE CE1  C Y N 159 
PHE CE2  C Y N 160 
PHE CZ   C Y N 161 
PHE OXT  O N N 162 
PHE H    H N N 163 
PHE H2   H N N 164 
PHE HA   H N N 165 
PHE HB2  H N N 166 
PHE HB3  H N N 167 
PHE HD1  H N N 168 
PHE HD2  H N N 169 
PHE HE1  H N N 170 
PHE HE2  H N N 171 
PHE HZ   H N N 172 
PHE HXT  H N N 173 
PRO N    N N N 174 
PRO CA   C N S 175 
PRO C    C N N 176 
PRO O    O N N 177 
PRO CB   C N N 178 
PRO CG   C N N 179 
PRO CD   C N N 180 
PRO OXT  O N N 181 
PRO H    H N N 182 
PRO HA   H N N 183 
PRO HB2  H N N 184 
PRO HB3  H N N 185 
PRO HG2  H N N 186 
PRO HG3  H N N 187 
PRO HD2  H N N 188 
PRO HD3  H N N 189 
PRO HXT  H N N 190 
THR N    N N N 191 
THR CA   C N S 192 
THR C    C N N 193 
THR O    O N N 194 
THR CB   C N R 195 
THR OG1  O N N 196 
THR CG2  C N N 197 
THR OXT  O N N 198 
THR H    H N N 199 
THR H2   H N N 200 
THR HA   H N N 201 
THR HB   H N N 202 
THR HG1  H N N 203 
THR HG21 H N N 204 
THR HG22 H N N 205 
THR HG23 H N N 206 
THR HXT  H N N 207 
TRP N    N N N 208 
TRP CA   C N S 209 
TRP C    C N N 210 
TRP O    O N N 211 
TRP CB   C N N 212 
TRP CG   C Y N 213 
TRP CD1  C Y N 214 
TRP CD2  C Y N 215 
TRP NE1  N Y N 216 
TRP CE2  C Y N 217 
TRP CE3  C Y N 218 
TRP CZ2  C Y N 219 
TRP CZ3  C Y N 220 
TRP CH2  C Y N 221 
TRP OXT  O N N 222 
TRP H    H N N 223 
TRP H2   H N N 224 
TRP HA   H N N 225 
TRP HB2  H N N 226 
TRP HB3  H N N 227 
TRP HD1  H N N 228 
TRP HE1  H N N 229 
TRP HE3  H N N 230 
TRP HZ2  H N N 231 
TRP HZ3  H N N 232 
TRP HH2  H N N 233 
TRP HXT  H N N 234 
TYR N    N N N 235 
TYR CA   C N S 236 
TYR C    C N N 237 
TYR O    O N N 238 
TYR CB   C N N 239 
TYR CG   C Y N 240 
TYR CD1  C Y N 241 
TYR CD2  C Y N 242 
TYR CE1  C Y N 243 
TYR CE2  C Y N 244 
TYR CZ   C Y N 245 
TYR OH   O N N 246 
TYR OXT  O N N 247 
TYR H    H N N 248 
TYR H2   H N N 249 
TYR HA   H N N 250 
TYR HB2  H N N 251 
TYR HB3  H N N 252 
TYR HD1  H N N 253 
TYR HD2  H N N 254 
TYR HE1  H N N 255 
TYR HE2  H N N 256 
TYR HH   H N N 257 
TYR HXT  H N N 258 
# 
loop_
_chem_comp_bond.comp_id 
_chem_comp_bond.atom_id_1 
_chem_comp_bond.atom_id_2 
_chem_comp_bond.value_order 
_chem_comp_bond.pdbx_aromatic_flag 
_chem_comp_bond.pdbx_stereo_config 
_chem_comp_bond.pdbx_ordinal 
ALA N   CA   sing N N 1   
ALA N   H    sing N N 2   
ALA N   H2   sing N N 3   
ALA CA  C    sing N N 4   
ALA CA  CB   sing N N 5   
ALA CA  HA   sing N N 6   
ALA C   O    doub N N 7   
ALA C   OXT  sing N N 8   
ALA CB  HB1  sing N N 9   
ALA CB  HB2  sing N N 10  
ALA CB  HB3  sing N N 11  
ALA OXT HXT  sing N N 12  
ARG N   CA   sing N N 13  
ARG N   H    sing N N 14  
ARG N   H2   sing N N 15  
ARG CA  C    sing N N 16  
ARG CA  CB   sing N N 17  
ARG CA  HA   sing N N 18  
ARG C   O    doub N N 19  
ARG C   OXT  sing N N 20  
ARG CB  CG   sing N N 21  
ARG CB  HB2  sing N N 22  
ARG CB  HB3  sing N N 23  
ARG CG  CD   sing N N 24  
ARG CG  HG2  sing N N 25  
ARG CG  HG3  sing N N 26  
ARG CD  NE   sing N N 27  
ARG CD  HD2  sing N N 28  
ARG CD  HD3  sing N N 29  
ARG NE  CZ   sing N N 30  
ARG NE  HE   sing N N 31  
ARG CZ  NH1  sing N N 32  
ARG CZ  NH2  doub N N 33  
ARG NH1 HH11 sing N N 34  
ARG NH1 HH12 sing N N 35  
ARG NH2 HH21 sing N N 36  
ARG NH2 HH22 sing N N 37  
ARG OXT HXT  sing N N 38  
CYS N   CA   sing N N 39  
CYS N   H    sing N N 40  
CYS N   H2   sing N N 41  
CYS CA  C    sing N N 42  
CYS CA  CB   sing N N 43  
CYS CA  HA   sing N N 44  
CYS C   O    doub N N 45  
CYS C   OXT  sing N N 46  
CYS CB  SG   sing N N 47  
CYS CB  HB2  sing N N 48  
CYS CB  HB3  sing N N 49  
CYS SG  HG   sing N N 50  
CYS OXT HXT  sing N N 51  
GLN N   CA   sing N N 52  
GLN N   H    sing N N 53  
GLN N   H2   sing N N 54  
GLN CA  C    sing N N 55  
GLN CA  CB   sing N N 56  
GLN CA  HA   sing N N 57  
GLN C   O    doub N N 58  
GLN C   OXT  sing N N 59  
GLN CB  CG   sing N N 60  
GLN CB  HB2  sing N N 61  
GLN CB  HB3  sing N N 62  
GLN CG  CD   sing N N 63  
GLN CG  HG2  sing N N 64  
GLN CG  HG3  sing N N 65  
GLN CD  OE1  doub N N 66  
GLN CD  NE2  sing N N 67  
GLN NE2 HE21 sing N N 68  
GLN NE2 HE22 sing N N 69  
GLN OXT HXT  sing N N 70  
GLU N   CA   sing N N 71  
GLU N   H    sing N N 72  
GLU N   H2   sing N N 73  
GLU CA  C    sing N N 74  
GLU CA  CB   sing N N 75  
GLU CA  HA   sing N N 76  
GLU C   O    doub N N 77  
GLU C   OXT  sing N N 78  
GLU CB  CG   sing N N 79  
GLU CB  HB2  sing N N 80  
GLU CB  HB3  sing N N 81  
GLU CG  CD   sing N N 82  
GLU CG  HG2  sing N N 83  
GLU CG  HG3  sing N N 84  
GLU CD  OE1  doub N N 85  
GLU CD  OE2  sing N N 86  
GLU OE2 HE2  sing N N 87  
GLU OXT HXT  sing N N 88  
GLY N   CA   sing N N 89  
GLY N   H    sing N N 90  
GLY N   H2   sing N N 91  
GLY CA  C    sing N N 92  
GLY CA  HA2  sing N N 93  
GLY CA  HA3  sing N N 94  
GLY C   O    doub N N 95  
GLY C   OXT  sing N N 96  
GLY OXT HXT  sing N N 97  
HOH O   H1   sing N N 98  
HOH O   H2   sing N N 99  
ILE N   CA   sing N N 100 
ILE N   H    sing N N 101 
ILE N   H2   sing N N 102 
ILE CA  C    sing N N 103 
ILE CA  CB   sing N N 104 
ILE CA  HA   sing N N 105 
ILE C   O    doub N N 106 
ILE C   OXT  sing N N 107 
ILE CB  CG1  sing N N 108 
ILE CB  CG2  sing N N 109 
ILE CB  HB   sing N N 110 
ILE CG1 CD1  sing N N 111 
ILE CG1 HG12 sing N N 112 
ILE CG1 HG13 sing N N 113 
ILE CG2 HG21 sing N N 114 
ILE CG2 HG22 sing N N 115 
ILE CG2 HG23 sing N N 116 
ILE CD1 HD11 sing N N 117 
ILE CD1 HD12 sing N N 118 
ILE CD1 HD13 sing N N 119 
ILE OXT HXT  sing N N 120 
LEU N   CA   sing N N 121 
LEU N   H    sing N N 122 
LEU N   H2   sing N N 123 
LEU CA  C    sing N N 124 
LEU CA  CB   sing N N 125 
LEU CA  HA   sing N N 126 
LEU C   O    doub N N 127 
LEU C   OXT  sing N N 128 
LEU CB  CG   sing N N 129 
LEU CB  HB2  sing N N 130 
LEU CB  HB3  sing N N 131 
LEU CG  CD1  sing N N 132 
LEU CG  CD2  sing N N 133 
LEU CG  HG   sing N N 134 
LEU CD1 HD11 sing N N 135 
LEU CD1 HD12 sing N N 136 
LEU CD1 HD13 sing N N 137 
LEU CD2 HD21 sing N N 138 
LEU CD2 HD22 sing N N 139 
LEU CD2 HD23 sing N N 140 
LEU OXT HXT  sing N N 141 
PHE N   CA   sing N N 142 
PHE N   H    sing N N 143 
PHE N   H2   sing N N 144 
PHE CA  C    sing N N 145 
PHE CA  CB   sing N N 146 
PHE CA  HA   sing N N 147 
PHE C   O    doub N N 148 
PHE C   OXT  sing N N 149 
PHE CB  CG   sing N N 150 
PHE CB  HB2  sing N N 151 
PHE CB  HB3  sing N N 152 
PHE CG  CD1  doub Y N 153 
PHE CG  CD2  sing Y N 154 
PHE CD1 CE1  sing Y N 155 
PHE CD1 HD1  sing N N 156 
PHE CD2 CE2  doub Y N 157 
PHE CD2 HD2  sing N N 158 
PHE CE1 CZ   doub Y N 159 
PHE CE1 HE1  sing N N 160 
PHE CE2 CZ   sing Y N 161 
PHE CE2 HE2  sing N N 162 
PHE CZ  HZ   sing N N 163 
PHE OXT HXT  sing N N 164 
PRO N   CA   sing N N 165 
PRO N   CD   sing N N 166 
PRO N   H    sing N N 167 
PRO CA  C    sing N N 168 
PRO CA  CB   sing N N 169 
PRO CA  HA   sing N N 170 
PRO C   O    doub N N 171 
PRO C   OXT  sing N N 172 
PRO CB  CG   sing N N 173 
PRO CB  HB2  sing N N 174 
PRO CB  HB3  sing N N 175 
PRO CG  CD   sing N N 176 
PRO CG  HG2  sing N N 177 
PRO CG  HG3  sing N N 178 
PRO CD  HD2  sing N N 179 
PRO CD  HD3  sing N N 180 
PRO OXT HXT  sing N N 181 
THR N   CA   sing N N 182 
THR N   H    sing N N 183 
THR N   H2   sing N N 184 
THR CA  C    sing N N 185 
THR CA  CB   sing N N 186 
THR CA  HA   sing N N 187 
THR C   O    doub N N 188 
THR C   OXT  sing N N 189 
THR CB  OG1  sing N N 190 
THR CB  CG2  sing N N 191 
THR CB  HB   sing N N 192 
THR OG1 HG1  sing N N 193 
THR CG2 HG21 sing N N 194 
THR CG2 HG22 sing N N 195 
THR CG2 HG23 sing N N 196 
THR OXT HXT  sing N N 197 
TRP N   CA   sing N N 198 
TRP N   H    sing N N 199 
TRP N   H2   sing N N 200 
TRP CA  C    sing N N 201 
TRP CA  CB   sing N N 202 
TRP CA  HA   sing N N 203 
TRP C   O    doub N N 204 
TRP C   OXT  sing N N 205 
TRP CB  CG   sing N N 206 
TRP CB  HB2  sing N N 207 
TRP CB  HB3  sing N N 208 
TRP CG  CD1  doub Y N 209 
TRP CG  CD2  sing Y N 210 
TRP CD1 NE1  sing Y N 211 
TRP CD1 HD1  sing N N 212 
TRP CD2 CE2  doub Y N 213 
TRP CD2 CE3  sing Y N 214 
TRP NE1 CE2  sing Y N 215 
TRP NE1 HE1  sing N N 216 
TRP CE2 CZ2  sing Y N 217 
TRP CE3 CZ3  doub Y N 218 
TRP CE3 HE3  sing N N 219 
TRP CZ2 CH2  doub Y N 220 
TRP CZ2 HZ2  sing N N 221 
TRP CZ3 CH2  sing Y N 222 
TRP CZ3 HZ3  sing N N 223 
TRP CH2 HH2  sing N N 224 
TRP OXT HXT  sing N N 225 
TYR N   CA   sing N N 226 
TYR N   H    sing N N 227 
TYR N   H2   sing N N 228 
TYR CA  C    sing N N 229 
TYR CA  CB   sing N N 230 
TYR CA  HA   sing N N 231 
TYR C   O    doub N N 232 
TYR C   OXT  sing N N 233 
TYR CB  CG   sing N N 234 
TYR CB  HB2  sing N N 235 
TYR CB  HB3  sing N N 236 
TYR CG  CD1  doub Y N 237 
TYR CG  CD2  sing Y N 238 
TYR CD1 CE1  sing Y N 239 
TYR CD1 HD1  sing N N 240 
TYR CD2 CE2  doub Y N 241 
TYR CD2 HD2  sing N N 242 
TYR CE1 CZ   doub Y N 243 
TYR CE1 HE1  sing N N 244 
TYR CE2 CZ   sing Y N 245 
TYR CE2 HE2  sing N N 246 
TYR CZ  OH   sing N N 247 
TYR OH  HH   sing N N 248 
TYR OXT HXT  sing N N 249 
# 
_pdbx_initial_refinement_model.id               1 
_pdbx_initial_refinement_model.entity_id_list   ? 
_pdbx_initial_refinement_model.type             'experimental model' 
_pdbx_initial_refinement_model.source_name      PDB 
_pdbx_initial_refinement_model.accession_code   3GNY 
_pdbx_initial_refinement_model.details          'PDB entry 3GNY' 
# 
_atom_sites.entry_id                    4LB7 
_atom_sites.fract_transf_matrix[1][1]   0.01130168 
_atom_sites.fract_transf_matrix[1][2]   0.00595266 
_atom_sites.fract_transf_matrix[1][3]   -0.00517971 
_atom_sites.fract_transf_matrix[2][1]   0.00748522 
_atom_sites.fract_transf_matrix[2][2]   -0.00655378 
_atom_sites.fract_transf_matrix[2][3]   -0.00954034 
_atom_sites.fract_transf_matrix[3][1]   -0.01075238 
_atom_sites.fract_transf_matrix[3][2]   0.00818252 
_atom_sites.fract_transf_matrix[3][3]   -0.01405719 
_atom_sites.fract_transf_vector[1]      0.333305 
_atom_sites.fract_transf_vector[2]      0.166582 
_atom_sites.fract_transf_vector[3]      0.443530 
# 
loop_
_atom_type.symbol 
C 
N 
O 
S 
# 
loop_
_atom_site.group_PDB 
_atom_site.id 
_atom_site.type_symbol 
_atom_site.label_atom_id 
_atom_site.label_alt_id 
_atom_site.label_comp_id 
_atom_site.label_asym_id 
_atom_site.label_entity_id 
_atom_site.label_seq_id 
_atom_site.pdbx_PDB_ins_code 
_atom_site.Cartn_x 
_atom_site.Cartn_y 
_atom_site.Cartn_z 
_atom_site.occupancy 
_atom_site.B_iso_or_equiv 
_atom_site.pdbx_formal_charge 
_atom_site.auth_seq_id 
_atom_site.auth_comp_id 
_atom_site.auth_asym_id 
_atom_site.auth_atom_id 
_atom_site.pdbx_PDB_model_num 
ATOM   1   N N   . ALA A 1 1  ? 0.758   -3.918  16.345  1.00 100.98 ? 1   ALA D N   1 
ATOM   2   C CA  . ALA A 1 1  ? 1.250   -3.954  14.978  1.00 89.30  ? 1   ALA D CA  1 
ATOM   3   C C   . ALA A 1 1  ? 1.828   -2.608  14.601  1.00 83.16  ? 1   ALA D C   1 
ATOM   4   O O   . ALA A 1 1  ? 2.768   -2.122  15.236  1.00 84.80  ? 1   ALA D O   1 
ATOM   5   C CB  . ALA A 1 1  ? 0.132   -4.332  14.006  1.00 92.36  ? 1   ALA D CB  1 
ATOM   6   N N   . CYS A 1 2  ? 1.264   -1.999  13.565  1.00 77.01  ? 2   CYS D N   1 
ATOM   7   C CA  . CYS A 1 2  ? 1.893   -0.835  12.976  1.00 66.98  ? 2   CYS D CA  1 
ATOM   8   C C   . CYS A 1 2  ? 0.882   0.280   12.743  1.00 65.35  ? 2   CYS D C   1 
ATOM   9   O O   . CYS A 1 2  ? -0.303  0.025   12.546  1.00 61.16  ? 2   CYS D O   1 
ATOM   10  C CB  . CYS A 1 2  ? 2.636   -1.238  11.698  1.00 85.10  ? 2   CYS D CB  1 
ATOM   11  S SG  . CYS A 1 2  ? 3.659   -2.731  11.973  1.00 90.28  ? 2   CYS D SG  1 
ATOM   12  N N   . TYR A 1 3  ? 1.363   1.517   12.807  1.00 60.01  ? 3   TYR D N   1 
ATOM   13  C CA  . TYR A 1 3  ? 0.506   2.700   12.833  1.00 58.41  ? 3   TYR D CA  1 
ATOM   14  C C   . TYR A 1 3  ? 0.940   3.600   11.701  1.00 57.43  ? 3   TYR D C   1 
ATOM   15  O O   . TYR A 1 3  ? 2.139   3.759   11.467  1.00 58.13  ? 3   TYR D O   1 
ATOM   16  C CB  . TYR A 1 3  ? 0.658   3.424   14.173  1.00 65.34  ? 3   TYR D CB  1 
ATOM   17  C CG  . TYR A 1 3  ? -0.341  4.529   14.410  1.00 67.14  ? 3   TYR D CG  1 
ATOM   18  C CD1 . TYR A 1 3  ? -1.581  4.256   14.955  1.00 75.62  ? 3   TYR D CD1 1 
ATOM   19  C CD2 . TYR A 1 3  ? -0.041  5.849   14.096  1.00 70.43  ? 3   TYR D CD2 1 
ATOM   20  C CE1 . TYR A 1 3  ? -2.504  5.260   15.182  1.00 80.90  ? 3   TYR D CE1 1 
ATOM   21  C CE2 . TYR A 1 3  ? -0.967  6.862   14.317  1.00 67.52  ? 3   TYR D CE2 1 
ATOM   22  C CZ  . TYR A 1 3  ? -2.193  6.556   14.861  1.00 74.48  ? 3   TYR D CZ  1 
ATOM   23  O OH  . TYR A 1 3  ? -3.122  7.540   15.103  1.00 76.39  ? 3   TYR D OH  1 
ATOM   24  N N   . CYS A 1 4  ? -0.015  4.199   11.002  1.00 59.35  ? 4   CYS D N   1 
ATOM   25  C CA  . CYS A 1 4  ? 0.328   4.974   9.816   1.00 57.65  ? 4   CYS D CA  1 
ATOM   26  C C   . CYS A 1 4  ? 0.527   6.441   10.168  1.00 65.08  ? 4   CYS D C   1 
ATOM   27  O O   . CYS A 1 4  ? -0.313  7.054   10.852  1.00 58.45  ? 4   CYS D O   1 
ATOM   28  C CB  . CYS A 1 4  ? -0.771  4.801   8.768   1.00 59.15  ? 4   CYS D CB  1 
ATOM   29  S SG  . CYS A 1 4  ? -1.133  3.036   8.418   1.00 62.81  ? 4   CYS D SG  1 
ATOM   30  N N   . ARG A 1 5  ? 1.660   6.983   9.726   1.00 61.53  ? 5   ARG D N   1 
ATOM   31  C CA  . ARG A 1 5  ? 2.039   8.374   10.012  1.00 67.21  ? 5   ARG D CA  1 
ATOM   32  C C   . ARG A 1 5  ? 2.612   9.047   8.782   1.00 68.91  ? 5   ARG D C   1 
ATOM   33  O O   . ARG A 1 5  ? 3.136   8.384   7.889   1.00 63.90  ? 5   ARG D O   1 
ATOM   34  C CB  . ARG A 1 5  ? 3.152   8.438   11.057  1.00 67.32  ? 5   ARG D CB  1 
ATOM   35  C CG  . ARG A 1 5  ? 2.894   7.686   12.319  1.00 63.92  ? 5   ARG D CG  1 
ATOM   36  C CD  . ARG A 1 5  ? 3.820   8.190   13.407  1.00 74.52  ? 5   ARG D CD  1 
ATOM   37  N NE  . ARG A 1 5  ? 3.729   7.331   14.577  1.00 76.10  ? 5   ARG D NE  1 
ATOM   38  C CZ  . ARG A 1 5  ? 2.813   7.477   15.524  1.00 71.26  ? 5   ARG D CZ  1 
ATOM   39  N NH1 . ARG A 1 5  ? 1.911   8.446   15.439  1.00 77.95  ? 5   ARG D NH1 1 
ATOM   40  N NH2 . ARG A 1 5  ? 2.792   6.647   16.552  1.00 76.07  ? 5   ARG D NH2 1 
ATOM   41  N N   . ILE A 1 6  ? 2.533   10.371  8.749   1.00 68.71  ? 6   ILE D N   1 
ATOM   42  C CA  . ILE A 1 6  ? 3.358   11.160  7.848   1.00 65.21  ? 6   ILE D CA  1 
ATOM   43  C C   . ILE A 1 6  ? 4.001   12.257  8.689   1.00 73.66  ? 6   ILE D C   1 
ATOM   44  O O   . ILE A 1 6  ? 3.438   12.652  9.708   1.00 80.67  ? 6   ILE D O   1 
ATOM   45  C CB  . ILE A 1 6  ? 2.545   11.813  6.716   1.00 73.31  ? 6   ILE D CB  1 
ATOM   46  C CG1 . ILE A 1 6  ? 1.389   12.617  7.302   1.00 75.78  ? 6   ILE D CG1 1 
ATOM   47  C CG2 . ILE A 1 6  ? 2.022   10.787  5.747   1.00 67.39  ? 6   ILE D CG2 1 
ATOM   48  C CD1 . ILE A 1 6  ? 0.563   13.304  6.250   1.00 84.63  ? 6   ILE D CD1 1 
ATOM   49  N N   . PRO A 1 7  ? 5.200   12.722  8.301   1.00 77.08  ? 7   PRO D N   1 
ATOM   50  C CA  . PRO A 1 7  ? 5.994   12.280  7.154   1.00 81.98  ? 7   PRO D CA  1 
ATOM   51  C C   . PRO A 1 7  ? 6.824   11.052  7.494   1.00 83.31  ? 7   PRO D C   1 
ATOM   52  O O   . PRO A 1 7  ? 7.279   10.370  6.582   1.00 86.49  ? 7   PRO D O   1 
ATOM   53  C CB  . PRO A 1 7  ? 6.924   13.461  6.918   1.00 83.53  ? 7   PRO D CB  1 
ATOM   54  C CG  . PRO A 1 7  ? 7.182   13.973  8.293   1.00 81.84  ? 7   PRO D CG  1 
ATOM   55  C CD  . PRO A 1 7  ? 5.856   13.834  9.017   1.00 85.10  ? 7   PRO D CD  1 
ATOM   56  N N   . ALA A 1 8  ? 7.036   10.780  8.778   1.00 88.22  ? 8   ALA D N   1 
ATOM   57  C CA  . ALA A 1 8  ? 7.897   9.669   9.166   1.00 83.61  ? 8   ALA D CA  1 
ATOM   58  C C   . ALA A 1 8  ? 7.542   9.110   10.539  1.00 80.54  ? 8   ALA D C   1 
ATOM   59  O O   . ALA A 1 8  ? 6.745   9.687   11.278  1.00 79.69  ? 8   ALA D O   1 
ATOM   60  C CB  . ALA A 1 8  ? 9.362   10.113  9.146   1.00 83.17  ? 8   ALA D CB  1 
ATOM   61  N N   . CYS A 1 9  ? 8.156   7.981   10.873  1.00 75.95  ? 9   CYS D N   1 
ATOM   62  C CA  . CYS A 1 9  ? 7.910   7.314   12.140  1.00 76.64  ? 9   CYS D CA  1 
ATOM   63  C C   . CYS A 1 9  ? 8.483   8.134   13.302  1.00 78.43  ? 9   CYS D C   1 
ATOM   64  O O   . CYS A 1 9  ? 9.338   8.992   13.094  1.00 90.80  ? 9   CYS D O   1 
ATOM   65  C CB  . CYS A 1 9  ? 8.493   5.908   12.084  1.00 62.37  ? 9   CYS D CB  1 
ATOM   66  S SG  . CYS A 1 9  ? 7.702   4.909   10.800  1.00 71.30  ? 9   CYS D SG  1 
ATOM   67  N N   . ILE A 1 10 ? 7.995   7.895   14.516  1.00 76.64  ? 10  ILE D N   1 
ATOM   68  C CA  . ILE A 1 10 ? 8.482   8.635   15.684  1.00 88.78  ? 10  ILE D CA  1 
ATOM   69  C C   . ILE A 1 10 ? 9.488   7.790   16.482  1.00 87.26  ? 10  ILE D C   1 
ATOM   70  O O   . ILE A 1 10 ? 9.634   6.599   16.226  1.00 84.90  ? 10  ILE D O   1 
ATOM   71  C CB  . ILE A 1 10 ? 7.298   9.091   16.578  1.00 93.30  ? 10  ILE D CB  1 
ATOM   72  C CG1 . ILE A 1 10 ? 6.216   9.720   15.711  1.00 88.38  ? 10  ILE D CG1 1 
ATOM   73  C CG2 . ILE A 1 10 ? 7.724   10.115  17.618  1.00 108.69 ? 10  ILE D CG2 1 
ATOM   74  C CD1 . ILE A 1 10 ? 4.973   10.093  16.458  1.00 96.25  ? 10  ILE D CD1 1 
ATOM   75  N N   . ALA A 1 11 ? 10.175  8.403   17.442  1.00 93.92  ? 11  ALA D N   1 
ATOM   76  C CA  . ALA A 1 11 ? 11.094  7.685   18.313  1.00 93.13  ? 11  ALA D CA  1 
ATOM   77  C C   . ALA A 1 11 ? 10.373  6.525   18.980  1.00 93.53  ? 11  ALA D C   1 
ATOM   78  O O   . ALA A 1 11 ? 9.251   6.679   19.456  1.00 87.01  ? 11  ALA D O   1 
ATOM   79  C CB  . ALA A 1 11 ? 11.663  8.618   19.359  1.00 93.02  ? 11  ALA D CB  1 
ATOM   80  N N   . GLY A 1 12 ? 11.022  5.366   19.014  1.00 90.42  ? 12  GLY D N   1 
ATOM   81  C CA  . GLY A 1 12 ? 10.391  4.168   19.525  1.00 89.25  ? 12  GLY D CA  1 
ATOM   82  C C   . GLY A 1 12 ? 9.875   3.290   18.402  1.00 91.20  ? 12  GLY D C   1 
ATOM   83  O O   . GLY A 1 12 ? 9.642   2.096   18.601  1.00 97.35  ? 12  GLY D O   1 
ATOM   84  N N   . GLU A 1 13 ? 9.687   3.877   17.222  1.00 81.82  ? 13  GLU D N   1 
ATOM   85  C CA  . GLU A 1 13 ? 9.185   3.120   16.088  1.00 76.22  ? 13  GLU D CA  1 
ATOM   86  C C   . GLU A 1 13 ? 10.288  2.920   15.066  1.00 75.25  ? 13  GLU D C   1 
ATOM   87  O O   . GLU A 1 13 ? 11.290  3.642   15.059  1.00 77.05  ? 13  GLU D O   1 
ATOM   88  C CB  . GLU A 1 13 ? 8.013   3.844   15.416  1.00 67.13  ? 13  GLU D CB  1 
ATOM   89  C CG  . GLU A 1 13 ? 6.902   4.255   16.390  1.00 67.68  ? 13  GLU D CG  1 
ATOM   90  C CD  . GLU A 1 13 ? 5.770   5.026   15.721  1.00 65.08  ? 13  GLU D CD  1 
ATOM   91  O OE1 . GLU A 1 13 ? 6.053   5.847   14.825  1.00 67.40  ? 13  GLU D OE1 1 
ATOM   92  O OE2 . GLU A 1 13 ? 4.603   4.839   16.127  1.00 67.03  ? 13  GLU D OE2 1 
ATOM   93  N N   . ARG A 1 14 ? 10.062  1.961   14.176  1.00 81.35  ? 14  ARG D N   1 
ATOM   94  C CA  . ARG A 1 14 ? 10.904  1.752   13.003  1.00 85.63  ? 14  ARG D CA  1 
ATOM   95  C C   . ARG A 1 14 ? 9.975   1.640   11.805  1.00 75.70  ? 14  ARG D C   1 
ATOM   96  O O   . ARG A 1 14 ? 8.911   1.030   11.887  1.00 80.21  ? 14  ARG D O   1 
ATOM   97  C CB  . ARG A 1 14 ? 11.758  0.478   13.135  1.00 95.29  ? 14  ARG D CB  1 
ATOM   98  C CG  . ARG A 1 14 ? 13.076  0.636   13.892  1.00 109.65 ? 14  ARG D CG  1 
ATOM   99  C CD  . ARG A 1 14 ? 14.161  1.279   13.023  1.00 118.80 ? 14  ARG D CD  1 
ATOM   100 N NE  . ARG A 1 14 ? 14.543  0.442   11.886  1.00 128.63 ? 14  ARG D NE  1 
ATOM   101 C CZ  . ARG A 1 14 ? 15.609  -0.354  11.860  1.00 134.26 ? 14  ARG D CZ  1 
ATOM   102 N NH1 . ARG A 1 14 ? 16.413  -0.432  12.910  1.00 138.52 ? 14  ARG D NH1 1 
ATOM   103 N NH2 . ARG A 1 14 ? 15.871  -1.077  10.781  1.00 137.50 ? 14  ARG D NH2 1 
ATOM   104 N N   . ARG A 1 15 ? 10.368  2.219   10.685  1.00 82.43  ? 15  ARG D N   1 
ATOM   105 C CA  . ARG A 1 15 ? 9.546   2.123   9.496   1.00 75.83  ? 15  ARG D CA  1 
ATOM   106 C C   . ARG A 1 15 ? 9.703   0.784   8.788   1.00 85.59  ? 15  ARG D C   1 
ATOM   107 O O   . ARG A 1 15 ? 10.819  0.388   8.446   1.00 93.40  ? 15  ARG D O   1 
ATOM   108 C CB  . ARG A 1 15 ? 9.861   3.265   8.541   1.00 77.58  ? 15  ARG D CB  1 
ATOM   109 C CG  . ARG A 1 15 ? 9.147   3.117   7.222   1.00 84.04  ? 15  ARG D CG  1 
ATOM   110 C CD  . ARG A 1 15 ? 9.321   4.316   6.341   1.00 86.88  ? 15  ARG D CD  1 
ATOM   111 N NE  . ARG A 1 15 ? 8.580   4.125   5.105   1.00 93.37  ? 15  ARG D NE  1 
ATOM   112 C CZ  . ARG A 1 15 ? 8.125   5.113   4.353   1.00 96.30  ? 15  ARG D CZ  1 
ATOM   113 N NH1 . ARG A 1 15 ? 8.310   6.369   4.729   1.00 92.64  ? 15  ARG D NH1 1 
ATOM   114 N NH2 . ARG A 1 15 ? 7.457   4.837   3.247   1.00 102.86 ? 15  ARG D NH2 1 
ATOM   115 N N   . ALA A 1 16 ? 8.578   0.118   8.526   1.00 75.72  ? 16  ALA D N   1 
ATOM   116 C CA  . ALA A 1 16 ? 8.591   -1.224  7.948   1.00 86.46  ? 16  ALA D CA  1 
ATOM   117 C C   . ALA A 1 16 ? 7.807   -1.326  6.643   1.00 88.50  ? 16  ALA D C   1 
ATOM   118 O O   . ALA A 1 16 ? 7.785   -2.384  6.011   1.00 87.82  ? 16  ALA D O   1 
ATOM   119 C CB  . ALA A 1 16 ? 8.056   -2.239  8.953   1.00 87.42  ? 16  ALA D CB  1 
ATOM   120 N N   . GLY A 1 17 ? 7.146   -0.244  6.242   1.00 80.32  ? 17  GLY D N   1 
ATOM   121 C CA  . GLY A 1 17 ? 6.366   -0.294  5.021   1.00 74.58  ? 17  GLY D CA  1 
ATOM   122 C C   . GLY A 1 17 ? 5.548   0.941   4.757   1.00 76.46  ? 17  GLY D C   1 
ATOM   123 O O   . GLY A 1 17 ? 5.918   2.041   5.172   1.00 74.03  ? 17  GLY D O   1 
ATOM   124 N N   . THR A 1 18 ? 4.431   0.770   4.050   1.00 72.43  ? 18  THR D N   1 
ATOM   125 C CA  . THR A 1 18 ? 3.607   1.930   3.698   1.00 69.64  ? 18  THR D CA  1 
ATOM   126 C C   . THR A 1 18 ? 2.130   1.649   3.979   1.00 76.37  ? 18  THR D C   1 
ATOM   127 O O   . THR A 1 18 ? 1.710   0.490   4.048   1.00 75.59  ? 18  THR D O   1 
ATOM   128 C CB  . THR A 1 18 ? 3.746   2.291   2.196   1.00 84.96  ? 18  THR D CB  1 
ATOM   129 O OG1 . THR A 1 18 ? 3.555   1.120   1.396   1.00 84.29  ? 18  THR D OG1 1 
ATOM   130 C CG2 . THR A 1 18 ? 5.105   2.874   1.917   1.00 89.82  ? 18  THR D CG2 1 
ATOM   131 N N   . CYS A 1 19 ? 1.341   2.709   4.137   1.00 68.40  ? 19  CYS D N   1 
ATOM   132 C CA  . CYS A 1 19 ? -0.106  2.550   4.118   1.00 64.80  ? 19  CYS D CA  1 
ATOM   133 C C   . CYS A 1 19 ? -0.625  3.397   2.984   1.00 67.26  ? 19  CYS D C   1 
ATOM   134 O O   . CYS A 1 19 ? 0.018   4.362   2.587   1.00 68.33  ? 19  CYS D O   1 
ATOM   135 C CB  . CYS A 1 19 ? -0.758  2.999   5.422   1.00 71.17  ? 19  CYS D CB  1 
ATOM   136 S SG  . CYS A 1 19 ? 0.174   2.693   6.906   1.00 64.86  ? 19  CYS D SG  1 
ATOM   137 N N   . ALA A 1 20 ? -1.818  3.067   2.516   1.00 69.69  ? 20  ALA D N   1 
ATOM   138 C CA  . ALA A 1 20 ? -2.441  3.809   1.449   1.00 74.59  ? 20  ALA D CA  1 
ATOM   139 C C   . ALA A 1 20 ? -3.900  3.971   1.814   1.00 80.49  ? 20  ALA D C   1 
ATOM   140 O O   . ALA A 1 20 ? -4.636  2.990   1.961   1.00 75.23  ? 20  ALA D O   1 
ATOM   141 C CB  . ALA A 1 20 ? -2.287  3.061   0.122   1.00 76.82  ? 20  ALA D CB  1 
ATOM   142 N N   . TYR A 1 21 ? -4.295  5.226   2.008   1.00 77.09  ? 21  TYR D N   1 
ATOM   143 C CA  . TYR A 1 21 ? -5.683  5.564   2.267   1.00 76.13  ? 21  TYR D CA  1 
ATOM   144 C C   . TYR A 1 21 ? -5.820  7.064   2.215   1.00 80.08  ? 21  TYR D C   1 
ATOM   145 O O   . TYR A 1 21 ? -4.831  7.780   2.346   1.00 75.17  ? 21  TYR D O   1 
ATOM   146 C CB  . TYR A 1 21 ? -6.175  5.030   3.608   1.00 73.95  ? 21  TYR D CB  1 
ATOM   147 C CG  . TYR A 1 21 ? -5.463  5.564   4.824   1.00 74.41  ? 21  TYR D CG  1 
ATOM   148 C CD1 . TYR A 1 21 ? -5.882  6.727   5.445   1.00 70.30  ? 21  TYR D CD1 1 
ATOM   149 C CD2 . TYR A 1 21 ? -4.387  4.886   5.369   1.00 70.35  ? 21  TYR D CD2 1 
ATOM   150 C CE1 . TYR A 1 21 ? -5.240  7.205   6.567   1.00 67.66  ? 21  TYR D CE1 1 
ATOM   151 C CE2 . TYR A 1 21 ? -3.739  5.358   6.486   1.00 69.92  ? 21  TYR D CE2 1 
ATOM   152 C CZ  . TYR A 1 21 ? -4.169  6.512   7.081   1.00 74.26  ? 21  TYR D CZ  1 
ATOM   153 O OH  . TYR A 1 21 ? -3.511  6.961   8.202   1.00 74.89  ? 21  TYR D OH  1 
ATOM   154 N N   . GLN A 1 22 ? -7.048  7.521   2.025   1.00 80.38  ? 22  GLN D N   1 
ATOM   155 C CA  . GLN A 1 22 ? -7.334  8.937   1.783   1.00 82.70  ? 22  GLN D CA  1 
ATOM   156 C C   . GLN A 1 22 ? -6.440  9.597   0.734   1.00 84.24  ? 22  GLN D C   1 
ATOM   157 O O   . GLN A 1 22 ? -6.117  10.792  0.818   1.00 84.65  ? 22  GLN D O   1 
ATOM   158 C CB  . GLN A 1 22 ? -7.352  9.718   3.100   1.00 80.23  ? 22  GLN D CB  1 
ATOM   159 C CG  . GLN A 1 22 ? -8.472  9.243   4.020   1.00 85.07  ? 22  GLN D CG  1 
ATOM   160 C CD  . GLN A 1 22 ? -9.823  9.852   3.658   1.00 101.19 ? 22  GLN D CD  1 
ATOM   161 O OE1 . GLN A 1 22 ? -10.040 10.303  2.531   1.00 105.14 ? 22  GLN D OE1 1 
ATOM   162 N NE2 . GLN A 1 22 ? -10.737 9.862   4.618   1.00 105.31 ? 22  GLN D NE2 1 
ATOM   163 N N   . GLY A 1 23 ? -6.041  8.807   -0.255  1.00 85.71  ? 23  GLY D N   1 
ATOM   164 C CA  . GLY A 1 23 ? -5.374  9.345   -1.418  1.00 88.75  ? 23  GLY D CA  1 
ATOM   165 C C   . GLY A 1 23 ? -3.880  9.475   -1.242  1.00 87.45  ? 23  GLY D C   1 
ATOM   166 O O   . GLY A 1 23 ? -3.178  9.874   -2.170  1.00 88.42  ? 23  GLY D O   1 
ATOM   167 N N   . ARG A 1 24 ? -3.375  9.161   -0.058  1.00 80.51  ? 24  ARG D N   1 
ATOM   168 C CA  . ARG A 1 24 ? -1.944  9.344   0.147   1.00 85.19  ? 24  ARG D CA  1 
ATOM   169 C C   . ARG A 1 24 ? -1.173  8.143   0.683   1.00 82.68  ? 24  ARG D C   1 
ATOM   170 O O   . ARG A 1 24 ? -1.758  7.132   1.082   1.00 77.70  ? 24  ARG D O   1 
ATOM   171 C CB  . ARG A 1 24 ? -1.675  10.626  0.941   1.00 88.77  ? 24  ARG D CB  1 
ATOM   172 C CG  . ARG A 1 24 ? -2.331  10.717  2.309   1.00 85.67  ? 24  ARG D CG  1 
ATOM   173 C CD  . ARG A 1 24 ? -2.203  12.163  2.789   1.00 78.42  ? 24  ARG D CD  1 
ATOM   174 N NE  . ARG A 1 24 ? -0.888  12.704  2.477   1.00 74.88  ? 24  ARG D NE  1 
ATOM   175 C CZ  . ARG A 1 24 ? -0.393  13.830  2.969   1.00 81.64  ? 24  ARG D CZ  1 
ATOM   176 N NH1 . ARG A 1 24 ? -1.131  14.602  3.748   1.00 82.27  ? 24  ARG D NH1 1 
ATOM   177 N NH2 . ARG A 1 24 ? 0.822   14.218  2.617   1.00 92.88  ? 24  ARG D NH2 1 
ATOM   178 N N   . ALA A 1 25 ? 0.149   8.263   0.660   1.00 75.75  ? 25  ALA D N   1 
ATOM   179 C CA  . ALA A 1 25 ? 1.018   7.181   1.098   1.00 71.04  ? 25  ALA D CA  1 
ATOM   180 C C   . ALA A 1 25 ? 1.529   7.594   2.455   1.00 75.62  ? 25  ALA D C   1 
ATOM   181 O O   . ALA A 1 25 ? 2.021   8.701   2.620   1.00 70.28  ? 25  ALA D O   1 
ATOM   182 C CB  . ALA A 1 25 ? 2.171   7.002   0.120   1.00 73.79  ? 25  ALA D CB  1 
ATOM   183 N N   . TRP A 1 26 ? 1.377   6.709   3.427   1.00 65.02  ? 26  TRP D N   1 
ATOM   184 C CA  . TRP A 1 26 ? 1.798   6.957   4.801   1.00 62.35  ? 26  TRP D CA  1 
ATOM   185 C C   . TRP A 1 26 ? 2.882   5.944   5.142   1.00 72.38  ? 26  TRP D C   1 
ATOM   186 O O   . TRP A 1 26 ? 2.932   4.867   4.551   1.00 67.51  ? 26  TRP D O   1 
ATOM   187 C CB  . TRP A 1 26 ? 0.626   6.749   5.755   1.00 63.72  ? 26  TRP D CB  1 
ATOM   188 C CG  . TRP A 1 26 ? -0.652  7.417   5.365   1.00 63.21  ? 26  TRP D CG  1 
ATOM   189 C CD1 . TRP A 1 26 ? -1.472  7.090   4.328   1.00 65.76  ? 26  TRP D CD1 1 
ATOM   190 C CD2 . TRP A 1 26 ? -1.288  8.505   6.055   1.00 70.20  ? 26  TRP D CD2 1 
ATOM   191 N NE1 . TRP A 1 26 ? -2.566  7.926   4.310   1.00 69.42  ? 26  TRP D NE1 1 
ATOM   192 C CE2 . TRP A 1 26 ? -2.478  8.800   5.364   1.00 66.15  ? 26  TRP D CE2 1 
ATOM   193 C CE3 . TRP A 1 26 ? -0.961  9.257   7.183   1.00 70.27  ? 26  TRP D CE3 1 
ATOM   194 C CZ2 . TRP A 1 26 ? -3.339  9.824   5.759   1.00 67.68  ? 26  TRP D CZ2 1 
ATOM   195 C CZ3 . TRP A 1 26 ? -1.822  10.277  7.587   1.00 67.74  ? 26  TRP D CZ3 1 
ATOM   196 C CH2 . TRP A 1 26 ? -2.998  10.549  6.875   1.00 67.94  ? 26  TRP D CH2 1 
ATOM   197 N N   . ALA A 1 27 ? 3.753   6.279   6.087   1.00 68.65  ? 27  ALA D N   1 
ATOM   198 C CA  . ALA A 1 27 ? 4.719   5.302   6.566   1.00 71.05  ? 27  ALA D CA  1 
ATOM   199 C C   . ALA A 1 27 ? 4.013   4.344   7.500   1.00 70.03  ? 27  ALA D C   1 
ATOM   200 O O   . ALA A 1 27 ? 3.215   4.767   8.338   1.00 61.65  ? 27  ALA D O   1 
ATOM   201 C CB  . ALA A 1 27 ? 5.843   6.004   7.308   1.00 70.41  ? 27  ALA D CB  1 
ATOM   202 N N   . ALA A 1 28 ? 4.314   3.054   7.378   1.00 65.40  ? 28  ALA D N   1 
ATOM   203 C CA  . ALA A 1 28 ? 3.835   2.105   8.364   1.00 62.01  ? 28  ALA D CA  1 
ATOM   204 C C   . ALA A 1 28 ? 4.914   1.971   9.421   1.00 70.58  ? 28  ALA D C   1 
ATOM   205 O O   . ALA A 1 28 ? 6.050   1.589   9.120   1.00 71.02  ? 28  ALA D O   1 
ATOM   206 C CB  . ALA A 1 28 ? 3.547   0.750   7.730   1.00 66.36  ? 28  ALA D CB  1 
ATOM   207 N N   . CYS A 1 29 ? 4.560   2.299   10.658  1.00 64.64  ? 29  CYS D N   1 
ATOM   208 C CA  . CYS A 1 29 ? 5.537   2.403   11.728  1.00 68.03  ? 29  CYS D CA  1 
ATOM   209 C C   . CYS A 1 29 ? 5.337   1.351   12.797  1.00 69.13  ? 29  CYS D C   1 
ATOM   210 O O   . CYS A 1 29 ? 4.273   1.277   13.411  1.00 62.34  ? 29  CYS D O   1 
ATOM   211 C CB  . CYS A 1 29 ? 5.503   3.813   12.324  1.00 68.18  ? 29  CYS D CB  1 
ATOM   212 S SG  . CYS A 1 29 ? 5.681   5.088   11.046  1.00 66.13  ? 29  CYS D SG  1 
ATOM   213 N N   . CYS A 1 30 ? 6.373   0.549   13.014  1.00 78.39  ? 30  CYS D N   1 
ATOM   214 C CA  . CYS A 1 30 ? 6.270   -0.621  13.866  1.00 60.85  ? 30  CYS D CA  1 
ATOM   215 C C   . CYS A 1 30 ? 7.245   -0.573  15.036  1.00 65.44  ? 30  CYS D C   1 
ATOM   216 O O   . CYS A 1 30 ? 8.057   0.345   15.168  1.00 74.54  ? 30  CYS D O   1 
ATOM   217 C CB  . CYS A 1 30 ? 6.497   -1.881  13.025  1.00 65.96  ? 30  CYS D CB  1 
ATOM   218 S SG  . CYS A 1 30 ? 5.476   -1.948  11.546  1.00 79.39  ? 30  CYS D SG  1 
ATOM   219 O OXT . CYS A 1 30 ? 7.248   -1.470  15.881  1.00 74.56  ? 30  CYS D OXT 1 
ATOM   220 N N   . ALA B 1 1  ? -4.448  8.503   13.772  1.00 96.25  ? 1   ALA E N   1 
ATOM   221 C CA  . ALA B 1 1  ? -4.642  8.089   12.391  1.00 83.16  ? 1   ALA E CA  1 
ATOM   222 C C   . ALA B 1 1  ? -5.151  6.668   12.337  1.00 82.30  ? 1   ALA E C   1 
ATOM   223 O O   . ALA B 1 1  ? -6.198  6.345   12.898  1.00 83.16  ? 1   ALA E O   1 
ATOM   224 C CB  . ALA B 1 1  ? -3.341  8.204   11.598  1.00 85.25  ? 1   ALA E CB  1 
ATOM   225 N N   . CYS B 1 2  ? -4.394  5.805   11.670  1.00 74.02  ? 2   CYS E N   1 
ATOM   226 C CA  . CYS B 1 2  ? -4.922  4.508   11.326  1.00 59.72  ? 2   CYS E CA  1 
ATOM   227 C C   . CYS B 1 2  ? -3.962  3.381   11.646  1.00 61.87  ? 2   CYS E C   1 
ATOM   228 O O   . CYS B 1 2  ? -2.744  3.561   11.660  1.00 62.39  ? 2   CYS E O   1 
ATOM   229 C CB  . CYS B 1 2  ? -5.342  4.501   9.858   1.00 75.31  ? 2   CYS E CB  1 
ATOM   230 S SG  . CYS B 1 2  ? -6.353  5.959   9.470   1.00 83.32  ? 2   CYS E SG  1 
ATOM   231 N N   . TYR B 1 3  ? -4.536  2.218   11.924  1.00 58.58  ? 3   TYR E N   1 
ATOM   232 C CA  . TYR B 1 3  ? -3.784  1.109   12.489  1.00 57.62  ? 3   TYR E CA  1 
ATOM   233 C C   . TYR B 1 3  ? -3.954  -0.100  11.581  1.00 56.36  ? 3   TYR E C   1 
ATOM   234 O O   . TYR B 1 3  ? -5.060  -0.365  11.114  1.00 59.98  ? 3   TYR E O   1 
ATOM   235 C CB  . TYR B 1 3  ? -4.310  0.813   13.900  1.00 61.35  ? 3   TYR E CB  1 
ATOM   236 C CG  . TYR B 1 3  ? -3.475  -0.161  14.679  1.00 68.20  ? 3   TYR E CG  1 
ATOM   237 C CD1 . TYR B 1 3  ? -3.775  -1.514  14.679  1.00 71.17  ? 3   TYR E CD1 1 
ATOM   238 C CD2 . TYR B 1 3  ? -2.380  0.263   15.413  1.00 75.87  ? 3   TYR E CD2 1 
ATOM   239 C CE1 . TYR B 1 3  ? -2.997  -2.419  15.392  1.00 71.95  ? 3   TYR E CE1 1 
ATOM   240 C CE2 . TYR B 1 3  ? -1.600  -0.636  16.127  1.00 79.31  ? 3   TYR E CE2 1 
ATOM   241 C CZ  . TYR B 1 3  ? -1.915  -1.972  16.113  1.00 72.62  ? 3   TYR E CZ  1 
ATOM   242 O OH  . TYR B 1 3  ? -1.139  -2.859  16.823  1.00 74.78  ? 3   TYR E OH  1 
ATOM   243 N N   . CYS B 1 4  ? -2.874  -0.842  11.352  1.00 58.48  ? 4   CYS E N   1 
ATOM   244 C CA  . CYS B 1 4  ? -2.925  -1.952  10.409  1.00 58.66  ? 4   CYS E CA  1 
ATOM   245 C C   . CYS B 1 4  ? -3.260  -3.260  11.113  1.00 60.46  ? 4   CYS E C   1 
ATOM   246 O O   . CYS B 1 4  ? -2.663  -3.600  12.148  1.00 57.93  ? 4   CYS E O   1 
ATOM   247 C CB  . CYS B 1 4  ? -1.583  -2.063  9.689   1.00 60.69  ? 4   CYS E CB  1 
ATOM   248 S SG  . CYS B 1 4  ? -1.045  -0.484  8.946   1.00 64.66  ? 4   CYS E SG  1 
ATOM   249 N N   . ARG B 1 5  ? -4.249  -3.965  10.570  1.00 62.41  ? 5   ARG E N   1 
ATOM   250 C CA  . ARG B 1 5  ? -4.714  -5.233  11.140  1.00 67.00  ? 5   ARG E CA  1 
ATOM   251 C C   . ARG B 1 5  ? -4.989  -6.266  10.070  1.00 67.55  ? 5   ARG E C   1 
ATOM   252 O O   . ARG B 1 5  ? -5.271  -5.931  8.919   1.00 63.12  ? 5   ARG E O   1 
ATOM   253 C CB  . ARG B 1 5  ? -6.053  -5.060  11.862  1.00 73.79  ? 5   ARG E CB  1 
ATOM   254 C CG  . ARG B 1 5  ? -6.119  -3.970  12.877  1.00 71.23  ? 5   ARG E CG  1 
ATOM   255 C CD  . ARG B 1 5  ? -7.284  -4.226  13.821  1.00 74.53  ? 5   ARG E CD  1 
ATOM   256 N NE  . ARG B 1 5  ? -7.481  -3.078  14.688  1.00 75.75  ? 5   ARG E NE  1 
ATOM   257 C CZ  . ARG B 1 5  ? -6.821  -2.896  15.823  1.00 72.65  ? 5   ARG E CZ  1 
ATOM   258 N NH1 . ARG B 1 5  ? -5.929  -3.789  16.221  1.00 72.52  ? 5   ARG E NH1 1 
ATOM   259 N NH2 . ARG B 1 5  ? -7.047  -1.815  16.554  1.00 69.95  ? 5   ARG E NH2 1 
ATOM   260 N N   . ILE B 1 6  ? -4.933  -7.532  10.466  1.00 69.58  ? 6   ILE E N   1 
ATOM   261 C CA  . ILE B 1 6  ? -5.563  -8.593  9.700   1.00 68.62  ? 6   ILE E CA  1 
ATOM   262 C C   . ILE B 1 6  ? -6.379  -9.386  10.706  1.00 77.34  ? 6   ILE E C   1 
ATOM   263 O O   . ILE B 1 6  ? -6.022  -9.429  11.881  1.00 78.82  ? 6   ILE E O   1 
ATOM   264 C CB  . ILE B 1 6  ? -4.552  -9.503  9.002   1.00 74.95  ? 6   ILE E CB  1 
ATOM   265 C CG1 . ILE B 1 6  ? -3.553  -10.051 10.010  1.00 72.26  ? 6   ILE E CG1 1 
ATOM   266 C CG2 . ILE B 1 6  ? -3.830  -8.757  7.909   1.00 72.21  ? 6   ILE E CG2 1 
ATOM   267 C CD1 . ILE B 1 6  ? -2.535  -10.964 9.386   1.00 81.97  ? 6   ILE E CD1 1 
ATOM   268 N N   . PRO B 1 7  ? -7.491  -9.997  10.272  1.00 80.61  ? 7   PRO E N   1 
ATOM   269 C CA  . PRO B 1 7  ? -8.048  -10.041 8.917   1.00 83.83  ? 7   PRO E CA  1 
ATOM   270 C C   . PRO B 1 7  ? -8.873  -8.808  8.590   1.00 87.09  ? 7   PRO E C   1 
ATOM   271 O O   . PRO B 1 7  ? -9.058  -8.502  7.413   1.00 91.39  ? 7   PRO E O   1 
ATOM   272 C CB  . PRO B 1 7  ? -8.987  -11.240 8.993   1.00 92.27  ? 7   PRO E CB  1 
ATOM   273 C CG  . PRO B 1 7  ? -9.511  -11.169 10.402  1.00 97.13  ? 7   PRO E CG  1 
ATOM   274 C CD  . PRO B 1 7  ? -8.333  -10.730 11.237  1.00 87.43  ? 7   PRO E CD  1 
ATOM   275 N N   . ALA B 1 8  ? -9.366  -8.104  9.602   1.00 83.99  ? 8   ALA E N   1 
ATOM   276 C CA  . ALA B 1 8  ? -10.219 -6.951  9.350   1.00 79.00  ? 8   ALA E CA  1 
ATOM   277 C C   . ALA B 1 8  ? -10.199 -5.989  10.521  1.00 70.82  ? 8   ALA E C   1 
ATOM   278 O O   . ALA B 1 8  ? -9.645  -6.291  11.578  1.00 73.63  ? 8   ALA E O   1 
ATOM   279 C CB  . ALA B 1 8  ? -11.656 -7.402  9.055   1.00 80.01  ? 8   ALA E CB  1 
ATOM   280 N N   . CYS B 1 9  ? -10.814 -4.832  10.335  1.00 74.62  ? 9   CYS E N   1 
ATOM   281 C CA  . CYS B 1 9  ? -10.853 -3.827  11.384  1.00 78.56  ? 9   CYS E CA  1 
ATOM   282 C C   . CYS B 1 9  ? -11.731 -4.305  12.542  1.00 79.82  ? 9   CYS E C   1 
ATOM   283 O O   . CYS B 1 9  ? -12.595 -5.160  12.361  1.00 91.54  ? 9   CYS E O   1 
ATOM   284 C CB  . CYS B 1 9  ? -11.355 -2.513  10.804  1.00 72.13  ? 9   CYS E CB  1 
ATOM   285 S SG  . CYS B 1 9  ? -10.254 -1.867  9.537   1.00 74.56  ? 9   CYS E SG  1 
ATOM   286 N N   . ILE B 1 10 ? -11.526 -3.746  13.726  1.00 76.91  ? 10  ILE E N   1 
ATOM   287 C CA  . ILE B 1 10 ? -12.337 -4.141  14.868  1.00 81.40  ? 10  ILE E CA  1 
ATOM   288 C C   . ILE B 1 10 ? -13.460 -3.128  15.086  1.00 83.55  ? 10  ILE E C   1 
ATOM   289 O O   . ILE B 1 10 ? -13.521 -2.103  14.412  1.00 83.33  ? 10  ILE E O   1 
ATOM   290 C CB  . ILE B 1 10 ? -11.509 -4.277  16.163  1.00 89.38  ? 10  ILE E CB  1 
ATOM   291 C CG1 . ILE B 1 10 ? -11.034 -2.904  16.644  1.00 83.55  ? 10  ILE E CG1 1 
ATOM   292 C CG2 . ILE B 1 10 ? -10.326 -5.212  15.964  1.00 88.90  ? 10  ILE E CG2 1 
ATOM   293 C CD1 . ILE B 1 10 ? -10.374 -2.938  18.002  1.00 78.88  ? 10  ILE E CD1 1 
ATOM   294 N N   . ALA B 1 11 ? -14.359 -3.431  16.016  1.00 90.45  ? 11  ALA E N   1 
ATOM   295 C CA  . ALA B 1 11 ? -15.432 -2.513  16.384  1.00 91.07  ? 11  ALA E CA  1 
ATOM   296 C C   . ALA B 1 11 ? -14.889 -1.144  16.803  1.00 89.98  ? 11  ALA E C   1 
ATOM   297 O O   . ALA B 1 11 ? -13.914 -1.051  17.550  1.00 87.16  ? 11  ALA E O   1 
ATOM   298 C CB  . ALA B 1 11 ? -16.247 -3.107  17.506  1.00 94.79  ? 11  ALA E CB  1 
ATOM   299 N N   . GLY B 1 12 ? -15.523 -0.084  16.311  1.00 88.62  ? 12  GLY E N   1 
ATOM   300 C CA  . GLY B 1 12 ? -15.052 1.260   16.579  1.00 85.58  ? 12  GLY E CA  1 
ATOM   301 C C   . GLY B 1 12 ? -14.218 1.822   15.443  1.00 95.22  ? 12  GLY E C   1 
ATOM   302 O O   . GLY B 1 12 ? -14.045 3.038   15.336  1.00 102.86 ? 12  GLY E O   1 
ATOM   303 N N   . GLU B 1 13 ? -13.689 0.939   14.598  1.00 89.20  ? 13  GLU E N   1 
ATOM   304 C CA  . GLU B 1 13 ? -12.862 1.357   13.474  1.00 79.45  ? 13  GLU E CA  1 
ATOM   305 C C   . GLU B 1 13 ? -13.624 1.179   12.170  1.00 79.78  ? 13  GLU E C   1 
ATOM   306 O O   . GLU B 1 13 ? -14.610 0.446   12.118  1.00 82.02  ? 13  GLU E O   1 
ATOM   307 C CB  . GLU B 1 13 ? -11.580 0.526   13.397  1.00 69.08  ? 13  GLU E CB  1 
ATOM   308 C CG  . GLU B 1 13 ? -10.764 0.492   14.677  1.00 70.73  ? 13  GLU E CG  1 
ATOM   309 C CD  . GLU B 1 13 ? -9.575  -0.427  14.572  1.00 66.28  ? 13  GLU E CD  1 
ATOM   310 O OE1 . GLU B 1 13 ? -9.727  -1.513  13.975  1.00 67.61  ? 13  GLU E OE1 1 
ATOM   311 O OE2 . GLU B 1 13 ? -8.497  -0.074  15.094  1.00 65.93  ? 13  GLU E OE2 1 
ATOM   312 N N   . ARG B 1 14 ? -13.131 1.819   11.113  1.00 82.77  ? 14  ARG E N   1 
ATOM   313 C CA  . ARG B 1 14 ? -13.626 1.589   9.759   1.00 83.91  ? 14  ARG E CA  1 
ATOM   314 C C   . ARG B 1 14 ? -12.416 1.383   8.850   1.00 77.97  ? 14  ARG E C   1 
ATOM   315 O O   . ARG B 1 14 ? -11.368 2.002   9.051   1.00 80.91  ? 14  ARG E O   1 
ATOM   316 C CB  . ARG B 1 14 ? -14.483 2.764   9.259   1.00 100.62 ? 14  ARG E CB  1 
ATOM   317 C CG  . ARG B 1 14 ? -13.675 3.943   8.707   1.00 109.18 ? 14  ARG E CG  1 
ATOM   318 C CD  . ARG B 1 14 ? -14.379 5.286   8.861   1.00 114.69 ? 14  ARG E CD  1 
ATOM   319 N NE  . ARG B 1 14 ? -13.428 6.391   8.968   1.00 112.14 ? 14  ARG E NE  1 
ATOM   320 C CZ  . ARG B 1 14 ? -13.052 6.944   10.120  1.00 117.27 ? 14  ARG E CZ  1 
ATOM   321 N NH1 . ARG B 1 14 ? -13.555 6.504   11.267  1.00 119.26 ? 14  ARG E NH1 1 
ATOM   322 N NH2 . ARG B 1 14 ? -12.177 7.941   10.130  1.00 117.97 ? 14  ARG E NH2 1 
ATOM   323 N N   . ARG B 1 15 ? -12.538 0.497   7.871   1.00 83.09  ? 15  ARG E N   1 
ATOM   324 C CA  . ARG B 1 15 ? -11.444 0.271   6.938   1.00 83.58  ? 15  ARG E CA  1 
ATOM   325 C C   . ARG B 1 15 ? -11.382 1.380   5.888   1.00 93.32  ? 15  ARG E C   1 
ATOM   326 O O   . ARG B 1 15 ? -12.374 1.657   5.211   1.00 96.97  ? 15  ARG E O   1 
ATOM   327 C CB  . ARG B 1 15 ? -11.586 -1.095  6.270   1.00 81.16  ? 15  ARG E CB  1 
ATOM   328 C CG  . ARG B 1 15 ? -10.540 -1.379  5.199   1.00 84.52  ? 15  ARG E CG  1 
ATOM   329 C CD  . ARG B 1 15 ? -10.675 -2.789  4.671   1.00 89.81  ? 15  ARG E CD  1 
ATOM   330 N NE  . ARG B 1 15 ? -9.652  -3.129  3.688   1.00 94.31  ? 15  ARG E NE  1 
ATOM   331 C CZ  . ARG B 1 15 ? -9.281  -4.373  3.416   1.00 112.37 ? 15  ARG E CZ  1 
ATOM   332 N NH1 . ARG B 1 15 ? -9.841  -5.391  4.057   1.00 116.73 ? 15  ARG E NH1 1 
ATOM   333 N NH2 . ARG B 1 15 ? -8.345  -4.599  2.511   1.00 124.27 ? 15  ARG E NH2 1 
ATOM   334 N N   . ALA B 1 16 ? -10.209 1.989   5.725   1.00 85.66  ? 16  ALA E N   1 
ATOM   335 C CA  . ALA B 1 16 ? -10.085 3.133   4.826   1.00 86.15  ? 16  ALA E CA  1 
ATOM   336 C C   . ALA B 1 16 ? -9.054  2.880   3.742   1.00 88.05  ? 16  ALA E C   1 
ATOM   337 O O   . ALA B 1 16 ? -8.924  3.656   2.796   1.00 91.41  ? 16  ALA E O   1 
ATOM   338 C CB  . ALA B 1 16 ? -9.720  4.381   5.604   1.00 89.69  ? 16  ALA E CB  1 
ATOM   339 N N   . GLY B 1 17 ? -8.340  1.773   3.865   1.00 76.21  ? 17  GLY E N   1 
ATOM   340 C CA  . GLY B 1 17 ? -7.314  1.461   2.897   1.00 81.22  ? 17  GLY E CA  1 
ATOM   341 C C   . GLY B 1 17 ? -6.520  0.244   3.276   1.00 73.90  ? 17  GLY E C   1 
ATOM   342 O O   . GLY B 1 17 ? -7.022  -0.657  3.965   1.00 76.53  ? 17  GLY E O   1 
ATOM   343 N N   . THR B 1 18 ? -5.267  0.209   2.836   1.00 76.40  ? 18  THR E N   1 
ATOM   344 C CA  . THR B 1 18 ? -4.442  -0.970  3.081   1.00 68.70  ? 18  THR E CA  1 
ATOM   345 C C   . THR B 1 18 ? -3.085  -0.555  3.631   1.00 78.44  ? 18  THR E C   1 
ATOM   346 O O   . THR B 1 18 ? -2.683  0.601   3.522   1.00 79.98  ? 18  THR E O   1 
ATOM   347 C CB  . THR B 1 18 ? -4.203  -1.801  1.788   1.00 91.33  ? 18  THR E CB  1 
ATOM   348 O OG1 . THR B 1 18 ? -3.740  -0.956  0.731   1.00 92.66  ? 18  THR E OG1 1 
ATOM   349 C CG2 . THR B 1 18 ? -5.471  -2.503  1.358   1.00 91.56  ? 18  THR E CG2 1 
ATOM   350 N N   . CYS B 1 19 ? -2.392  -1.491  4.262   1.00 66.33  ? 19  CYS E N   1 
ATOM   351 C CA  . CYS B 1 19 ? -0.987  -1.270  4.557   1.00 71.44  ? 19  CYS E CA  1 
ATOM   352 C C   . CYS B 1 19 ? -0.206  -2.367  3.874   1.00 68.84  ? 19  CYS E C   1 
ATOM   353 O O   . CYS B 1 19 ? -0.750  -3.418  3.583   1.00 69.60  ? 19  CYS E O   1 
ATOM   354 C CB  . CYS B 1 19 ? -0.696  -1.296  6.056   1.00 72.79  ? 19  CYS E CB  1 
ATOM   355 S SG  . CYS B 1 19 ? -1.962  -0.637  7.138   1.00 66.85  ? 19  CYS E SG  1 
ATOM   356 N N   . ALA B 1 20 ? 1.076   -2.131  3.658   1.00 75.22  ? 20  ALA E N   1 
ATOM   357 C CA  . ALA B 1 20 ? 1.911   -3.141  3.063   1.00 79.07  ? 20  ALA E CA  1 
ATOM   358 C C   . ALA B 1 20 ? 3.220   -3.141  3.821   1.00 86.42  ? 20  ALA E C   1 
ATOM   359 O O   . ALA B 1 20 ? 3.946   -2.147  3.833   1.00 74.33  ? 20  ALA E O   1 
ATOM   360 C CB  . ALA B 1 20 ? 2.131   -2.844  1.569   1.00 78.89  ? 20  ALA E CB  1 
ATOM   361 N N   . TYR B 1 21 ? 3.493   -4.260  4.487   1.00 72.98  ? 21  TYR E N   1 
ATOM   362 C CA  . TYR B 1 21 ? 4.760   -4.458  5.169   1.00 73.88  ? 21  TYR E CA  1 
ATOM   363 C C   . TYR B 1 21 ? 4.896   -5.912  5.581   1.00 78.54  ? 21  TYR E C   1 
ATOM   364 O O   . TYR B 1 21 ? 3.904   -6.631  5.662   1.00 73.40  ? 21  TYR E O   1 
ATOM   365 C CB  . TYR B 1 21 ? 4.903   -3.545  6.376   1.00 71.33  ? 21  TYR E CB  1 
ATOM   366 C CG  . TYR B 1 21 ? 3.869   -3.733  7.465   1.00 72.02  ? 21  TYR E CG  1 
ATOM   367 C CD1 . TYR B 1 21 ? 4.051   -4.672  8.461   1.00 69.57  ? 21  TYR E CD1 1 
ATOM   368 C CD2 . TYR B 1 21 ? 2.735   -2.939  7.519   1.00 73.76  ? 21  TYR E CD2 1 
ATOM   369 C CE1 . TYR B 1 21 ? 3.120   -4.831  9.474   1.00 68.63  ? 21  TYR E CE1 1 
ATOM   370 C CE2 . TYR B 1 21 ? 1.797   -3.094  8.533   1.00 72.24  ? 21  TYR E CE2 1 
ATOM   371 C CZ  . TYR B 1 21 ? 1.998   -4.041  9.497   1.00 69.68  ? 21  TYR E CZ  1 
ATOM   372 O OH  . TYR B 1 21 ? 1.068   -4.179  10.505  1.00 68.74  ? 21  TYR E OH  1 
ATOM   373 N N   . GLN B 1 22 ? 6.132   -6.336  5.818   1.00 79.48  ? 22  GLN E N   1 
ATOM   374 C CA  . GLN B 1 22 ? 6.441   -7.743  6.053   1.00 78.96  ? 22  GLN E CA  1 
ATOM   375 C C   . GLN B 1 22 ? 5.802   -8.690  5.042   1.00 80.94  ? 22  GLN E C   1 
ATOM   376 O O   . GLN B 1 22 ? 5.419   -9.817  5.377   1.00 90.71  ? 22  GLN E O   1 
ATOM   377 C CB  . GLN B 1 22 ? 6.119   -8.147  7.495   1.00 80.25  ? 22  GLN E CB  1 
ATOM   378 C CG  . GLN B 1 22 ? 6.988   -7.427  8.517   1.00 83.05  ? 22  GLN E CG  1 
ATOM   379 C CD  . GLN B 1 22 ? 8.353   -8.090  8.675   1.00 98.79  ? 22  GLN E CD  1 
ATOM   380 O OE1 . GLN B 1 22 ? 8.827   -8.799  7.780   1.00 100.51 ? 22  GLN E OE1 1 
ATOM   381 N NE2 . GLN B 1 22 ? 8.981   -7.876  9.825   1.00 105.49 ? 22  GLN E NE2 1 
ATOM   382 N N   . GLY B 1 23 ? 5.660   -8.213  3.811   1.00 82.65  ? 23  GLY E N   1 
ATOM   383 C CA  . GLY B 1 23 ? 5.262   -9.069  2.714   1.00 86.02  ? 23  GLY E CA  1 
ATOM   384 C C   . GLY B 1 23 ? 3.769   -9.235  2.526   1.00 86.05  ? 23  GLY E C   1 
ATOM   385 O O   . GLY B 1 23 ? 3.341   -9.897  1.578   1.00 89.93  ? 23  GLY E O   1 
ATOM   386 N N   . ARG B 1 24 ? 2.962   -8.663  3.411   1.00 81.17  ? 24  ARG E N   1 
ATOM   387 C CA  . ARG B 1 24 ? 1.523   -8.880  3.289   1.00 79.86  ? 24  ARG E CA  1 
ATOM   388 C C   . ARG B 1 24 ? 0.671   -7.617  3.259   1.00 76.60  ? 24  ARG E C   1 
ATOM   389 O O   . ARG B 1 24 ? 1.159   -6.519  3.517   1.00 74.81  ? 24  ARG E O   1 
ATOM   390 C CB  . ARG B 1 24 ? 1.043   -9.900  4.320   1.00 87.71  ? 24  ARG E CB  1 
ATOM   391 C CG  . ARG B 1 24 ? 1.312   -9.546  5.770   1.00 88.61  ? 24  ARG E CG  1 
ATOM   392 C CD  . ARG B 1 24 ? 0.958   -10.765 6.617   1.00 79.67  ? 24  ARG E CD  1 
ATOM   393 N NE  . ARG B 1 24 ? -0.220  -11.438 6.084   1.00 75.92  ? 24  ARG E NE  1 
ATOM   394 C CZ  . ARG B 1 24 ? -0.888  -12.403 6.697   1.00 78.20  ? 24  ARG E CZ  1 
ATOM   395 N NH1 . ARG B 1 24 ? -0.453  -12.894 7.848   1.00 80.65  ? 24  ARG E NH1 1 
ATOM   396 N NH2 . ARG B 1 24 ? -1.952  -12.932 6.113   1.00 89.76  ? 24  ARG E NH2 1 
ATOM   397 N N   . ALA B 1 25 ? -0.605  -7.790  2.932   1.00 75.68  ? 25  ALA E N   1 
ATOM   398 C CA  . ALA B 1 25 ? -1.511  -6.656  2.785   1.00 73.98  ? 25  ALA E CA  1 
ATOM   399 C C   . ALA B 1 25 ? -2.364  -6.656  4.030   1.00 73.69  ? 25  ALA E C   1 
ATOM   400 O O   . ALA B 1 25 ? -2.886  -7.703  4.413   1.00 72.30  ? 25  ALA E O   1 
ATOM   401 C CB  . ALA B 1 25 ? -2.368  -6.833  1.536   1.00 77.29  ? 25  ALA E CB  1 
ATOM   402 N N   . TRP B 1 26 ? -2.443  -5.508  4.688   1.00 69.68  ? 26  TRP E N   1 
ATOM   403 C CA  . TRP B 1 26 ? -3.207  -5.337  5.919   1.00 66.35  ? 26  TRP E CA  1 
ATOM   404 C C   . TRP B 1 26 ? -4.319  -4.312  5.696   1.00 72.33  ? 26  TRP E C   1 
ATOM   405 O O   . TRP B 1 26 ? -4.212  -3.460  4.817   1.00 72.07  ? 26  TRP E O   1 
ATOM   406 C CB  . TRP B 1 26 ? -2.292  -4.829  7.035   1.00 62.94  ? 26  TRP E CB  1 
ATOM   407 C CG  . TRP B 1 26 ? -0.994  -5.574  7.239   1.00 63.99  ? 26  TRP E CG  1 
ATOM   408 C CD1 . TRP B 1 26 ? 0.096   -5.581  6.419   1.00 67.62  ? 26  TRP E CD1 1 
ATOM   409 C CD2 . TRP B 1 26 ? -0.650  -6.384  8.373   1.00 73.00  ? 26  TRP E CD2 1 
ATOM   410 N NE1 . TRP B 1 26 ? 1.089   -6.366  6.963   1.00 74.05  ? 26  TRP E NE1 1 
ATOM   411 C CE2 . TRP B 1 26 ? 0.657   -6.865  8.166   1.00 65.55  ? 26  TRP E CE2 1 
ATOM   412 C CE3 . TRP B 1 26 ? -1.323  -6.752  9.540   1.00 68.39  ? 26  TRP E CE3 1 
ATOM   413 C CZ2 . TRP B 1 26 ? 1.299   -7.712  9.079   1.00 67.79  ? 26  TRP E CZ2 1 
ATOM   414 C CZ3 . TRP B 1 26 ? -0.685  -7.583  10.455  1.00 65.64  ? 26  TRP E CZ3 1 
ATOM   415 C CH2 . TRP B 1 26 ? 0.615   -8.051  10.222  1.00 68.65  ? 26  TRP E CH2 1 
ATOM   416 N N   . ALA B 1 27 ? -5.390  -4.391  6.475   1.00 68.41  ? 27  ALA E N   1 
ATOM   417 C CA  . ALA B 1 27 ? -6.398  -3.343  6.424   1.00 68.34  ? 27  ALA E CA  1 
ATOM   418 C C   . ALA B 1 27 ? -5.861  -2.159  7.185   1.00 70.83  ? 27  ALA E C   1 
ATOM   419 O O   . ALA B 1 27 ? -5.262  -2.327  8.254   1.00 64.02  ? 27  ALA E O   1 
ATOM   420 C CB  . ALA B 1 27 ? -7.691  -3.814  7.058   1.00 72.85  ? 27  ALA E CB  1 
ATOM   421 N N   . ALA B 1 28 ? -6.074  -0.963  6.648   1.00 68.61  ? 28  ALA E N   1 
ATOM   422 C CA  . ALA B 1 28 ? -5.788  0.235   7.397   1.00 66.92  ? 28  ALA E CA  1 
ATOM   423 C C   . ALA B 1 28 ? -7.079  0.627   8.090   1.00 74.29  ? 28  ALA E C   1 
ATOM   424 O O   . ALA B 1 28 ? -8.096  0.897   7.442   1.00 74.13  ? 28  ALA E O   1 
ATOM   425 C CB  . ALA B 1 28 ? -5.310  1.361   6.481   1.00 66.18  ? 28  ALA E CB  1 
ATOM   426 N N   . CYS B 1 29 ? -7.047  0.655   9.413   1.00 67.80  ? 29  CYS E N   1 
ATOM   427 C CA  . CYS B 1 29 ? -8.265  0.852   10.175  1.00 67.73  ? 29  CYS E CA  1 
ATOM   428 C C   . CYS B 1 29 ? -8.283  2.177   10.912  1.00 62.31  ? 29  CYS E C   1 
ATOM   429 O O   . CYS B 1 29 ? -7.456  2.437   11.795  1.00 65.36  ? 29  CYS E O   1 
ATOM   430 C CB  . CYS B 1 29 ? -8.468  -0.310  11.142  1.00 72.28  ? 29  CYS E CB  1 
ATOM   431 S SG  . CYS B 1 29 ? -8.379  -1.911  10.327  1.00 66.35  ? 29  CYS E SG  1 
ATOM   432 N N   . CYS B 1 30 ? -9.285  2.979   10.583  1.00 77.68  ? 30  CYS E N   1 
ATOM   433 C CA  . CYS B 1 30 ? -9.339  4.354   11.024  1.00 57.35  ? 30  CYS E CA  1 
ATOM   434 C C   . CYS B 1 30 ? -10.571 4.631   11.888  1.00 64.65  ? 30  CYS E C   1 
ATOM   435 O O   . CYS B 1 30 ? -11.385 3.742   12.137  1.00 73.02  ? 30  CYS E O   1 
ATOM   436 C CB  . CYS B 1 30 ? -9.304  5.278   9.804   1.00 61.33  ? 30  CYS E CB  1 
ATOM   437 S SG  . CYS B 1 30 ? -7.930  4.946   8.689   1.00 79.17  ? 30  CYS E SG  1 
ATOM   438 O OXT . CYS B 1 30 ? -10.770 5.748   12.373  1.00 71.90  ? 30  CYS E OXT 1 
ATOM   439 N N   . ALA C 1 1  ? 3.132   4.534   -15.731 1.00 92.94  ? 1   ALA A N   1 
ATOM   440 C CA  . ALA C 1 1  ? 3.442   4.551   -14.312 1.00 82.66  ? 1   ALA A CA  1 
ATOM   441 C C   . ALA C 1 1  ? 4.235   3.327   -13.909 1.00 82.53  ? 1   ALA A C   1 
ATOM   442 O O   . ALA C 1 1  ? 5.347   3.092   -14.388 1.00 84.67  ? 1   ALA A O   1 
ATOM   443 C CB  . ALA C 1 1  ? 2.155   4.632   -13.474 1.00 82.03  ? 1   ALA A CB  1 
ATOM   444 N N   . CYS C 1 2  ? 3.656   2.548   -13.004 1.00 78.94  ? 2   CYS A N   1 
ATOM   445 C CA  . CYS C 1 2  ? 4.414   1.523   -12.320 1.00 64.78  ? 2   CYS A CA  1 
ATOM   446 C C   . CYS C 1 2  ? 3.662   0.204   -12.281 1.00 63.14  ? 2   CYS A C   1 
ATOM   447 O O   . CYS C 1 2  ? 2.436   0.171   -12.346 1.00 60.08  ? 2   CYS A O   1 
ATOM   448 C CB  . CYS C 1 2  ? 4.795   2.021   -10.930 1.00 79.27  ? 2   CYS A CB  1 
ATOM   449 S SG  . CYS C 1 2  ? 5.437   3.712   -11.037 1.00 84.63  ? 2   CYS A SG  1 
ATOM   450 N N   . TYR C 1 3  ? 4.420   -0.882  -12.213 1.00 58.20  ? 3   TYR A N   1 
ATOM   451 C CA  . TYR C 1 3  ? 3.874   -2.224  -12.393 1.00 57.88  ? 3   TYR A CA  1 
ATOM   452 C C   . TYR C 1 3  ? 4.228   -3.020  -11.144 1.00 55.56  ? 3   TYR A C   1 
ATOM   453 O O   . TYR C 1 3  ? 5.310   -2.847  -10.593 1.00 58.37  ? 3   TYR A O   1 
ATOM   454 C CB  . TYR C 1 3  ? 4.470   -2.857  -13.655 1.00 65.47  ? 3   TYR A CB  1 
ATOM   455 C CG  . TYR C 1 3  ? 3.838   -4.165  -14.069 1.00 65.06  ? 3   TYR A CG  1 
ATOM   456 C CD1 . TYR C 1 3  ? 2.693   -4.191  -14.841 1.00 70.82  ? 3   TYR A CD1 1 
ATOM   457 C CD2 . TYR C 1 3  ? 4.408   -5.379  -13.707 1.00 71.50  ? 3   TYR A CD2 1 
ATOM   458 C CE1 . TYR C 1 3  ? 2.114   -5.392  -15.224 1.00 73.27  ? 3   TYR A CE1 1 
ATOM   459 C CE2 . TYR C 1 3  ? 3.834   -6.587  -14.091 1.00 72.77  ? 3   TYR A CE2 1 
ATOM   460 C CZ  . TYR C 1 3  ? 2.690   -6.583  -14.845 1.00 73.65  ? 3   TYR A CZ  1 
ATOM   461 O OH  . TYR C 1 3  ? 2.118   -7.771  -15.233 1.00 81.22  ? 3   TYR A OH  1 
ATOM   462 N N   . CYS C 1 4  ? 3.308   -3.848  -10.663 1.00 60.19  ? 4   CYS A N   1 
ATOM   463 C CA  . CYS C 1 4  ? 3.542   -4.559  -9.403  1.00 58.73  ? 4   CYS A CA  1 
ATOM   464 C C   . CYS C 1 4  ? 4.121   -5.938  -9.654  1.00 62.47  ? 4   CYS A C   1 
ATOM   465 O O   . CYS C 1 4  ? 3.615   -6.692  -10.508 1.00 59.97  ? 4   CYS A O   1 
ATOM   466 C CB  . CYS C 1 4  ? 2.239   -4.677  -8.624  1.00 62.95  ? 4   CYS A CB  1 
ATOM   467 S SG  . CYS C 1 4  ? 1.417   -3.084  -8.362  1.00 65.17  ? 4   CYS A SG  1 
ATOM   468 N N   . ARG C 1 5  ? 5.207   -6.243  -8.942  1.00 63.25  ? 5   ARG A N   1 
ATOM   469 C CA  . ARG C 1 5  ? 5.917   -7.522  -9.095  1.00 64.13  ? 5   ARG A CA  1 
ATOM   470 C C   . ARG C 1 5  ? 6.361   -8.088  -7.750  1.00 66.34  ? 5   ARG A C   1 
ATOM   471 O O   . ARG C 1 5  ? 6.601   -7.345  -6.797  1.00 63.72  ? 5   ARG A O   1 
ATOM   472 C CB  . ARG C 1 5  ? 7.203   -7.322  -9.900  1.00 70.12  ? 5   ARG A CB  1 
ATOM   473 C CG  . ARG C 1 5  ? 7.050   -6.596  -11.211 1.00 68.75  ? 5   ARG A CG  1 
ATOM   474 C CD  . ARG C 1 5  ? 8.266   -6.851  -12.090 1.00 77.27  ? 5   ARG A CD  1 
ATOM   475 N NE  . ARG C 1 5  ? 8.243   -5.994  -13.266 1.00 75.63  ? 5   ARG A NE  1 
ATOM   476 C CZ  . ARG C 1 5  ? 7.619   -6.306  -14.392 1.00 69.44  ? 5   ARG A CZ  1 
ATOM   477 N NH1 . ARG C 1 5  ? 6.984   -7.465  -14.501 1.00 78.21  ? 5   ARG A NH1 1 
ATOM   478 N NH2 . ARG C 1 5  ? 7.636   -5.461  -15.409 1.00 70.85  ? 5   ARG A NH2 1 
ATOM   479 N N   . ILE C 1 6  ? 6.527   -9.402  -7.694  1.00 72.46  ? 6   ILE A N   1 
ATOM   480 C CA  . ILE C 1 6  ? 7.286   -10.036 -6.626  1.00 74.31  ? 6   ILE A CA  1 
ATOM   481 C C   . ILE C 1 6  ? 8.297   -10.957 -7.299  1.00 78.73  ? 6   ILE A C   1 
ATOM   482 O O   . ILE C 1 6  ? 8.028   -11.469 -8.382  1.00 76.62  ? 6   ILE A O   1 
ATOM   483 C CB  . ILE C 1 6  ? 6.390   -10.859 -5.685  1.00 79.57  ? 6   ILE A CB  1 
ATOM   484 C CG1 . ILE C 1 6  ? 5.567   -11.854 -6.501  1.00 77.06  ? 6   ILE A CG1 1 
ATOM   485 C CG2 . ILE C 1 6  ? 5.483   -9.961  -4.874  1.00 73.79  ? 6   ILE A CG2 1 
ATOM   486 C CD1 . ILE C 1 6  ? 4.660   -12.716 -5.663  1.00 85.69  ? 6   ILE A CD1 1 
ATOM   487 N N   . PRO C 1 7  ? 9.471   -11.155 -6.679  1.00 78.58  ? 7   PRO A N   1 
ATOM   488 C CA  . PRO C 1 7  ? 9.884   -10.561 -5.410  1.00 87.02  ? 7   PRO A CA  1 
ATOM   489 C C   . PRO C 1 7  ? 10.463  -9.165  -5.598  1.00 85.22  ? 7   PRO A C   1 
ATOM   490 O O   . PRO C 1 7  ? 10.484  -8.416  -4.627  1.00 87.93  ? 7   PRO A O   1 
ATOM   491 C CB  . PRO C 1 7  ? 10.991  -11.505 -4.950  1.00 89.01  ? 7   PRO A CB  1 
ATOM   492 C CG  . PRO C 1 7  ? 11.644  -11.904 -6.223  1.00 88.89  ? 7   PRO A CG  1 
ATOM   493 C CD  . PRO C 1 7  ? 10.509  -12.055 -7.218  1.00 86.11  ? 7   PRO A CD  1 
ATOM   494 N N   . ALA C 1 8  ? 10.917  -8.812  -6.800  1.00 83.93  ? 8   ALA A N   1 
ATOM   495 C CA  . ALA C 1 8  ? 11.558  -7.507  -6.997  1.00 80.61  ? 8   ALA A CA  1 
ATOM   496 C C   . ALA C 1 8  ? 11.448  -7.000  -8.436  1.00 76.76  ? 8   ALA A C   1 
ATOM   497 O O   . ALA C 1 8  ? 11.014  -7.720  -9.328  1.00 73.90  ? 8   ALA A O   1 
ATOM   498 C CB  . ALA C 1 8  ? 13.026  -7.576  -6.583  1.00 83.03  ? 8   ALA A CB  1 
ATOM   499 N N   . CYS C 1 9  ? 11.847  -5.750  -8.651  1.00 75.87  ? 9   CYS A N   1 
ATOM   500 C CA  . CYS C 1 9  ? 11.763  -5.143  -9.975  1.00 79.51  ? 9   CYS A CA  1 
ATOM   501 C C   . CYS C 1 9  ? 12.773  -5.779  -10.940 1.00 78.16  ? 9   CYS A C   1 
ATOM   502 O O   . CYS C 1 9  ? 13.754  -6.381  -10.507 1.00 89.91  ? 9   CYS A O   1 
ATOM   503 C CB  . CYS C 1 9  ? 11.974  -3.637  -9.851  1.00 72.42  ? 9   CYS A CB  1 
ATOM   504 S SG  . CYS C 1 9  ? 10.704  -2.855  -8.830  1.00 72.11  ? 9   CYS A SG  1 
ATOM   505 N N   . ILE C 1 10 ? 12.528  -5.664  -12.243 1.00 80.31  ? 10  ILE A N   1 
ATOM   506 C CA  . ILE C 1 10 ? 13.466  -6.207  -13.226 1.00 86.18  ? 10  ILE A CA  1 
ATOM   507 C C   . ILE C 1 10 ? 14.317  -5.096  -13.843 1.00 86.10  ? 10  ILE A C   1 
ATOM   508 O O   . ILE C 1 10 ? 14.067  -3.916  -13.610 1.00 86.76  ? 10  ILE A O   1 
ATOM   509 C CB  . ILE C 1 10 ? 12.750  -6.996  -14.333 1.00 89.35  ? 10  ILE A CB  1 
ATOM   510 C CG1 . ILE C 1 10 ? 11.437  -7.556  -13.806 1.00 83.23  ? 10  ILE A CG1 1 
ATOM   511 C CG2 . ILE C 1 10 ? 13.637  -8.126  -14.844 1.00 102.70 ? 10  ILE A CG2 1 
ATOM   512 C CD1 . ILE C 1 10 ? 10.616  -8.243  -14.849 1.00 92.82  ? 10  ILE A CD1 1 
ATOM   513 N N   . ALA C 1 11 ? 15.314  -5.479  -14.634 1.00 92.42  ? 11  ALA A N   1 
ATOM   514 C CA  . ALA C 1 11 ? 16.169  -4.518  -15.323 1.00 90.95  ? 11  ALA A CA  1 
ATOM   515 C C   . ALA C 1 11 ? 15.346  -3.523  -16.139 1.00 91.82  ? 11  ALA A C   1 
ATOM   516 O O   . ALA C 1 11 ? 14.404  -3.906  -16.832 1.00 91.37  ? 11  ALA A O   1 
ATOM   517 C CB  . ALA C 1 11 ? 17.136  -5.250  -16.222 1.00 93.86  ? 11  ALA A CB  1 
ATOM   518 N N   . GLY C 1 12 ? 15.708  -2.247  -16.053 1.00 89.57  ? 12  GLY A N   1 
ATOM   519 C CA  . GLY C 1 12 ? 14.936  -1.198  -16.691 1.00 91.34  ? 12  GLY A CA  1 
ATOM   520 C C   . GLY C 1 12 ? 14.008  -0.493  -15.718 1.00 93.28  ? 12  GLY A C   1 
ATOM   521 O O   . GLY C 1 12 ? 13.576  0.635   -15.966 1.00 101.65 ? 12  GLY A O   1 
ATOM   522 N N   . GLU C 1 13 ? 13.698  -1.154  -14.605 1.00 84.48  ? 13  GLU A N   1 
ATOM   523 C CA  . GLU C 1 13 ? 12.802  -0.581  -13.607 1.00 77.32  ? 13  GLU A CA  1 
ATOM   524 C C   . GLU C 1 13 ? 13.540  -0.173  -12.339 1.00 70.94  ? 13  GLU A C   1 
ATOM   525 O O   . GLU C 1 13 ? 14.656  -0.632  -12.088 1.00 76.15  ? 13  GLU A O   1 
ATOM   526 C CB  . GLU C 1 13 ? 11.717  -1.584  -13.227 1.00 69.52  ? 13  GLU A CB  1 
ATOM   527 C CG  . GLU C 1 13 ? 10.948  -2.150  -14.401 1.00 70.34  ? 13  GLU A CG  1 
ATOM   528 C CD  . GLU C 1 13 ? 9.948   -3.198  -13.977 1.00 64.45  ? 13  GLU A CD  1 
ATOM   529 O OE1 . GLU C 1 13 ? 10.281  -4.008  -13.086 1.00 67.60  ? 13  GLU A OE1 1 
ATOM   530 O OE2 . GLU C 1 13 ? 8.836   -3.219  -14.543 1.00 73.04  ? 13  GLU A OE2 1 
ATOM   531 N N   . ARG C 1 14 ? 12.877  0.649   -11.522 1.00 82.64  ? 14  ARG A N   1 
ATOM   532 C CA  . ARG C 1 14 ? 13.351  1.005   -10.183 1.00 79.04  ? 14  ARG A CA  1 
ATOM   533 C C   . ARG C 1 14 ? 12.199  0.821   -9.201  1.00 74.27  ? 14  ARG A C   1 
ATOM   534 O O   . ARG C 1 14 ? 11.039  1.079   -9.532  1.00 76.18  ? 14  ARG A O   1 
ATOM   535 C CB  . ARG C 1 14 ? 13.857  2.456   -10.105 1.00 93.07  ? 14  ARG A CB  1 
ATOM   536 C CG  . ARG C 1 14 ? 12.781  3.473   -9.668  1.00 101.77 ? 14  ARG A CG  1 
ATOM   537 C CD  . ARG C 1 14 ? 13.123  4.932   -9.973  1.00 110.04 ? 14  ARG A CD  1 
ATOM   538 N NE  . ARG C 1 14 ? 11.931  5.774   -10.088 1.00 105.65 ? 14  ARG A NE  1 
ATOM   539 C CZ  . ARG C 1 14 ? 11.399  6.157   -11.244 1.00 109.93 ? 14  ARG A CZ  1 
ATOM   540 N NH1 . ARG C 1 14 ? 11.974  5.801   -12.386 1.00 113.48 ? 14  ARG A NH1 1 
ATOM   541 N NH2 . ARG C 1 14 ? 10.309  6.918   -11.264 1.00 110.20 ? 14  ARG A NH2 1 
ATOM   542 N N   . ARG C 1 15 ? 12.498  0.354   -7.998  1.00 79.64  ? 15  ARG A N   1 
ATOM   543 C CA  . ARG C 1 15 ? 11.444  0.203   -7.011  1.00 78.97  ? 15  ARG A CA  1 
ATOM   544 C C   . ARG C 1 15 ? 11.119  1.542   -6.371  1.00 87.38  ? 15  ARG A C   1 
ATOM   545 O O   . ARG C 1 15 ? 12.007  2.220   -5.845  1.00 90.16  ? 15  ARG A O   1 
ATOM   546 C CB  . ARG C 1 15 ? 11.821  -0.833  -5.955  1.00 81.88  ? 15  ARG A CB  1 
ATOM   547 C CG  . ARG C 1 15 ? 10.789  -0.962  -4.842  1.00 86.22  ? 15  ARG A CG  1 
ATOM   548 C CD  . ARG C 1 15 ? 11.103  -2.127  -3.933  1.00 88.72  ? 15  ARG A CD  1 
ATOM   549 N NE  . ARG C 1 15 ? 10.060  -2.316  -2.934  1.00 92.78  ? 15  ARG A NE  1 
ATOM   550 C CZ  . ARG C 1 15 ? 9.803   -3.472  -2.344  1.00 97.93  ? 15  ARG A CZ  1 
ATOM   551 N NH1 . ARG C 1 15 ? 10.505  -4.554  -2.657  1.00 95.93  ? 15  ARG A NH1 1 
ATOM   552 N NH2 . ARG C 1 15 ? 8.828   -3.550  -1.453  1.00 107.02 ? 15  ARG A NH2 1 
ATOM   553 N N   . ALA C 1 16 ? 9.841   1.908   -6.375  1.00 80.34  ? 16  ALA A N   1 
ATOM   554 C CA  . ALA C 1 16 ? 9.448   3.220   -5.879  1.00 89.29  ? 16  ALA A CA  1 
ATOM   555 C C   . ALA C 1 16 ? 8.448   3.115   -4.742  1.00 91.11  ? 16  ALA A C   1 
ATOM   556 O O   . ALA C 1 16 ? 8.111   4.114   -4.107  1.00 90.15  ? 16  ALA A O   1 
ATOM   557 C CB  . ALA C 1 16 ? 8.877   4.057   -7.004  1.00 84.73  ? 16  ALA A CB  1 
ATOM   558 N N   . GLY C 1 17 ? 7.983   1.900   -4.475  1.00 81.32  ? 17  GLY A N   1 
ATOM   559 C CA  . GLY C 1 17 ? 7.010   1.717   -3.420  1.00 80.46  ? 17  GLY A CA  1 
ATOM   560 C C   . GLY C 1 17 ? 6.451   0.319   -3.375  1.00 72.25  ? 17  GLY A C   1 
ATOM   561 O O   . GLY C 1 17 ? 7.118   -0.656  -3.746  1.00 72.27  ? 17  GLY A O   1 
ATOM   562 N N   . THR C 1 18 ? 5.215   0.209   -2.906  1.00 76.20  ? 18  THR A N   1 
ATOM   563 C CA  . THR C 1 18 ? 4.587   -1.104  -2.800  1.00 73.60  ? 18  THR A CA  1 
ATOM   564 C C   . THR C 1 18 ? 3.192   -1.120  -3.381  1.00 73.06  ? 18  THR A C   1 
ATOM   565 O O   . THR C 1 18 ? 2.558   -0.078  -3.565  1.00 77.59  ? 18  THR A O   1 
ATOM   566 C CB  . THR C 1 18 ? 4.494   -1.593  -1.333  1.00 86.14  ? 18  THR A CB  1 
ATOM   567 O OG1 . THR C 1 18 ? 4.428   -0.459  -0.473  1.00 98.49  ? 18  THR A OG1 1 
ATOM   568 C CG2 . THR C 1 18 ? 5.711   -2.389  -0.962  1.00 96.13  ? 18  THR A CG2 1 
ATOM   569 N N   . CYS C 1 19 ? 2.734   -2.325  -3.697  1.00 67.69  ? 19  CYS A N   1 
ATOM   570 C CA  . CYS C 1 19 ? 1.335   -2.519  -4.005  1.00 63.16  ? 19  CYS A CA  1 
ATOM   571 C C   . CYS C 1 19 ? 0.779   -3.480  -2.971  1.00 64.94  ? 19  CYS A C   1 
ATOM   572 O O   . CYS C 1 19 ? 1.516   -4.259  -2.369  1.00 71.79  ? 19  CYS A O   1 
ATOM   573 C CB  . CYS C 1 19 ? 1.136   -3.069  -5.415  1.00 69.37  ? 19  CYS A CB  1 
ATOM   574 S SG  . CYS C 1 19 ? 2.301   -2.449  -6.645  1.00 66.23  ? 19  CYS A SG  1 
ATOM   575 N N   . ALA C 1 20 ? -0.531  -3.420  -2.797  1.00 66.61  ? 20  ALA A N   1 
ATOM   576 C CA  . ALA C 1 20 ? -1.216  -4.270  -1.865  1.00 73.44  ? 20  ALA A CA  1 
ATOM   577 C C   . ALA C 1 20 ? -2.476  -4.735  -2.556  1.00 79.73  ? 20  ALA A C   1 
ATOM   578 O O   . ALA C 1 20 ? -3.362  -3.940  -2.873  1.00 70.97  ? 20  ALA A O   1 
ATOM   579 C CB  . ALA C 1 20 ? -1.551  -3.488  -0.596  1.00 77.77  ? 20  ALA A CB  1 
ATOM   580 N N   . TYR C 1 21 ? -2.537  -6.032  -2.811  1.00 74.38  ? 21  TYR A N   1 
ATOM   581 C CA  . TYR C 1 21 ? -3.734  -6.641  -3.355  1.00 74.76  ? 21  TYR A CA  1 
ATOM   582 C C   . TYR C 1 21 ? -3.583  -8.147  -3.310  1.00 76.64  ? 21  TYR A C   1 
ATOM   583 O O   . TYR C 1 21 ? -2.463  -8.662  -3.239  1.00 71.36  ? 21  TYR A O   1 
ATOM   584 C CB  . TYR C 1 21 ? -4.024  -6.174  -4.777  1.00 73.23  ? 21  TYR A CB  1 
ATOM   585 C CG  . TYR C 1 21 ? -2.950  -6.490  -5.784  1.00 74.05  ? 21  TYR A CG  1 
ATOM   586 C CD1 . TYR C 1 21 ? -2.915  -7.715  -6.431  1.00 72.19  ? 21  TYR A CD1 1 
ATOM   587 C CD2 . TYR C 1 21 ? -1.995  -5.542  -6.124  1.00 68.35  ? 21  TYR A CD2 1 
ATOM   588 C CE1 . TYR C 1 21 ? -1.939  -7.999  -7.377  1.00 70.09  ? 21  TYR A CE1 1 
ATOM   589 C CE2 . TYR C 1 21 ? -1.016  -5.821  -7.066  1.00 69.24  ? 21  TYR A CE2 1 
ATOM   590 C CZ  . TYR C 1 21 ? -0.992  -7.049  -7.688  1.00 70.69  ? 21  TYR A CZ  1 
ATOM   591 O OH  . TYR C 1 21 ? -0.013  -7.313  -8.639  1.00 67.64  ? 21  TYR A OH  1 
ATOM   592 N N   . GLN C 1 22 ? -4.716  -8.835  -3.359  1.00 77.17  ? 22  GLN A N   1 
ATOM   593 C CA  . GLN C 1 22 ? -4.754  -10.277 -3.153  1.00 75.85  ? 22  GLN A CA  1 
ATOM   594 C C   . GLN C 1 22 ? -3.996  -10.745 -1.909  1.00 86.87  ? 22  GLN A C   1 
ATOM   595 O O   . GLN C 1 22 ? -3.436  -11.848 -1.880  1.00 92.46  ? 22  GLN A O   1 
ATOM   596 C CB  . GLN C 1 22 ? -4.287  -10.996 -4.415  1.00 82.33  ? 22  GLN A CB  1 
ATOM   597 C CG  . GLN C 1 22 ? -5.210  -10.775 -5.608  1.00 82.97  ? 22  GLN A CG  1 
ATOM   598 C CD  . GLN C 1 22 ? -6.373  -11.753 -5.618  1.00 96.70  ? 22  GLN A CD  1 
ATOM   599 O OE1 . GLN C 1 22 ? -6.745  -12.309 -4.581  1.00 103.36 ? 22  GLN A OE1 1 
ATOM   600 N NE2 . GLN C 1 22 ? -6.936  -11.989 -6.796  1.00 99.45  ? 22  GLN A NE2 1 
ATOM   601 N N   . GLY C 1 23 ? -3.984  -9.903  -0.878  1.00 80.22  ? 23  GLY A N   1 
ATOM   602 C CA  . GLY C 1 23 ? -3.474  -10.324 0.412   1.00 87.19  ? 23  GLY A CA  1 
ATOM   603 C C   . GLY C 1 23 ? -1.978  -10.163 0.581   1.00 87.71  ? 23  GLY A C   1 
ATOM   604 O O   . GLY C 1 23 ? -1.437  -10.484 1.637   1.00 92.47  ? 23  GLY A O   1 
ATOM   605 N N   . ARG C 1 24 ? -1.288  -9.711  -0.459  1.00 78.44  ? 24  ARG A N   1 
ATOM   606 C CA  . ARG C 1 24 ? 0.162   -9.610  -0.344  1.00 83.24  ? 24  ARG A CA  1 
ATOM   607 C C   . ARG C 1 24 ? 0.751   -8.260  -0.721  1.00 82.92  ? 24  ARG A C   1 
ATOM   608 O O   . ARG C 1 24 ? 0.048   -7.383  -1.217  1.00 74.05  ? 24  ARG A O   1 
ATOM   609 C CB  . ARG C 1 24 ? 0.842   -10.791 -1.031  1.00 88.94  ? 24  ARG A CB  1 
ATOM   610 C CG  . ARG C 1 24 ? 0.539   -10.991 -2.499  1.00 90.19  ? 24  ARG A CG  1 
ATOM   611 C CD  . ARG C 1 24 ? 1.134   -12.338 -2.859  1.00 84.70  ? 24  ARG A CD  1 
ATOM   612 N NE  . ARG C 1 24 ? 2.446   -12.488 -2.247  1.00 81.75  ? 24  ARG A NE  1 
ATOM   613 C CZ  . ARG C 1 24 ? 3.297   -13.471 -2.488  1.00 80.26  ? 24  ARG A CZ  1 
ATOM   614 N NH1 . ARG C 1 24 ? 2.953   -14.485 -3.269  1.00 76.75  ? 24  ARG A NH1 1 
ATOM   615 N NH2 . ARG C 1 24 ? 4.464   -13.480 -1.865  1.00 91.06  ? 24  ARG A NH2 1 
ATOM   616 N N   . ALA C 1 25 ? 2.033   -8.086  -0.434  1.00 77.18  ? 25  ALA A N   1 
ATOM   617 C CA  . ALA C 1 25 ? 2.695   -6.816  -0.698  1.00 75.26  ? 25  ALA A CA  1 
ATOM   618 C C   . ALA C 1 25 ? 3.541   -7.059  -1.915  1.00 72.29  ? 25  ALA A C   1 
ATOM   619 O O   . ALA C 1 25 ? 4.214   -8.079  -2.000  1.00 71.16  ? 25  ALA A O   1 
ATOM   620 C CB  . ALA C 1 25 ? 3.553   -6.396  0.488   1.00 82.43  ? 25  ALA A CB  1 
ATOM   621 N N   . TRP C 1 26 ? 3.438   -6.172  -2.894  1.00 66.96  ? 26  TRP A N   1 
ATOM   622 C CA  . TRP C 1 26 ? 4.188   -6.293  -4.135  1.00 66.67  ? 26  TRP A CA  1 
ATOM   623 C C   . TRP C 1 26 ? 5.105   -5.085  -4.249  1.00 75.06  ? 26  TRP A C   1 
ATOM   624 O O   . TRP C 1 26 ? 4.824   -4.047  -3.666  1.00 76.10  ? 26  TRP A O   1 
ATOM   625 C CB  . TRP C 1 26 ? 3.228   -6.321  -5.326  1.00 59.40  ? 26  TRP A CB  1 
ATOM   626 C CG  . TRP C 1 26 ? 2.073   -7.294  -5.200  1.00 60.14  ? 26  TRP A CG  1 
ATOM   627 C CD1 . TRP C 1 26 ? 0.992   -7.193  -4.370  1.00 65.24  ? 26  TRP A CD1 1 
ATOM   628 C CD2 . TRP C 1 26 ? 1.890   -8.501  -5.955  1.00 63.57  ? 26  TRP A CD2 1 
ATOM   629 N NE1 . TRP C 1 26 ? 0.153   -8.269  -4.552  1.00 64.55  ? 26  TRP A NE1 1 
ATOM   630 C CE2 . TRP C 1 26 ? 0.681   -9.088  -5.528  1.00 60.50  ? 26  TRP A CE2 1 
ATOM   631 C CE3 . TRP C 1 26 ? 2.625   -9.144  -6.954  1.00 65.87  ? 26  TRP A CE3 1 
ATOM   632 C CZ2 . TRP C 1 26 ? 0.196   -10.280 -6.054  1.00 65.41  ? 26  TRP A CZ2 1 
ATOM   633 C CZ3 . TRP C 1 26 ? 2.143   -10.334 -7.488  1.00 68.10  ? 26  TRP A CZ3 1 
ATOM   634 C CH2 . TRP C 1 26 ? 0.942   -10.892 -7.034  1.00 67.91  ? 26  TRP A CH2 1 
ATOM   635 N N   . ALA C 1 27 ? 6.210   -5.207  -4.973  1.00 72.64  ? 27  ALA A N   1 
ATOM   636 C CA  . ALA C 1 27 ? 7.032   -4.031  -5.225  1.00 76.28  ? 27  ALA A CA  1 
ATOM   637 C C   . ALA C 1 27 ? 6.365   -3.218  -6.313  1.00 69.16  ? 27  ALA A C   1 
ATOM   638 O O   . ALA C 1 27 ? 5.876   -3.787  -7.287  1.00 63.65  ? 27  ALA A O   1 
ATOM   639 C CB  . ALA C 1 27 ? 8.424   -4.444  -5.667  1.00 71.76  ? 27  ALA A CB  1 
ATOM   640 N N   . ALA C 1 28 ? 6.342   -1.894  -6.167  1.00 64.77  ? 28  ALA A N   1 
ATOM   641 C CA  . ALA C 1 28 ? 5.899   -1.054  -7.265  1.00 62.72  ? 28  ALA A CA  1 
ATOM   642 C C   . ALA C 1 28 ? 7.121   -0.643  -8.065  1.00 71.87  ? 28  ALA A C   1 
ATOM   643 O O   . ALA C 1 28 ? 8.028   0.023   -7.550  1.00 69.99  ? 28  ALA A O   1 
ATOM   644 C CB  . ALA C 1 28 ? 5.164   0.189   -6.758  1.00 64.84  ? 28  ALA A CB  1 
ATOM   645 N N   . CYS C 1 29 ? 7.131   -1.024  -9.334  1.00 69.57  ? 29  CYS A N   1 
ATOM   646 C CA  . CYS C 1 29 ? 8.307   -0.862  -10.167 1.00 68.33  ? 29  CYS A CA  1 
ATOM   647 C C   . CYS C 1 29 ? 8.098   0.164   -11.273 1.00 64.45  ? 29  CYS A C   1 
ATOM   648 O O   . CYS C 1 29 ? 7.199   0.019   -12.097 1.00 63.98  ? 29  CYS A O   1 
ATOM   649 C CB  . CYS C 1 29 ? 8.712   -2.218  -10.747 1.00 73.01  ? 29  CYS A CB  1 
ATOM   650 S SG  . CYS C 1 29 ? 8.883   -3.510  -9.484  1.00 66.96  ? 29  CYS A SG  1 
ATOM   651 N N   . CYS C 1 30 ? 8.944   1.190   -11.280 1.00 80.45  ? 30  CYS A N   1 
ATOM   652 C CA  . CYS C 1 30 ? 8.760   2.345   -12.142 1.00 63.37  ? 30  CYS A CA  1 
ATOM   653 C C   . CYS C 1 30 ? 9.936   2.565   -13.093 1.00 66.73  ? 30  CYS A C   1 
ATOM   654 O O   . CYS C 1 30 ? 10.923  1.832   -13.083 1.00 73.67  ? 30  CYS A O   1 
ATOM   655 C CB  . CYS C 1 30 ? 8.522   3.594   -11.288 1.00 66.29  ? 30  CYS A CB  1 
ATOM   656 S SG  . CYS C 1 30 ? 7.196   3.397   -10.090 1.00 78.86  ? 30  CYS A SG  1 
ATOM   657 O OXT . CYS C 1 30 ? 9.917   3.496   -13.904 1.00 80.81  ? 30  CYS A OXT 1 
ATOM   658 N N   . ALA D 1 1  ? 0.707   -8.942  -14.091 1.00 98.16  ? 1   ALA B N   1 
ATOM   659 C CA  . ALA D 1 1  ? 0.106   -8.584  -12.818 1.00 90.15  ? 1   ALA B CA  1 
ATOM   660 C C   . ALA D 1 1  ? -0.770  -7.354  -12.959 1.00 85.00  ? 1   ALA B C   1 
ATOM   661 O O   . ALA D 1 1  ? -1.727  -7.331  -13.743 1.00 85.67  ? 1   ALA B O   1 
ATOM   662 C CB  . ALA D 1 1  ? 1.188   -8.331  -11.759 1.00 85.46  ? 1   ALA B CB  1 
ATOM   663 N N   . CYS D 1 2  ? -0.428  -6.323  -12.195 1.00 76.09  ? 2   CYS B N   1 
ATOM   664 C CA  . CYS D 1 2  ? -1.312  -5.187  -12.031 1.00 66.55  ? 2   CYS B CA  1 
ATOM   665 C C   . CYS D 1 2  ? -0.562  -3.873  -12.177 1.00 65.00  ? 2   CYS B C   1 
ATOM   666 O O   . CYS D 1 2  ? 0.638   -3.800  -11.920 1.00 63.73  ? 2   CYS B O   1 
ATOM   667 C CB  . CYS D 1 2  ? -2.042  -5.294  -10.695 1.00 78.14  ? 2   CYS B CB  1 
ATOM   668 S SG  . CYS D 1 2  ? -2.711  -6.964  -10.483 1.00 79.16  ? 2   CYS B SG  1 
ATOM   669 N N   . TYR D 1 3  ? -1.272  -2.845  -12.620 1.00 63.42  ? 3   TYR B N   1 
ATOM   670 C CA  . TYR D 1 3  ? -0.653  -1.590  -13.023 1.00 62.07  ? 3   TYR B CA  1 
ATOM   671 C C   . TYR D 1 3  ? -1.263  -0.462  -12.192 1.00 61.52  ? 3   TYR B C   1 
ATOM   672 O O   . TYR D 1 3  ? -2.458  -0.476  -11.929 1.00 62.46  ? 3   TYR B O   1 
ATOM   673 C CB  . TYR D 1 3  ? -0.902  -1.365  -14.522 1.00 62.75  ? 3   TYR B CB  1 
ATOM   674 C CG  . TYR D 1 3  ? -0.117  -0.227  -15.123 1.00 75.74  ? 3   TYR B CG  1 
ATOM   675 C CD1 . TYR D 1 3  ? -0.673  1.035   -15.246 1.00 75.80  ? 3   TYR B CD1 1 
ATOM   676 C CD2 . TYR D 1 3  ? 1.177   -0.416  -15.587 1.00 82.98  ? 3   TYR B CD2 1 
ATOM   677 C CE1 . TYR D 1 3  ? 0.046   2.084   -15.803 1.00 77.72  ? 3   TYR B CE1 1 
ATOM   678 C CE2 . TYR D 1 3  ? 1.904   0.630   -16.138 1.00 83.28  ? 3   TYR B CE2 1 
ATOM   679 C CZ  . TYR D 1 3  ? 1.332   1.877   -16.244 1.00 79.76  ? 3   TYR B CZ  1 
ATOM   680 O OH  . TYR D 1 3  ? 2.043   2.919   -16.798 1.00 82.65  ? 3   TYR B OH  1 
ATOM   681 N N   . CYS D 1 4  ? -0.450  0.500   -11.772 1.00 63.51  ? 4   CYS B N   1 
ATOM   682 C CA  . CYS D 1 4  ? -0.943  1.549   -10.879 1.00 61.14  ? 4   CYS B CA  1 
ATOM   683 C C   . CYS D 1 4  ? -1.411  2.783   -11.645 1.00 63.08  ? 4   CYS B C   1 
ATOM   684 O O   . CYS D 1 4  ? -0.691  3.310   -12.512 1.00 61.08  ? 4   CYS B O   1 
ATOM   685 C CB  . CYS D 1 4  ? 0.153   1.925   -9.887  1.00 61.42  ? 4   CYS B CB  1 
ATOM   686 S SG  . CYS D 1 4  ? 0.830   0.486   -8.978  1.00 66.44  ? 4   CYS B SG  1 
ATOM   687 N N   . ARG D 1 5  ? -2.633  3.216   -11.339 1.00 62.05  ? 5   ARG B N   1 
ATOM   688 C CA  . ARG D 1 5  ? -3.249  4.363   -12.012 1.00 62.79  ? 5   ARG B CA  1 
ATOM   689 C C   . ARG D 1 5  ? -3.983  5.273   -11.052 1.00 65.08  ? 5   ARG B C   1 
ATOM   690 O O   . ARG D 1 5  ? -4.454  4.849   -9.998  1.00 65.04  ? 5   ARG B O   1 
ATOM   691 C CB  . ARG D 1 5  ? -4.323  3.912   -13.006 1.00 68.98  ? 5   ARG B CB  1 
ATOM   692 C CG  . ARG D 1 5  ? -3.907  2.881   -13.987 1.00 66.72  ? 5   ARG B CG  1 
ATOM   693 C CD  . ARG D 1 5  ? -4.863  2.896   -15.177 1.00 70.95  ? 5   ARG B CD  1 
ATOM   694 N NE  . ARG D 1 5  ? -4.580  1.778   -16.059 1.00 71.99  ? 5   ARG B NE  1 
ATOM   695 C CZ  . ARG D 1 5  ? -3.651  1.816   -17.005 1.00 65.90  ? 5   ARG B CZ  1 
ATOM   696 N NH1 . ARG D 1 5  ? -2.925  2.915   -17.178 1.00 74.35  ? 5   ARG B NH1 1 
ATOM   697 N NH2 . ARG D 1 5  ? -3.438  0.752   -17.767 1.00 68.85  ? 5   ARG B NH2 1 
ATOM   698 N N   . ILE D 1 6  ? -4.111  6.528   -11.459 1.00 73.39  ? 6   ILE B N   1 
ATOM   699 C CA  . ILE D 1 6  ? -5.095  7.427   -10.887 1.00 74.13  ? 6   ILE B CA  1 
ATOM   700 C C   . ILE D 1 6  ? -5.840  8.061   -12.058 1.00 76.96  ? 6   ILE B C   1 
ATOM   701 O O   . ILE D 1 6  ? -5.267  8.222   -13.131 1.00 78.43  ? 6   ILE B O   1 
ATOM   702 C CB  . ILE D 1 6  ? -4.444  8.507   -10.006 1.00 79.60  ? 6   ILE B CB  1 
ATOM   703 C CG1 . ILE D 1 6  ? -3.350  9.240   -10.781 1.00 82.77  ? 6   ILE B CG1 1 
ATOM   704 C CG2 . ILE D 1 6  ? -3.876  7.890   -8.745  1.00 68.76  ? 6   ILE B CG2 1 
ATOM   705 C CD1 . ILE D 1 6  ? -2.668  10.328  -9.977  1.00 88.06  ? 6   ILE B CD1 1 
ATOM   706 N N   . PRO D 1 7  ? -7.123  8.406   -11.869 1.00 77.92  ? 7   PRO B N   1 
ATOM   707 C CA  . PRO D 1 7  ? -7.899  8.267   -10.632 1.00 79.85  ? 7   PRO B CA  1 
ATOM   708 C C   . PRO D 1 7  ? -8.472  6.866   -10.454 1.00 82.36  ? 7   PRO B C   1 
ATOM   709 O O   . PRO D 1 7  ? -8.788  6.491   -9.328  1.00 86.70  ? 7   PRO B O   1 
ATOM   710 C CB  . PRO D 1 7  ? -9.052  9.240   -10.858 1.00 79.05  ? 7   PRO B CB  1 
ATOM   711 C CG  . PRO D 1 7  ? -9.304  9.138   -12.330 1.00 81.91  ? 7   PRO B CG  1 
ATOM   712 C CD  . PRO D 1 7  ? -7.929  9.003   -12.954 1.00 79.60  ? 7   PRO B CD  1 
ATOM   713 N N   . ALA D 1 8  ? -8.603  6.104   -11.533 1.00 81.90  ? 8   ALA B N   1 
ATOM   714 C CA  . ALA D 1 8  ? -9.235  4.794   -11.452 1.00 76.24  ? 8   ALA B CA  1 
ATOM   715 C C   . ALA D 1 8  ? -8.748  3.882   -12.568 1.00 72.57  ? 8   ALA B C   1 
ATOM   716 O O   . ALA D 1 8  ? -8.043  4.319   -13.471 1.00 71.08  ? 8   ALA B O   1 
ATOM   717 C CB  . ALA D 1 8  ? -10.751 4.942   -11.515 1.00 75.76  ? 8   ALA B CB  1 
ATOM   718 N N   . CYS D 1 9  ? -9.128  2.611   -12.504 1.00 74.45  ? 9   CYS B N   1 
ATOM   719 C CA  . CYS D 1 9  ? -8.728  1.660   -13.526 1.00 80.46  ? 9   CYS B CA  1 
ATOM   720 C C   . CYS D 1 9  ? -9.435  1.980   -14.851 1.00 77.66  ? 9   CYS B C   1 
ATOM   721 O O   . CYS D 1 9  ? -10.485 2.617   -14.864 1.00 88.25  ? 9   CYS B O   1 
ATOM   722 C CB  . CYS D 1 9  ? -9.029  0.240   -13.056 1.00 70.66  ? 9   CYS B CB  1 
ATOM   723 S SG  . CYS D 1 9  ? -8.099  -0.206  -11.573 1.00 72.21  ? 9   CYS B SG  1 
ATOM   724 N N   . ILE D 1 10 ? -8.865  1.530   -15.962 1.00 74.30  ? 10  ILE B N   1 
ATOM   725 C CA  . ILE D 1 10 ? -9.475  1.777   -17.263 1.00 82.42  ? 10  ILE B CA  1 
ATOM   726 C C   . ILE D 1 10 ? -10.260 0.547   -17.745 1.00 85.45  ? 10  ILE B C   1 
ATOM   727 O O   . ILE D 1 10 ? -10.213 -0.510  -17.118 1.00 81.46  ? 10  ILE B O   1 
ATOM   728 C CB  . ILE D 1 10 ? -8.431  2.170   -18.320 1.00 88.52  ? 10  ILE B CB  1 
ATOM   729 C CG1 . ILE D 1 10 ? -7.528  0.979   -18.636 1.00 87.31  ? 10  ILE B CG1 1 
ATOM   730 C CG2 . ILE D 1 10 ? -7.591  3.340   -17.840 1.00 83.83  ? 10  ILE B CG2 1 
ATOM   731 C CD1 . ILE D 1 10 ? -6.592  1.236   -19.776 1.00 89.16  ? 10  ILE B CD1 1 
ATOM   732 N N   . ALA D 1 11 ? -10.983 0.693   -18.852 1.00 90.16  ? 11  ALA B N   1 
ATOM   733 C CA  . ALA D 1 11 ? -11.722 -0.415  -19.454 1.00 88.13  ? 11  ALA B CA  1 
ATOM   734 C C   . ALA D 1 11 ? -10.832 -1.628  -19.730 1.00 95.05  ? 11  ALA B C   1 
ATOM   735 O O   . ALA D 1 11 ? -9.718  -1.483  -20.231 1.00 95.28  ? 11  ALA B O   1 
ATOM   736 C CB  . ALA D 1 11 ? -12.362 0.047   -20.741 1.00 88.00  ? 11  ALA B CB  1 
ATOM   737 N N   . GLY D 1 12 ? -11.322 -2.821  -19.396 1.00 85.49  ? 12  GLY B N   1 
ATOM   738 C CA  . GLY D 1 12 ? -10.532 -4.034  -19.544 1.00 85.85  ? 12  GLY B CA  1 
ATOM   739 C C   . GLY D 1 12 ? -9.859  -4.473  -18.253 1.00 99.53  ? 12  GLY B C   1 
ATOM   740 O O   . GLY D 1 12 ? -9.480  -5.635  -18.097 1.00 98.55  ? 12  GLY B O   1 
ATOM   741 N N   . GLU D 1 13 ? -9.697  -3.533  -17.329 1.00 79.27  ? 13  GLU B N   1 
ATOM   742 C CA  . GLU D 1 13 ? -9.091  -3.826  -16.044 1.00 76.88  ? 13  GLU B CA  1 
ATOM   743 C C   . GLU D 1 13 ? -10.169 -3.793  -14.986 1.00 78.26  ? 13  GLU B C   1 
ATOM   744 O O   . GLU D 1 13 ? -11.252 -3.259  -15.210 1.00 80.17  ? 13  GLU B O   1 
ATOM   745 C CB  . GLU D 1 13 ? -8.047  -2.782  -15.680 1.00 73.01  ? 13  GLU B CB  1 
ATOM   746 C CG  . GLU D 1 13 ? -6.988  -2.545  -16.732 1.00 74.51  ? 13  GLU B CG  1 
ATOM   747 C CD  . GLU D 1 13 ? -6.062  -1.423  -16.337 1.00 69.07  ? 13  GLU B CD  1 
ATOM   748 O OE1 . GLU D 1 13 ? -6.557  -0.423  -15.781 1.00 68.35  ? 13  GLU B OE1 1 
ATOM   749 O OE2 . GLU D 1 13 ? -4.849  -1.529  -16.587 1.00 73.46  ? 13  GLU B OE2 1 
ATOM   750 N N   . ARG D 1 14 ? -9.864  -4.357  -13.828 1.00 81.18  ? 14  ARG B N   1 
ATOM   751 C CA  . ARG D 1 14 ? -10.712 -4.177  -12.659 1.00 83.05  ? 14  ARG B CA  1 
ATOM   752 C C   . ARG D 1 14 ? -9.793  -3.888  -11.476 1.00 78.31  ? 14  ARG B C   1 
ATOM   753 O O   . ARG D 1 14 ? -8.666  -4.377  -11.422 1.00 80.56  ? 14  ARG B O   1 
ATOM   754 C CB  . ARG D 1 14 ? -11.621 -5.386  -12.415 1.00 95.73  ? 14  ARG B CB  1 
ATOM   755 C CG  . ARG D 1 14 ? -11.016 -6.732  -12.762 1.00 101.97 ? 14  ARG B CG  1 
ATOM   756 C CD  . ARG D 1 14 ? -11.772 -7.843  -12.049 1.00 122.14 ? 14  ARG B CD  1 
ATOM   757 N NE  . ARG D 1 14 ? -12.329 -7.363  -10.784 1.00 134.70 ? 14  ARG B NE  1 
ATOM   758 C CZ  . ARG D 1 14 ? -11.747 -7.526  -9.599  1.00 138.90 ? 14  ARG B CZ  1 
ATOM   759 N NH1 . ARG D 1 14 ? -10.582 -8.156  -9.509  1.00 138.03 ? 14  ARG B NH1 1 
ATOM   760 N NH2 . ARG D 1 14 ? -12.327 -7.048  -8.506  1.00 138.45 ? 14  ARG B NH2 1 
ATOM   761 N N   . ARG D 1 15 ? -10.254 -3.058  -10.552 1.00 83.09  ? 15  ARG B N   1 
ATOM   762 C CA  . ARG D 1 15 ? -9.452  -2.684  -9.395  1.00 79.02  ? 15  ARG B CA  1 
ATOM   763 C C   . ARG D 1 15 ? -9.370  -3.744  -8.303  1.00 90.01  ? 15  ARG B C   1 
ATOM   764 O O   . ARG D 1 15 ? -10.393 -4.237  -7.822  1.00 94.91  ? 15  ARG B O   1 
ATOM   765 C CB  . ARG D 1 15 ? -9.987  -1.387  -8.805  1.00 83.88  ? 15  ARG B CB  1 
ATOM   766 C CG  . ARG D 1 15 ? -9.314  -0.977  -7.516  1.00 86.39  ? 15  ARG B CG  1 
ATOM   767 C CD  . ARG D 1 15 ? -9.804  0.382   -7.087  1.00 92.60  ? 15  ARG B CD  1 
ATOM   768 N NE  . ARG D 1 15 ? -9.145  0.845   -5.875  1.00 97.59  ? 15  ARG B NE  1 
ATOM   769 C CZ  . ARG D 1 15 ? -9.026  2.121   -5.547  1.00 101.56 ? 15  ARG B CZ  1 
ATOM   770 N NH1 . ARG D 1 15 ? -9.503  3.063   -6.354  1.00 98.09  ? 15  ARG B NH1 1 
ATOM   771 N NH2 . ARG D 1 15 ? -8.409  2.453   -4.427  1.00 112.73 ? 15  ARG B NH2 1 
ATOM   772 N N   . ALA D 1 16 ? -8.147  -4.058  -7.878  1.00 77.48  ? 16  ALA B N   1 
ATOM   773 C CA  . ALA D 1 16 ? -7.945  -5.138  -6.915  1.00 85.58  ? 16  ALA B CA  1 
ATOM   774 C C   . ALA D 1 16 ? -7.234  -4.676  -5.652  1.00 88.97  ? 16  ALA B C   1 
ATOM   775 O O   . ALA D 1 16 ? -7.115  -5.436  -4.687  1.00 86.99  ? 16  ALA B O   1 
ATOM   776 C CB  . ALA D 1 16 ? -7.173  -6.263  -7.551  1.00 82.61  ? 16  ALA B CB  1 
ATOM   777 N N   . GLY D 1 17 ? -6.776  -3.432  -5.639  1.00 78.16  ? 17  GLY B N   1 
ATOM   778 C CA  . GLY D 1 17 ? -6.075  -2.948  -4.466  1.00 83.01  ? 17  GLY B CA  1 
ATOM   779 C C   . GLY D 1 17 ? -5.474  -1.580  -4.653  1.00 79.76  ? 17  GLY B C   1 
ATOM   780 O O   . GLY D 1 17 ? -5.973  -0.763  -5.444  1.00 76.05  ? 17  GLY B O   1 
ATOM   781 N N   . THR D 1 18 ? -4.384  -1.321  -3.939  1.00 76.33  ? 18  THR B N   1 
ATOM   782 C CA  . THR D 1 18 ? -3.774  0.001   -4.028  1.00 74.49  ? 18  THR B CA  1 
ATOM   783 C C   . THR D 1 18 ? -2.261  -0.079  -4.254  1.00 76.66  ? 18  THR B C   1 
ATOM   784 O O   . THR D 1 18 ? -1.633  -1.111  -4.007  1.00 78.93  ? 18  THR B O   1 
ATOM   785 C CB  . THR D 1 18 ? -4.035  0.807   -2.736  1.00 86.97  ? 18  THR B CB  1 
ATOM   786 O OG1 . THR D 1 18 ? -3.678  0.019   -1.601  1.00 90.14  ? 18  THR B OG1 1 
ATOM   787 C CG2 . THR D 1 18 ? -5.492  1.192   -2.641  1.00 86.90  ? 18  THR B CG2 1 
ATOM   788 N N   . CYS D 1 19 ? -1.670  1.004   -4.745  1.00 70.37  ? 19  CYS B N   1 
ATOM   789 C CA  . CYS D 1 19 ? -0.221  1.117   -4.714  1.00 69.64  ? 19  CYS B CA  1 
ATOM   790 C C   . CYS D 1 19 ? 0.124   2.354   -3.899  1.00 73.74  ? 19  CYS B C   1 
ATOM   791 O O   . CYS D 1 19 ? -0.689  3.256   -3.766  1.00 73.54  ? 19  CYS B O   1 
ATOM   792 C CB  . CYS D 1 19 ? 0.379   1.236   -6.108  1.00 70.03  ? 19  CYS B CB  1 
ATOM   793 S SG  . CYS D 1 19 ? -0.456  0.327   -7.420  1.00 68.29  ? 19  CYS B SG  1 
ATOM   794 N N   . ALA D 1 20 ? 1.350   2.403   -3.405  1.00 72.76  ? 20  ALA B N   1 
ATOM   795 C CA  . ALA D 1 20 ? 1.804   3.528   -2.636  1.00 81.41  ? 20  ALA B CA  1 
ATOM   796 C C   . ALA D 1 20 ? 3.201   3.855   -3.103  1.00 84.44  ? 20  ALA B C   1 
ATOM   797 O O   . ALA D 1 20 ? 4.126   3.048   -2.975  1.00 74.77  ? 20  ALA B O   1 
ATOM   798 C CB  . ALA D 1 20 ? 1.794   3.191   -1.151  1.00 80.11  ? 20  ALA B CB  1 
ATOM   799 N N   . TYR D 1 21 ? 3.332   5.043   -3.681  1.00 78.92  ? 21  TYR B N   1 
ATOM   800 C CA  . TYR D 1 21 ? 4.628   5.549   -4.072  1.00 78.34  ? 21  TYR B CA  1 
ATOM   801 C C   . TYR D 1 21 ? 4.530   6.996   -4.499  1.00 77.25  ? 21  TYR B C   1 
ATOM   802 O O   . TYR D 1 21 ? 3.459   7.484   -4.889  1.00 73.99  ? 21  TYR B O   1 
ATOM   803 C CB  . TYR D 1 21 ? 5.246   4.724   -5.191  1.00 75.62  ? 21  TYR B CB  1 
ATOM   804 C CG  . TYR D 1 21 ? 4.480   4.690   -6.494  1.00 75.46  ? 21  TYR B CG  1 
ATOM   805 C CD1 . TYR D 1 21 ? 4.663   5.674   -7.448  1.00 68.35  ? 21  TYR B CD1 1 
ATOM   806 C CD2 . TYR D 1 21 ? 3.620   3.643   -6.794  1.00 66.26  ? 21  TYR B CD2 1 
ATOM   807 C CE1 . TYR D 1 21 ? 3.987   5.633   -8.656  1.00 73.26  ? 21  TYR B CE1 1 
ATOM   808 C CE2 . TYR D 1 21 ? 2.937   3.601   -8.000  1.00 70.68  ? 21  TYR B CE2 1 
ATOM   809 C CZ  . TYR D 1 21 ? 3.124   4.594   -8.920  1.00 71.90  ? 21  TYR B CZ  1 
ATOM   810 O OH  . TYR D 1 21 ? 2.449   4.540   -10.124 1.00 71.05  ? 21  TYR B OH  1 
ATOM   811 N N   . GLN D 1 22 ? 5.670   7.669   -4.447  1.00 77.05  ? 22  GLN B N   1 
ATOM   812 C CA  . GLN D 1 22 ? 5.714   9.102   -4.683  1.00 79.06  ? 22  GLN B CA  1 
ATOM   813 C C   . GLN D 1 22 ? 4.674   9.872   -3.874  1.00 81.61  ? 22  GLN B C   1 
ATOM   814 O O   . GLN D 1 22 ? 4.141   10.894  -4.318  1.00 83.95  ? 22  GLN B O   1 
ATOM   815 C CB  . GLN D 1 22 ? 5.597   9.375   -6.176  1.00 76.42  ? 22  GLN B CB  1 
ATOM   816 C CG  . GLN D 1 22 ? 6.729   8.752   -6.978  1.00 85.77  ? 22  GLN B CG  1 
ATOM   817 C CD  . GLN D 1 22 ? 7.976   9.611   -7.007  1.00 97.36  ? 22  GLN B CD  1 
ATOM   818 O OE1 . GLN D 1 22 ? 8.188   10.459  -6.137  1.00 101.87 ? 22  GLN B OE1 1 
ATOM   819 N NE2 . GLN D 1 22 ? 8.809   9.401   -8.017  1.00 98.33  ? 22  GLN B NE2 1 
ATOM   820 N N   . GLY D 1 23 ? 4.379   9.368   -2.681  1.00 83.64  ? 23  GLY B N   1 
ATOM   821 C CA  . GLY D 1 23 ? 3.565   10.112  -1.746  1.00 87.55  ? 23  GLY B CA  1 
ATOM   822 C C   . GLY D 1 23 ? 2.072   9.922   -1.895  1.00 91.69  ? 23  GLY B C   1 
ATOM   823 O O   . GLY D 1 23 ? 1.306   10.480  -1.113  1.00 89.68  ? 23  GLY B O   1 
ATOM   824 N N   . ARG D 1 24 ? 1.624   9.174   -2.897  1.00 81.35  ? 24  ARG B N   1 
ATOM   825 C CA  . ARG D 1 24 ? 0.177   9.026   -3.031  1.00 87.16  ? 24  ARG B CA  1 
ATOM   826 C C   . ARG D 1 24 ? -0.333  7.598   -3.145  1.00 80.45  ? 24  ARG B C   1 
ATOM   827 O O   . ARG D 1 24 ? 0.439   6.656   -3.252  1.00 76.64  ? 24  ARG B O   1 
ATOM   828 C CB  . ARG D 1 24 ? -0.392  9.842   -4.166  1.00 89.88  ? 24  ARG B CB  1 
ATOM   829 C CG  . ARG D 1 24 ? -0.035  9.304   -5.509  1.00 91.06  ? 24  ARG B CG  1 
ATOM   830 C CD  . ARG D 1 24 ? -1.149  9.721   -6.415  1.00 89.05  ? 24  ARG B CD  1 
ATOM   831 N NE  . ARG D 1 24 ? -0.943  11.078  -6.876  1.00 79.07  ? 24  ARG B NE  1 
ATOM   832 C CZ  . ARG D 1 24 ? -1.911  11.967  -7.060  1.00 81.35  ? 24  ARG B CZ  1 
ATOM   833 N NH1 . ARG D 1 24 ? -3.166  11.687  -6.744  1.00 87.14  ? 24  ARG B NH1 1 
ATOM   834 N NH2 . ARG D 1 24 ? -1.605  13.164  -7.506  1.00 79.86  ? 24  ARG B NH2 1 
ATOM   835 N N   . ALA D 1 25 ? -1.656  7.471   -3.132  1.00 79.75  ? 25  ALA B N   1 
ATOM   836 C CA  . ALA D 1 25 ? -2.320  6.182   -3.208  1.00 77.12  ? 25  ALA B CA  1 
ATOM   837 C C   . ALA D 1 25 ? -2.861  6.049   -4.614  1.00 73.54  ? 25  ALA B C   1 
ATOM   838 O O   . ALA D 1 25 ? -3.542  6.952   -5.101  1.00 73.85  ? 25  ALA B O   1 
ATOM   839 C CB  . ALA D 1 25 ? -3.456  6.119   -2.191  1.00 86.59  ? 25  ALA B CB  1 
ATOM   840 N N   . TRP D 1 26 ? -2.532  4.936   -5.263  1.00 70.82  ? 26  TRP B N   1 
ATOM   841 C CA  . TRP D 1 26 ? -2.947  4.645   -6.631  1.00 70.75  ? 26  TRP B CA  1 
ATOM   842 C C   . TRP D 1 26 ? -3.838  3.406   -6.628  1.00 73.91  ? 26  TRP B C   1 
ATOM   843 O O   . TRP D 1 26 ? -3.722  2.570   -5.739  1.00 70.55  ? 26  TRP B O   1 
ATOM   844 C CB  . TRP D 1 26 ? -1.729  4.343   -7.503  1.00 65.64  ? 26  TRP B CB  1 
ATOM   845 C CG  . TRP D 1 26 ? -0.596  5.312   -7.401  1.00 66.05  ? 26  TRP B CG  1 
ATOM   846 C CD1 . TRP D 1 26 ? 0.259   5.471   -6.355  1.00 73.02  ? 26  TRP B CD1 1 
ATOM   847 C CD2 . TRP D 1 26 ? -0.179  6.244   -8.407  1.00 68.27  ? 26  TRP B CD2 1 
ATOM   848 N NE1 . TRP D 1 26 ? 1.178   6.455   -6.640  1.00 68.34  ? 26  TRP B NE1 1 
ATOM   849 C CE2 . TRP D 1 26 ? 0.928   6.947   -7.899  1.00 66.96  ? 26  TRP B CE2 1 
ATOM   850 C CE3 . TRP D 1 26 ? -0.637  6.556   -9.689  1.00 67.13  ? 26  TRP B CE3 1 
ATOM   851 C CZ2 . TRP D 1 26 ? 1.579   7.948   -8.619  1.00 67.61  ? 26  TRP B CZ2 1 
ATOM   852 C CZ3 . TRP D 1 26 ? 0.014   7.548   -10.415 1.00 71.51  ? 26  TRP B CZ3 1 
ATOM   853 C CH2 . TRP D 1 26 ? 1.111   8.232   -9.878  1.00 70.51  ? 26  TRP B CH2 1 
ATOM   854 N N   . ALA D 1 27 ? -4.719  3.275   -7.613  1.00 67.51  ? 27  ALA B N   1 
ATOM   855 C CA  . ALA D 1 27 ? -5.484  2.042   -7.732  1.00 69.83  ? 27  ALA B CA  1 
ATOM   856 C C   . ALA D 1 27 ? -4.573  0.998   -8.337  1.00 69.39  ? 27  ALA B C   1 
ATOM   857 O O   . ALA D 1 27 ? -3.810  1.300   -9.258  1.00 64.33  ? 27  ALA B O   1 
ATOM   858 C CB  . ALA D 1 27 ? -6.697  2.255   -8.616  1.00 71.85  ? 27  ALA B CB  1 
ATOM   859 N N   . ALA D 1 28 ? -4.641  -0.228  -7.827  1.00 71.50  ? 28  ALA B N   1 
ATOM   860 C CA  . ALA D 1 28 ? -3.941  -1.326  -8.460  1.00 71.12  ? 28  ALA B CA  1 
ATOM   861 C C   . ALA D 1 28 ? -4.916  -1.987  -9.416  1.00 70.58  ? 28  ALA B C   1 
ATOM   862 O O   . ALA D 1 28 ? -5.956  -2.504  -9.006  1.00 71.46  ? 28  ALA B O   1 
ATOM   863 C CB  . ALA D 1 28 ? -3.455  -2.319  -7.427  1.00 73.96  ? 28  ALA B CB  1 
ATOM   864 N N   . CYS D 1 29 ? -4.583  -1.976  -10.697 1.00 65.93  ? 29  CYS B N   1 
ATOM   865 C CA  . CYS D 1 29 ? -5.534  -2.412  -11.704 1.00 68.33  ? 29  CYS B CA  1 
ATOM   866 C C   . CYS D 1 29 ? -5.086  -3.704  -12.377 1.00 72.65  ? 29  CYS B C   1 
ATOM   867 O O   . CYS D 1 29 ? -4.017  -3.754  -12.985 1.00 66.88  ? 29  CYS B O   1 
ATOM   868 C CB  . CYS D 1 29 ? -5.752  -1.287  -12.720 1.00 67.72  ? 29  CYS B CB  1 
ATOM   869 S SG  . CYS D 1 29 ? -6.158  0.308   -11.936 1.00 67.49  ? 29  CYS B SG  1 
ATOM   870 N N   . CYS D 1 30 ? -5.917  -4.735  -12.278 1.00 91.80  ? 30  CYS B N   1 
ATOM   871 C CA  . CYS D 1 30 ? -5.519  -6.073  -12.686 1.00 62.86  ? 30  CYS B CA  1 
ATOM   872 C C   . CYS D 1 30 ? -6.388  -6.643  -13.810 1.00 70.75  ? 30  CYS B C   1 
ATOM   873 O O   . CYS D 1 30 ? -7.335  -6.010  -14.282 1.00 72.25  ? 30  CYS B O   1 
ATOM   874 C CB  . CYS D 1 30 ? -5.540  -7.003  -11.473 1.00 68.88  ? 30  CYS B CB  1 
ATOM   875 S SG  . CYS D 1 30 ? -4.601  -6.377  -10.076 1.00 76.35  ? 30  CYS B SG  1 
ATOM   876 O OXT . CYS D 1 30 ? -6.142  -7.760  -14.279 1.00 82.03  ? 30  CYS B OXT 1 
HETATM 877 O O   . HOH E 2 .  ? 12.208  6.197   13.608  1.00 74.26  ? 101 HOH D O   1 
HETATM 878 O O   . HOH E 2 .  ? 0.823   0.290   1.392   1.00 65.30  ? 102 HOH D O   1 
HETATM 879 O O   . HOH F 2 .  ? -3.749  -7.637  12.998  1.00 64.95  ? 101 HOH E O   1 
HETATM 880 O O   . HOH F 2 .  ? -1.463  0.012   1.088   1.00 65.32  ? 102 HOH E O   1 
HETATM 881 O O   . HOH F 2 .  ? 7.149   -5.852  2.293   1.00 71.77  ? 103 HOH E O   1 
HETATM 882 O O   . HOH G 2 .  ? 0.750   -0.052  -1.229  1.00 67.34  ? 101 HOH A O   1 
HETATM 883 O O   . HOH H 2 .  ? -1.105  -0.212  -1.371  1.00 62.71  ? 101 HOH B O   1 
HETATM 884 O O   . HOH H 2 .  ? -2.084  7.040   -13.632 1.00 64.35  ? 102 HOH B O   1 
# 
loop_
_atom_site_anisotrop.id 
_atom_site_anisotrop.type_symbol 
_atom_site_anisotrop.pdbx_label_atom_id 
_atom_site_anisotrop.pdbx_label_alt_id 
_atom_site_anisotrop.pdbx_label_comp_id 
_atom_site_anisotrop.pdbx_label_asym_id 
_atom_site_anisotrop.pdbx_label_seq_id 
_atom_site_anisotrop.pdbx_PDB_ins_code 
_atom_site_anisotrop.U[1][1] 
_atom_site_anisotrop.U[2][2] 
_atom_site_anisotrop.U[3][3] 
_atom_site_anisotrop.U[1][2] 
_atom_site_anisotrop.U[1][3] 
_atom_site_anisotrop.U[2][3] 
_atom_site_anisotrop.pdbx_auth_seq_id 
_atom_site_anisotrop.pdbx_auth_comp_id 
_atom_site_anisotrop.pdbx_auth_asym_id 
_atom_site_anisotrop.pdbx_auth_atom_id 
1   N N   . ALA A 1  ? 1.2189 1.5076 1.1102 -0.0829 0.1322  0.2956  1  ALA D N   
2   C CA  . ALA A 1  ? 1.1304 1.2725 0.9900 -0.0793 0.1404  0.2690  1  ALA D CA  
3   C C   . ALA A 1  ? 1.0626 1.1947 0.9021 -0.0615 0.1480  0.2133  1  ALA D C   
4   O O   . ALA A 1  ? 1.0544 1.2497 0.9179 -0.0450 0.1577  0.2048  1  ALA D O   
5   C CB  . ALA A 1  ? 1.2078 1.2615 1.0402 -0.1022 0.1246  0.2628  1  ALA D CB  
6   N N   . CYS A 2  ? 1.0253 1.0775 0.8233 -0.0660 0.1411  0.1770  2  CYS D N   
7   C CA  . CYS A 2  ? 0.9202 0.9293 0.6954 -0.0505 0.1539  0.1312  2  CYS D CA  
8   C C   . CYS A 2  ? 0.8993 0.9245 0.6592 -0.0513 0.1346  0.0967  2  CYS D C   
9   O O   . CYS A 2  ? 0.8485 0.8733 0.6019 -0.0653 0.1103  0.1049  2  CYS D O   
10  C CB  . CYS A 2  ? 1.2148 1.0746 0.9441 -0.0481 0.1759  0.1259  2  CYS D CB  
11  S SG  . CYS A 2  ? 1.2758 1.1135 1.0409 -0.0448 0.1984  0.1708  2  CYS D SG  
12  N N   . TYR A 3  ? 0.8231 0.8669 0.5900 -0.0359 0.1449  0.0586  3  TYR D N   
13  C CA  . TYR A 3  ? 0.7894 0.8678 0.5623 -0.0308 0.1294  0.0250  3  TYR D CA  
14  C C   . TYR A 3  ? 0.8276 0.7941 0.5605 -0.0209 0.1407  -0.0035 3  TYR D C   
15  O O   . TYR A 3  ? 0.8518 0.7753 0.5815 -0.0140 0.1692  -0.0113 3  TYR D O   
16  C CB  . TYR A 3  ? 0.8130 1.0300 0.6395 -0.0218 0.1335  0.0033  3  TYR D CB  
17  C CG  . TYR A 3  ? 0.8111 1.0809 0.6592 -0.0150 0.1208  -0.0316 3  TYR D CG  
18  C CD1 . TYR A 3  ? 0.8841 1.2336 0.7555 -0.0224 0.1042  -0.0194 3  TYR D CD1 
19  C CD2 . TYR A 3  ? 0.8603 1.1000 0.7158 -0.0007 0.1288  -0.0759 3  TYR D CD2 
20  C CE1 . TYR A 3  ? 0.9228 1.3243 0.8267 -0.0127 0.0964  -0.0527 3  TYR D CE1 
21  C CE2 . TYR A 3  ? 0.7985 1.0824 0.6843 0.0092  0.1187  -0.1081 3  TYR D CE2 
22  C CZ  . TYR A 3  ? 0.8508 1.2172 0.7619 0.0046  0.1027  -0.0975 3  TYR D CZ  
23  O OH  . TYR A 3  ? 0.8445 1.2600 0.7980 0.0175  0.0962  -0.1307 3  TYR D OH  
24  N N   . CYS A 4  ? 0.8754 0.7973 0.5824 -0.0197 0.1191  -0.0157 4  CYS D N   
25  C CA  . CYS A 4  ? 0.9115 0.7134 0.5654 -0.0110 0.1286  -0.0319 4  CYS D CA  
26  C C   . CYS A 4  ? 0.9793 0.8185 0.6752 0.0053  0.1387  -0.0679 4  CYS D C   
27  O O   . CYS A 4  ? 0.8498 0.7762 0.5948 0.0116  0.1203  -0.0850 4  CYS D O   
28  C CB  . CYS A 4  ? 0.9765 0.6990 0.5721 -0.0177 0.0937  -0.0208 4  CYS D CB  
29  S SG  . CYS A 4  ? 1.0494 0.7303 0.6068 -0.0426 0.0774  0.0135  4  CYS D SG  
30  N N   . ARG A 5  ? 0.9600 0.7336 0.6443 0.0114  0.1721  -0.0810 5  ARG D N   
31  C CA  . ARG A 5  ? 1.0092 0.8038 0.7405 0.0236  0.1872  -0.1172 5  ARG D CA  
32  C C   . ARG A 5  ? 1.0925 0.7516 0.7741 0.0283  0.2120  -0.1174 5  ARG D C   
33  O O   . ARG A 5  ? 1.0831 0.6460 0.6987 0.0223  0.2308  -0.0952 5  ARG D O   
34  C CB  . ARG A 5  ? 0.9593 0.8416 0.7571 0.0224  0.2107  -0.1367 5  ARG D CB  
35  C CG  . ARG A 5  ? 0.8597 0.8742 0.6948 0.0171  0.1937  -0.1296 5  ARG D CG  
36  C CD  . ARG A 5  ? 0.9393 1.0516 0.8407 0.0190  0.2061  -0.1614 5  ARG D CD  
37  N NE  . ARG A 5  ? 0.9129 1.1454 0.8332 0.0139  0.1912  -0.1445 5  ARG D NE  
38  C CZ  . ARG A 5  ? 0.8110 1.1493 0.7471 0.0145  0.1729  -0.1560 5  ARG D CZ  
39  N NH1 . ARG A 5  ? 0.8917 1.2317 0.8382 0.0219  0.1665  -0.1882 5  ARG D NH1 
40  N NH2 . ARG A 5  ? 0.8354 1.2768 0.7780 0.0089  0.1634  -0.1326 5  ARG D NH2 
41  N N   . ILE A 6  ? 1.0827 0.7316 0.7965 0.0395  0.2164  -0.1429 6  ILE D N   
42  C CA  . ILE A 6  ? 1.0833 0.6216 0.7729 0.0425  0.2522  -0.1446 6  ILE D CA  
43  C C   . ILE A 6  ? 1.1363 0.7384 0.9241 0.0458  0.2726  -0.1868 6  ILE D C   
44  O O   . ILE A 6  ? 1.1688 0.8759 1.0203 0.0509  0.2508  -0.2162 6  ILE D O   
45  C CB  . ILE A 6  ? 1.2439 0.6746 0.8668 0.0529  0.2348  -0.1271 6  ILE D CB  
46  C CG1 . ILE A 6  ? 1.2316 0.7326 0.9151 0.0673  0.1975  -0.1463 6  ILE D CG1 
47  C CG2 . ILE A 6  ? 1.2307 0.5841 0.7457 0.0464  0.2134  -0.0911 6  ILE D CG2 
48  C CD1 . ILE A 6  ? 1.3929 0.7974 1.0254 0.0816  0.1732  -0.1249 6  ILE D CD1 
49  N N   . PRO A 7  ? 1.1939 0.7369 0.9978 0.0408  0.3167  -0.1932 7  PRO D N   
50  C CA  . PRO A 7  ? 1.3189 0.7436 1.0525 0.0348  0.3550  -0.1625 7  PRO D CA  
51  C C   . PRO A 7  ? 1.3182 0.7855 1.0618 0.0255  0.3710  -0.1529 7  PRO D C   
52  O O   . PRO A 7  ? 1.4112 0.7881 1.0867 0.0222  0.3988  -0.1268 7  PRO D O   
53  C CB  . PRO A 7  ? 1.3368 0.7139 1.1232 0.0326  0.3987  -0.1810 7  PRO D CB  
54  C CG  . PRO A 7  ? 1.2317 0.7402 1.1374 0.0299  0.3879  -0.2283 7  PRO D CG  
55  C CD  . PRO A 7  ? 1.2453 0.8385 1.1495 0.0396  0.3353  -0.2377 7  PRO D CD  
56  N N   . ALA A 8  ? 1.3088 0.9096 1.1337 0.0228  0.3550  -0.1733 8  ALA D N   
57  C CA  . ALA A 8  ? 1.2272 0.8733 1.0763 0.0175  0.3680  -0.1597 8  ALA D CA  
58  C C   . ALA A 8  ? 1.1238 0.9155 1.0210 0.0170  0.3297  -0.1653 8  ALA D C   
59  O O   . ALA A 8  ? 1.0801 0.9473 1.0004 0.0196  0.3000  -0.1887 8  ALA D O   
60  C CB  . ALA A 8  ? 1.1992 0.8398 1.1209 0.0127  0.4135  -0.1757 8  ALA D CB  
61  N N   . CYS A 9  ? 1.0483 0.8771 0.9605 0.0150  0.3337  -0.1422 9  CYS D N   
62  C CA  . CYS A 9  ? 1.0013 0.9619 0.9489 0.0145  0.3004  -0.1353 9  CYS D CA  
63  C C   . CYS A 9  ? 0.9555 1.0357 0.9887 0.0134  0.2916  -0.1758 9  CYS D C   
64  O O   . CYS A 9  ? 1.1032 1.1613 1.1856 0.0110  0.3158  -0.2050 9  CYS D O   
65  C CB  . CYS A 9  ? 0.8242 0.7764 0.7691 0.0152  0.3094  -0.0941 9  CYS D CB  
66  S SG  . CYS A 9  ? 1.0184 0.8328 0.8578 0.0126  0.3140  -0.0576 9  CYS D SG  
67  N N   . ILE A 10 ? 0.8857 1.0916 0.9345 0.0132  0.2578  -0.1795 10 ILE D N   
68  C CA  . ILE A 10 ? 0.9774 1.3030 1.0928 0.0107  0.2439  -0.2236 10 ILE D CA  
69  C C   . ILE A 10 ? 0.9137 1.3285 1.0732 0.0104  0.2330  -0.2017 10 ILE D C   
70  O O   . ILE A 10 ? 0.8990 1.2880 1.0388 0.0141  0.2360  -0.1497 10 ILE D O   
71  C CB  . ILE A 10 ? 1.0107 1.4246 1.1096 0.0119  0.2163  -0.2503 10 ILE D CB  
72  C CG1 . ILE A 10 ? 0.9914 1.3145 1.0524 0.0167  0.2223  -0.2585 10 ILE D CG1 
73  C CG2 . ILE A 10 ? 1.1528 1.6676 1.3092 0.0085  0.2062  -0.3127 10 ILE D CG2 
74  C CD1 . ILE A 10 ? 1.0670 1.4691 1.1210 0.0209  0.2014  -0.2808 10 ILE D CD1 
75  N N   . ALA A 11 ? 0.9428 1.4610 1.1649 0.0063  0.2179  -0.2417 11 ALA D N   
76  C CA  . ALA A 11 ? 0.8840 1.5038 1.1508 0.0076  0.1968  -0.2211 11 ALA D CA  
77  C C   . ALA A 11 ? 0.8864 1.5685 1.0988 0.0127  0.1713  -0.1686 11 ALA D C   
78  O O   . ALA A 11 ? 0.8071 1.5298 0.9690 0.0109  0.1576  -0.1768 11 ALA D O   
79  C CB  . ALA A 11 ? 0.8250 1.5588 1.1504 -0.0004 0.1727  -0.2808 11 ALA D CB  
80  N N   . GLY A 12 ? 0.8385 1.5274 1.0697 0.0197  0.1684  -0.1132 12 GLY D N   
81  C CA  . GLY A 12 ? 0.8258 1.5540 1.0114 0.0237  0.1498  -0.0529 12 GLY D CA  
82  C C   . GLY A 12 ? 0.9073 1.5059 1.0522 0.0256  0.1751  -0.0090 12 GLY D C   
83  O O   . GLY A 12 ? 0.9891 1.5926 1.1172 0.0289  0.1672  0.0491  12 GLY D O   
84  N N   . GLU A 13 ? 0.8345 1.3140 0.9603 0.0227  0.2043  -0.0363 13 GLU D N   
85  C CA  . GLU A 13 ? 0.8235 1.1744 0.8980 0.0223  0.2252  -0.0038 13 GLU D CA  
86  C C   . GLU A 13 ? 0.8362 1.0845 0.9386 0.0287  0.2636  -0.0002 13 GLU D C   
87  O O   . GLU A 13 ? 0.8338 1.0974 0.9966 0.0308  0.2787  -0.0303 13 GLU D O   
88  C CB  . GLU A 13 ? 0.7506 1.0352 0.7647 0.0153  0.2273  -0.0309 13 GLU D CB  
89  C CG  . GLU A 13 ? 0.7281 1.1161 0.7272 0.0108  0.1977  -0.0456 13 GLU D CG  
90  C CD  . GLU A 13 ? 0.7288 1.0564 0.6874 0.0080  0.1977  -0.0721 13 GLU D CD  
91  O OE1 . GLU A 13 ? 0.7891 1.0277 0.7441 0.0105  0.2166  -0.1002 13 GLU D OE1 
92  O OE2 . GLU A 13 ? 0.7450 1.1198 0.6819 0.0039  0.1791  -0.0627 13 GLU D OE2 
93  N N   . ARG A 14 ? 0.9634 1.1048 1.0227 0.0299  0.2821  0.0331  14 ARG D N   
94  C CA  . ARG A 14 ? 1.0568 1.0778 1.1190 0.0356  0.3281  0.0326  14 ARG D CA  
95  C C   . ARG A 14 ? 1.0086 0.8965 0.9712 0.0278  0.3406  0.0311  14 ARG D C   
96  O O   . ARG A 14 ? 1.0836 0.9669 0.9972 0.0206  0.3145  0.0518  14 ARG D O   
97  C CB  . ARG A 14 ? 1.1612 1.1832 1.2761 0.0483  0.3401  0.0754  14 ARG D CB  
98  C CG  . ARG A 14 ? 1.2729 1.3938 1.4994 0.0598  0.3395  0.0748  14 ARG D CG  
99  C CD  . ARG A 14 ? 1.3956 1.4507 1.6678 0.0630  0.3897  0.0438  14 ARG D CD  
100 N NE  . ARG A 14 ? 1.5697 1.4949 1.8226 0.0719  0.4400  0.0615  14 ARG D NE  
101 C CZ  . ARG A 14 ? 1.6126 1.5392 1.9494 0.0892  0.4650  0.0853  14 ARG D CZ  
102 N NH1 . ARG A 14 ? 1.5864 1.6419 2.0348 0.0996  0.4381  0.0994  14 ARG D NH1 
103 N NH2 . ARG A 14 ? 1.7049 1.5046 2.0146 0.0973  0.5162  0.0935  14 ARG D NH2 
104 N N   . ARG A 15 ? 1.1401 0.9203 1.0716 0.0279  0.3795  0.0081  15 ARG D N   
105 C CA  . ARG A 15 ? 1.1351 0.7861 0.9601 0.0210  0.3873  0.0071  15 ARG D CA  
106 C C   . ARG A 15 ? 1.3030 0.8593 1.0897 0.0226  0.4086  0.0328  15 ARG D C   
107 O O   . ARG A 15 ? 1.4025 0.9199 1.2263 0.0327  0.4523  0.0365  15 ARG D O   
108 C CB  . ARG A 15 ? 1.1971 0.7629 0.9877 0.0203  0.4214  -0.0221 15 ARG D CB  
109 C CG  . ARG A 15 ? 1.3666 0.7918 1.0349 0.0148  0.4293  -0.0196 15 ARG D CG  
110 C CD  . ARG A 15 ? 1.4439 0.7887 1.0682 0.0145  0.4578  -0.0399 15 ARG D CD  
111 N NE  . ARG A 15 ? 1.6133 0.8281 1.1062 0.0096  0.4566  -0.0337 15 ARG D NE  
112 C CZ  . ARG A 15 ? 1.6966 0.8422 1.1203 0.0086  0.4552  -0.0410 15 ARG D CZ  
113 N NH1 . ARG A 15 ? 1.6162 0.8059 1.0979 0.0118  0.4584  -0.0564 15 ARG D NH1 
114 N NH2 . ARG A 15 ? 1.8596 0.8920 1.1566 0.0041  0.4467  -0.0330 15 ARG D NH2 
115 N N   . ALA A 16 ? 1.2145 0.7303 0.9324 0.0121  0.3799  0.0467  16 ALA D N   
116 C CA  . ALA A 16 ? 1.3911 0.8185 1.0755 0.0104  0.3939  0.0670  16 ALA D CA  
117 C C   . ALA A 16 ? 1.5034 0.7942 1.0650 -0.0021 0.3938  0.0523  16 ALA D C   
118 O O   . ALA A 16 ? 1.5394 0.7385 1.0588 -0.0063 0.4070  0.0585  16 ALA D O   
119 C CB  . ALA A 16 ? 1.3606 0.8694 1.0915 0.0058  0.3570  0.1034  16 ALA D CB  
120 N N   . GLY A 17 ? 1.4240 0.6996 0.9282 -0.0076 0.3760  0.0323  17 GLY D N   
121 C CA  . GLY A 17 ? 1.4326 0.5862 0.8150 -0.0188 0.3660  0.0214  17 GLY D CA  
122 C C   . GLY A 17 ? 1.4702 0.6274 0.8076 -0.0213 0.3358  0.0079  17 GLY D C   
123 O O   . GLY A 17 ? 1.4043 0.6181 0.7905 -0.0119 0.3455  -0.0022 17 GLY D O   
124 N N   . THR A 18 ? 1.4686 0.5643 0.7190 -0.0339 0.2970  0.0068  18 THR D N   
125 C CA  . THR A 18 ? 1.4489 0.5399 0.6572 -0.0326 0.2643  -0.0015 18 THR D CA  
126 C C   . THR A 18 ? 1.5154 0.6577 0.7287 -0.0457 0.1975  0.0060  18 THR D C   
127 O O   . THR A 18 ? 1.5070 0.6455 0.7194 -0.0610 0.1788  0.0158  18 THR D O   
128 C CB  . THR A 18 ? 1.7378 0.6786 0.8116 -0.0322 0.2836  -0.0099 18 THR D CB  
129 O OG1 . THR A 18 ? 1.7908 0.6353 0.7765 -0.0458 0.2804  -0.0117 18 THR D OG1 
130 C CG2 . THR A 18 ? 1.8115 0.7109 0.8904 -0.0195 0.3532  -0.0163 18 THR D CG2 
131 N N   . CYS A 19 ? 1.3935 0.5832 0.6221 -0.0396 0.1636  0.0015  19 CYS D N   
132 C CA  . CYS A 19 ? 1.3387 0.5592 0.5643 -0.0508 0.1011  0.0072  19 CYS D CA  
133 C C   . CYS A 19 ? 1.4299 0.5615 0.5642 -0.0451 0.0760  0.0028  19 CYS D C   
134 O O   . CYS A 19 ? 1.4690 0.5530 0.5741 -0.0297 0.1067  -0.0023 19 CYS D O   
135 C CB  . CYS A 19 ? 1.3300 0.7032 0.6708 -0.0462 0.0782  0.0084  19 CYS D CB  
136 S SG  . CYS A 19 ? 1.1751 0.6688 0.6205 -0.0416 0.1164  0.0120  19 CYS D SG  
137 N N   . ALA A 20 ? 1.4775 0.5941 0.5766 -0.0578 0.0175  0.0077  20 ALA D N   
138 C CA  . ALA A 20 ? 1.5943 0.6336 0.6058 -0.0517 -0.0197 0.0094  20 ALA D CA  
139 C C   . ALA A 20 ? 1.6167 0.7451 0.6963 -0.0550 -0.0884 0.0150  20 ALA D C   
140 O O   . ALA A 20 ? 1.5320 0.6920 0.6347 -0.0773 -0.1243 0.0175  20 ALA D O   
141 C CB  . ALA A 20 ? 1.7202 0.6153 0.5832 -0.0667 -0.0234 0.0065  20 ALA D CB  
142 N N   . TYR A 21 ? 1.5435 0.7156 0.6697 -0.0326 -0.1027 0.0163  21 TYR D N   
143 C CA  . TYR A 21 ? 1.4800 0.7341 0.6785 -0.0294 -0.1650 0.0212  21 TYR D CA  
144 C C   . TYR A 21 ? 1.5187 0.7786 0.7451 0.0015  -0.1678 0.0219  21 TYR D C   
145 O O   . TYR A 21 ? 1.4671 0.6998 0.6894 0.0164  -0.1157 0.0151  21 TYR D O   
146 C CB  . TYR A 21 ? 1.3591 0.7601 0.6906 -0.0396 -0.1654 0.0178  21 TYR D CB  
147 C CG  . TYR A 21 ? 1.3051 0.7976 0.7243 -0.0245 -0.1123 0.0057  21 TYR D CG  
148 C CD1 . TYR A 21 ? 1.1977 0.7711 0.7022 -0.0012 -0.1149 -0.0061 21 TYR D CD1 
149 C CD2 . TYR A 21 ? 1.2506 0.7512 0.6712 -0.0334 -0.0625 0.0041  21 TYR D CD2 
150 C CE1 . TYR A 21 ? 1.1120 0.7692 0.6896 0.0098  -0.0699 -0.0247 21 TYR D CE1 
151 C CE2 . TYR A 21 ? 1.1903 0.7796 0.6868 -0.0214 -0.0224 -0.0085 21 TYR D CE2 
152 C CZ  . TYR A 21 ? 1.1950 0.8619 0.7645 -0.0016 -0.0267 -0.0253 21 TYR D CZ  
153 O OH  . TYR A 21 ? 1.1512 0.9058 0.7885 0.0075  0.0106  -0.0448 21 TYR D OH  
154 N N   . GLN A 22 ? 1.4980 0.7934 0.7629 0.0108  -0.2293 0.0302  22 GLN D N   
155 C CA  . GLN A 22 ? 1.5240 0.8069 0.8115 0.0430  -0.2424 0.0363  22 GLN D CA  
156 C C   . GLN A 22 ? 1.6331 0.7722 0.7953 0.0548  -0.2156 0.0494  22 GLN D C   
157 O O   . GLN A 22 ? 1.6325 0.7574 0.8263 0.0801  -0.1912 0.0505  22 GLN D O   
158 C CB  . GLN A 22 ? 1.4027 0.8087 0.8369 0.0621  -0.2109 0.0153  22 GLN D CB  
159 C CG  . GLN A 22 ? 1.3764 0.9245 0.9315 0.0545  -0.2416 0.0083  22 GLN D CG  
160 C CD  . GLN A 22 ? 1.5514 1.1294 1.1638 0.0730  -0.3070 0.0198  22 GLN D CD  
161 O OE1 . GLN A 22 ? 1.6599 1.1400 1.1949 0.0847  -0.3470 0.0408  22 GLN D OE1 
162 N NE2 . GLN A 22 ? 1.5120 1.2282 1.2613 0.0767  -0.3177 0.0086  22 GLN D NE2 
163 N N   . GLY A 23 ? 1.7356 0.7650 0.7560 0.0355  -0.2166 0.0582  23 GLY D N   
164 C CA  . GLY A 23 ? 1.8685 0.7547 0.7490 0.0444  -0.1968 0.0762  23 GLY D CA  
165 C C   . GLY A 23 ? 1.8732 0.7152 0.7344 0.0438  -0.1076 0.0660  23 GLY D C   
166 O O   . GLY A 23 ? 1.9632 0.6859 0.7107 0.0485  -0.0753 0.0812  23 GLY D O   
167 N N   . ARG A 24 ? 1.7154 0.6553 0.6883 0.0382  -0.0669 0.0426  24 ARG D N   
168 C CA  . ARG A 24 ? 1.7846 0.6942 0.7583 0.0385  0.0129  0.0325  24 ARG D CA  
169 C C   . ARG A 24 ? 1.7362 0.6779 0.7273 0.0189  0.0520  0.0167  24 ARG D C   
170 O O   . ARG A 24 ? 1.6452 0.6447 0.6623 0.0037  0.0204  0.0129  24 ARG D O   
171 C CB  . ARG A 24 ? 1.7707 0.7419 0.8604 0.0590  0.0387  0.0214  24 ARG D CB  
172 C CG  . ARG A 24 ? 1.6304 0.7565 0.8683 0.0637  0.0168  -0.0009 24 ARG D CG  
173 C CD  . ARG A 24 ? 1.4992 0.6536 0.8267 0.0866  0.0352  -0.0147 24 ARG D CD  
174 N NE  . ARG A 24 ? 1.4892 0.5660 0.7897 0.0865  0.0981  -0.0166 24 ARG D NE  
175 C CZ  . ARG A 24 ? 1.5410 0.6358 0.9250 0.0983  0.1306  -0.0357 24 ARG D CZ  
176 N NH1 . ARG A 24 ? 1.4855 0.6642 0.9761 0.1150  0.1065  -0.0566 24 ARG D NH1 
177 N NH2 . ARG A 24 ? 1.7149 0.7369 1.0773 0.0932  0.1890  -0.0348 24 ARG D NH2 
178 N N   . ALA A 25 ? 1.6647 0.5659 0.6475 0.0197  0.1214  0.0107  25 ALA D N   
179 C CA  . ALA A 25 ? 1.5906 0.5135 0.5948 0.0061  0.1627  -0.0002 25 ALA D CA  
180 C C   . ALA A 25 ? 1.5593 0.6065 0.7073 0.0127  0.1871  -0.0166 25 ALA D C   
181 O O   . ALA A 25 ? 1.4758 0.5271 0.6674 0.0246  0.2142  -0.0243 25 ALA D O   
182 C CB  . ALA A 25 ? 1.7009 0.4983 0.6045 0.0034  0.2250  0.0032  25 ALA D CB  
183 N N   . TRP A 26 ? 1.3679 0.5151 0.5874 0.0038  0.1751  -0.0216 26 TRP D N   
184 C CA  . TRP A 26 ? 1.2493 0.5260 0.5937 0.0082  0.1906  -0.0370 26 TRP D CA  
185 C C   . TRP A 26 ? 1.3661 0.6538 0.7302 0.0005  0.2301  -0.0342 26 TRP D C   
186 O O   . TRP A 26 ? 1.3481 0.5690 0.6481 -0.0096 0.2331  -0.0213 26 TRP D O   
187 C CB  . TRP A 26 ? 1.2035 0.6009 0.6167 0.0059  0.1418  -0.0382 26 TRP D CB  
188 C CG  . TRP A 26 ? 1.2032 0.5944 0.6040 0.0131  0.0935  -0.0360 26 TRP D CG  
189 C CD1 . TRP A 26 ? 1.2901 0.6015 0.6068 0.0073  0.0538  -0.0192 26 TRP D CD1 
190 C CD2 . TRP A 26 ? 1.2360 0.7114 0.7200 0.0288  0.0764  -0.0529 26 TRP D CD2 
191 N NE1 . TRP A 26 ? 1.3152 0.6584 0.6640 0.0202  0.0104  -0.0196 26 TRP D NE1 
192 C CE2 . TRP A 26 ? 1.2056 0.6474 0.6601 0.0347  0.0269  -0.0407 26 TRP D CE2 
193 C CE3 . TRP A 26 ? 1.1712 0.7463 0.7523 0.0388  0.0973  -0.0805 26 TRP D CE3 
194 C CZ2 . TRP A 26 ? 1.1798 0.6832 0.7087 0.0536  0.0021  -0.0525 26 TRP D CZ2 
195 C CZ3 . TRP A 26 ? 1.0985 0.7309 0.7447 0.0554  0.0755  -0.0983 26 TRP D CZ3 
196 C CH2 . TRP A 26 ? 1.1201 0.7162 0.7453 0.0642  0.0304  -0.0828 26 TRP D CH2 
197 N N   . ALA A 27 ? 1.2606 0.6313 0.7165 0.0057  0.2583  -0.0476 27 ALA D N   
198 C CA  . ALA A 27 ? 1.2676 0.6697 0.7621 0.0017  0.2868  -0.0404 27 ALA D CA  
199 C C   . ALA A 27 ? 1.2092 0.7088 0.7429 -0.0057 0.2503  -0.0258 27 ALA D C   
200 O O   . ALA A 27 ? 1.0541 0.6532 0.6351 -0.0048 0.2183  -0.0327 27 ALA D O   
201 C CB  . ALA A 27 ? 1.2064 0.6764 0.7923 0.0086  0.3193  -0.0593 27 ALA D CB  
202 N N   . ALA A 28 ? 1.1652 0.6360 0.6836 -0.0128 0.2596  -0.0051 28 ALA D N   
203 C CA  . ALA A 28 ? 1.0742 0.6395 0.6423 -0.0204 0.2334  0.0161  28 ALA D CA  
204 C C   . ALA A 28 ? 1.1232 0.7819 0.7767 -0.0118 0.2551  0.0209  28 ALA D C   
205 O O   . ALA A 28 ? 1.1405 0.7531 0.8048 -0.0056 0.2921  0.0251  28 ALA D O   
206 C CB  . ALA A 28 ? 1.1736 0.6572 0.6904 -0.0332 0.2287  0.0379  28 ALA D CB  
207 N N   . CYS A 29 ? 0.9828 0.7760 0.6975 -0.0108 0.2320  0.0190  29 CYS D N   
208 C CA  . CYS A 29 ? 0.9662 0.8619 0.7566 -0.0027 0.2427  0.0177  29 CYS D CA  
209 C C   . CYS A 29 ? 0.9364 0.9280 0.7622 -0.0065 0.2234  0.0549  29 CYS D C   
210 O O   . CYS A 29 ? 0.8274 0.8894 0.6520 -0.0143 0.1961  0.0634  29 CYS D O   
211 C CB  . CYS A 29 ? 0.9305 0.9029 0.7570 0.0026  0.2363  -0.0227 29 CYS D CB  
212 S SG  . CYS A 29 ? 0.9582 0.8082 0.7462 0.0070  0.2605  -0.0570 29 CYS D SG  
213 N N   . CYS A 30 ? 1.0403 1.0351 0.9029 0.0002  0.2401  0.0801  30 CYS D N   
220 N N   . ALA B 1  ? 1.1841 1.2522 1.2208 -0.0381 -0.0127 -0.3575 1  ALA E N   
221 C CA  . ALA B 1  ? 1.1035 1.0124 1.0437 -0.0387 -0.0183 -0.3104 1  ALA E CA  
222 C C   . ALA B 1  ? 1.1022 1.0266 0.9984 -0.0347 -0.0368 -0.2675 1  ALA E C   
223 O O   . ALA B 1  ? 1.0776 1.0761 1.0061 -0.0277 -0.0683 -0.2662 1  ALA E O   
224 C CB  . ALA B 1  ? 1.1759 0.9910 1.0724 -0.0516 0.0263  -0.2980 1  ALA E CB  
225 N N   . CYS B 2  ? 1.0429 0.8980 0.8715 -0.0397 -0.0141 -0.2330 2  CYS E N   
226 C CA  . CYS B 2  ? 0.8902 0.7150 0.6640 -0.0368 -0.0354 -0.1916 2  CYS E CA  
227 C C   . CYS B 2  ? 0.9038 0.7746 0.6726 -0.0382 -0.0059 -0.1695 2  CYS E C   
228 O O   . CYS B 2  ? 0.9046 0.7825 0.6834 -0.0410 0.0350  -0.1788 2  CYS E O   
229 C CB  . CYS B 2  ? 1.1810 0.8297 0.8508 -0.0350 -0.0535 -0.1681 2  CYS E CB  
230 S SG  . CYS B 2  ? 1.2980 0.8878 0.9800 -0.0282 -0.0899 -0.1914 2  CYS E SG  
231 N N   . TYR B 3  ? 0.8526 0.7573 0.6159 -0.0363 -0.0279 -0.1394 3  TYR E N   
232 C CA  . TYR B 3  ? 0.8136 0.7852 0.5907 -0.0338 -0.0072 -0.1160 3  TYR E CA  
233 C C   . TYR B 3  ? 0.8618 0.7186 0.5608 -0.0326 -0.0168 -0.0769 3  TYR E C   
234 O O   . TYR B 3  ? 0.9376 0.7353 0.6058 -0.0365 -0.0557 -0.0644 3  TYR E O   
235 C CB  . TYR B 3  ? 0.7802 0.9165 0.6343 -0.0329 -0.0226 -0.1146 3  TYR E CB  
236 C CG  . TYR B 3  ? 0.8298 1.0540 0.7073 -0.0273 -0.0033 -0.0903 3  TYR E CG  
237 C CD1 . TYR B 3  ? 0.8793 1.0888 0.7362 -0.0265 -0.0147 -0.0430 3  TYR E CD1 
238 C CD2 . TYR B 3  ? 0.8792 1.1992 0.8042 -0.0225 0.0227  -0.1142 3  TYR E CD2 
239 C CE1 . TYR B 3  ? 0.8570 1.1407 0.7360 -0.0177 0.0009  -0.0155 3  TYR E CE1 
240 C CE2 . TYR B 3  ? 0.8877 1.2904 0.8355 -0.0135 0.0346  -0.0892 3  TYR E CE2 
241 C CZ  . TYR B 3  ? 0.8183 1.2001 0.7409 -0.0094 0.0242  -0.0376 3  TYR E CZ  
242 O OH  . TYR B 3  ? 0.8122 1.2706 0.7585 0.0031  0.0338  -0.0082 3  TYR E OH  
243 N N   . CYS B 4  ? 0.9062 0.7353 0.5803 -0.0264 0.0163  -0.0610 4  CYS E N   
244 C CA  . CYS B 4  ? 0.9767 0.6820 0.5703 -0.0227 0.0114  -0.0322 4  CYS E CA  
245 C C   . CYS B 4  ? 0.9677 0.7348 0.5947 -0.0216 -0.0068 0.0020  4  CYS E C   
246 O O   . CYS B 4  ? 0.8745 0.7607 0.5657 -0.0154 0.0100  0.0120  4  CYS E O   
247 C CB  . CYS B 4  ? 1.0423 0.6732 0.5905 -0.0131 0.0621  -0.0350 4  CYS E CB  
248 S SG  . CYS B 4  ? 1.1236 0.6892 0.6438 -0.0190 0.0949  -0.0678 4  CYS E SG  
249 N N   . ARG B 5  ? 1.0331 0.7198 0.6184 -0.0286 -0.0446 0.0208  5  ARG E N   
250 C CA  . ARG B 5  ? 1.0668 0.7934 0.6853 -0.0327 -0.0648 0.0579  5  ARG E CA  
251 C C   . ARG B 5  ? 1.1495 0.7254 0.6917 -0.0344 -0.0843 0.0733  5  ARG E C   
252 O O   . ARG B 5  ? 1.1630 0.6119 0.6234 -0.0356 -0.0992 0.0547  5  ARG E O   
253 C CB  . ARG B 5  ? 1.1019 0.9186 0.7832 -0.0483 -0.1032 0.0646  5  ARG E CB  
254 C CG  . ARG B 5  ? 0.9987 0.9579 0.7497 -0.0473 -0.0933 0.0411  5  ARG E CG  
255 C CD  . ARG B 5  ? 0.9793 1.0511 0.8013 -0.0593 -0.1184 0.0597  5  ARG E CD  
256 N NE  . ARG B 5  ? 0.9338 1.1309 0.8135 -0.0558 -0.1110 0.0270  5  ARG E NE  
257 C CZ  . ARG B 5  ? 0.8365 1.1656 0.7581 -0.0477 -0.0844 0.0219  5  ARG E CZ  
258 N NH1 . ARG B 5  ? 0.8281 1.1830 0.7444 -0.0410 -0.0648 0.0528  5  ARG E NH1 
259 N NH2 . ARG B 5  ? 0.7521 1.1854 0.7200 -0.0440 -0.0802 -0.0165 5  ARG E NH2 
260 N N   . ILE B 6  ? 1.1633 0.7505 0.7300 -0.0339 -0.0872 0.1075  6  ILE E N   
261 C CA  . ILE B 6  ? 1.2074 0.6724 0.7274 -0.0425 -0.1205 0.1222  6  ILE E CA  
262 C C   . ILE B 6  ? 1.2583 0.8160 0.8644 -0.0595 -0.1454 0.1619  6  ILE E C   
263 O O   . ILE B 6  ? 1.2091 0.9008 0.8848 -0.0550 -0.1234 0.1841  6  ILE E O   
264 C CB  . ILE B 6  ? 1.3458 0.6988 0.8032 -0.0235 -0.0928 0.1250  6  ILE E CB  
265 C CG1 . ILE B 6  ? 1.2555 0.7092 0.7810 -0.0068 -0.0557 0.1521  6  ILE E CG1 
266 C CG2 . ILE B 6  ? 1.3754 0.6286 0.7395 -0.0093 -0.0634 0.0889  6  ILE E CG2 
267 C CD1 . ILE B 6  ? 1.4271 0.7799 0.9074 0.0171  -0.0259 0.1542  6  ILE E CD1 
268 N N   . PRO B 7  ? 1.3228 0.8139 0.9260 -0.0805 -0.1918 0.1720  7  PRO E N   
269 C CA  . PRO B 7  ? 1.4435 0.7790 0.9626 -0.0872 -0.2304 0.1461  7  PRO E CA  
270 C C   . PRO B 7  ? 1.4827 0.8311 0.9949 -0.0944 -0.2597 0.1172  7  PRO E C   
271 O O   . PRO B 7  ? 1.6099 0.8316 1.0309 -0.0913 -0.2841 0.0907  7  PRO E O   
272 C CB  . PRO B 7  ? 1.5453 0.8529 1.1076 -0.1117 -0.2724 0.1751  7  PRO E CB  
273 C CG  . PRO B 7  ? 1.5091 0.9908 1.1906 -0.1262 -0.2665 0.2096  7  PRO E CG  
274 C CD  . PRO B 7  ? 1.3478 0.9309 1.0431 -0.1019 -0.2111 0.2144  7  PRO E CD  
275 N N   . ALA B 8  ? 1.3641 0.8603 0.9669 -0.1012 -0.2582 0.1217  8  ALA E N   
276 C CA  . ALA B 8  ? 1.2926 0.8049 0.9042 -0.1048 -0.2884 0.0945  8  ALA E CA  
277 C C   . ALA B 8  ? 1.1066 0.7825 0.8019 -0.1000 -0.2617 0.0878  8  ALA E C   
278 O O   . ALA B 8  ? 1.0887 0.8737 0.8352 -0.0970 -0.2261 0.1071  8  ALA E O   
279 C CB  . ALA B 8  ? 1.3005 0.7904 0.9492 -0.1281 -0.3512 0.1024  8  ALA E CB  
280 N N   . CYS B 9  ? 1.1458 0.8366 0.8531 -0.0971 -0.2817 0.0590  9  CYS E N   
281 C CA  . CYS B 9  ? 1.1216 0.9578 0.9055 -0.0904 -0.2590 0.0422  9  CYS E CA  
282 C C   . CYS B 9  ? 1.0535 1.0354 0.9439 -0.1048 -0.2648 0.0665  9  CYS E C   
283 O O   . CYS B 9  ? 1.2000 1.1612 1.1167 -0.1234 -0.2976 0.0920  9  CYS E O   
284 C CB  . CYS B 9  ? 1.0570 0.8549 0.8287 -0.0814 -0.2827 0.0059  9  CYS E CB  
285 S SG  . CYS B 9  ? 1.1845 0.8200 0.8285 -0.0661 -0.2640 -0.0151 9  CYS E SG  
286 N N   . ILE B 10 ? 0.9472 1.0764 0.8985 -0.0975 -0.2322 0.0577  10 ILE E N   
287 C CA  . ILE B 10 ? 0.9249 1.1998 0.9680 -0.1096 -0.2290 0.0821  10 ILE E CA  
288 C C   . ILE B 10 ? 0.9046 1.2527 1.0173 -0.1074 -0.2482 0.0506  10 ILE E C   
289 O O   . ILE B 10 ? 0.9307 1.2160 1.0196 -0.0945 -0.2649 0.0114  10 ILE E O   
290 C CB  . ILE B 10 ? 0.9748 1.3823 1.0390 -0.1012 -0.1823 0.0951  10 ILE E CB  
291 C CG1 . ILE B 10 ? 0.8735 1.3543 0.9466 -0.0819 -0.1604 0.0430  10 ILE E CG1 
292 C CG2 . ILE B 10 ? 1.0107 1.3507 1.0165 -0.0971 -0.1637 0.1245  10 ILE E CG2 
293 C CD1 . ILE B 10 ? 0.7569 1.3857 0.8544 -0.0733 -0.1235 0.0482  10 ILE E CD1 
294 N N   . ALA B 11 ? 0.9189 1.3979 1.1198 -0.1190 -0.2441 0.0703  11 ALA E N   
295 C CA  . ALA B 11 ? 0.8682 1.4407 1.1513 -0.1135 -0.2545 0.0395  11 ALA E CA  
296 C C   . ALA B 11 ? 0.8391 1.4629 1.1167 -0.0870 -0.2301 -0.0150 11 ALA E C   
297 O O   . ALA B 11 ? 0.7913 1.4763 1.0443 -0.0783 -0.1915 -0.0204 11 ALA E O   
298 C CB  . ALA B 11 ? 0.8344 1.5590 1.2083 -0.1289 -0.2354 0.0725  11 ALA E CB  
299 N N   . GLY B 12 ? 0.8222 1.4185 1.1265 -0.0738 -0.2565 -0.0560 12 GLY E N   
300 C CA  . GLY B 12 ? 0.7756 1.3971 1.0788 -0.0499 -0.2385 -0.1107 12 GLY E CA  
301 C C   . GLY B 12 ? 0.9805 1.4413 1.1962 -0.0417 -0.2505 -0.1283 12 GLY E C   
302 O O   . GLY B 12 ? 1.0814 1.5248 1.3017 -0.0242 -0.2486 -0.1726 12 GLY E O   
303 N N   . GLU B 13 ? 0.9706 1.3116 1.1068 -0.0541 -0.2598 -0.0935 13 GLU E N   
304 C CA  . GLU B 13 ? 0.9304 1.1160 0.9724 -0.0475 -0.2638 -0.1040 13 GLU E CA  
305 C C   . GLU B 13 ? 0.9955 1.0425 0.9931 -0.0507 -0.3175 -0.0913 13 GLU E C   
306 O O   . GLU B 13 ? 1.0047 1.0698 1.0418 -0.0632 -0.3514 -0.0690 13 GLU E O   
307 C CB  . GLU B 13 ? 0.8361 0.9799 0.8089 -0.0541 -0.2305 -0.0797 13 GLU E CB  
308 C CG  . GLU B 13 ? 0.7985 1.0797 0.8091 -0.0511 -0.1848 -0.0850 13 GLU E CG  
309 C CD  . GLU B 13 ? 0.7739 1.0158 0.7288 -0.0543 -0.1582 -0.0566 13 GLU E CD  
310 O OE1 . GLU B 13 ? 0.8303 0.9920 0.7465 -0.0637 -0.1736 -0.0194 13 GLU E OE1 
311 O OE2 . GLU B 13 ? 0.7520 1.0449 0.7083 -0.0467 -0.1240 -0.0737 13 GLU E OE2 
312 N N   . ARG B 14 ? 1.1081 1.0158 1.0207 -0.0409 -0.3253 -0.1039 14 ARG E N   
313 C CA  . ARG B 14 ? 1.1991 0.9548 1.0346 -0.0419 -0.3758 -0.0901 14 ARG E CA  
314 C C   . ARG B 14 ? 1.2131 0.8292 0.9202 -0.0412 -0.3502 -0.0812 14 ARG E C   
315 O O   . ARG B 14 ? 1.2553 0.8746 0.9444 -0.0349 -0.3027 -0.0959 14 ARG E O   
316 C CB  . ARG B 14 ? 1.4164 1.1343 1.2724 -0.0246 -0.4187 -0.1130 14 ARG E CB  
317 C CG  . ARG B 14 ? 1.5785 1.2020 1.3677 -0.0088 -0.3976 -0.1325 14 ARG E CG  
318 C CD  . ARG B 14 ? 1.6159 1.2664 1.4753 0.0118  -0.4196 -0.1625 14 ARG E CD  
319 N NE  . ARG B 14 ? 1.5970 1.2223 1.4415 0.0207  -0.3767 -0.1869 14 ARG E NE  
320 C CZ  . ARG B 14 ? 1.5922 1.3417 1.5218 0.0230  -0.3360 -0.2200 14 ARG E CZ  
321 N NH1 . ARG B 14 ? 1.5324 1.4414 1.5572 0.0199  -0.3293 -0.2294 14 ARG E NH1 
322 N NH2 . ARG B 14 ? 1.6164 1.3306 1.5353 0.0273  -0.3017 -0.2439 14 ARG E NH2 
323 N N   . ARG B 15 ? 1.3460 0.8435 0.9677 -0.0484 -0.3794 -0.0598 15 ARG E N   
324 C CA  . ARG B 15 ? 1.4407 0.8016 0.9335 -0.0450 -0.3520 -0.0534 15 ARG E CA  
325 C C   . ARG B 15 ? 1.6346 0.8702 1.0409 -0.0305 -0.3647 -0.0651 15 ARG E C   
326 O O   . ARG B 15 ? 1.7091 0.8821 1.0931 -0.0249 -0.4251 -0.0651 15 ARG E O   
327 C CB  . ARG B 15 ? 1.4616 0.7351 0.8868 -0.0557 -0.3773 -0.0320 15 ARG E CB  
328 C CG  . ARG B 15 ? 1.6020 0.7256 0.8839 -0.0485 -0.3492 -0.0293 15 ARG E CG  
329 C CD  . ARG B 15 ? 1.7134 0.7596 0.9395 -0.0575 -0.3726 -0.0152 15 ARG E CD  
330 N NE  . ARG B 15 ? 1.8619 0.7705 0.9508 -0.0473 -0.3391 -0.0168 15 ARG E NE  
331 C CZ  . ARG B 15 ? 2.1246 0.9761 1.1690 -0.0501 -0.3314 -0.0094 15 ARG E CZ  
332 N NH1 . ARG B 15 ? 2.1308 1.0458 1.2585 -0.0656 -0.3567 0.0046  15 ARG E NH1 
333 N NH2 . ARG B 15 ? 2.3527 1.0921 1.2768 -0.0364 -0.2939 -0.0146 15 ARG E NH2 
334 N N   . ALA B 16 ? 1.5666 0.7632 0.9248 -0.0247 -0.3091 -0.0719 16 ALA E N   
335 C CA  . ALA B 16 ? 1.6360 0.7183 0.9191 -0.0129 -0.3121 -0.0773 16 ALA E CA  
336 C C   . ALA B 16 ? 1.7561 0.6948 0.8947 -0.0115 -0.2747 -0.0635 16 ALA E C   
337 O O   . ALA B 16 ? 1.8701 0.6877 0.9153 -0.0027 -0.2756 -0.0582 16 ALA E O   
338 C CB  . ALA B 16 ? 1.6240 0.7883 0.9954 -0.0088 -0.2780 -0.1007 16 ALA E CB  
339 N N   . GLY B 17 ? 1.6094 0.5587 0.7275 -0.0182 -0.2409 -0.0557 17 GLY E N   
340 C CA  . GLY B 17 ? 1.7571 0.5824 0.7465 -0.0144 -0.1968 -0.0465 17 GLY E CA  
341 C C   . GLY B 17 ? 1.6466 0.5123 0.6489 -0.0181 -0.1575 -0.0416 17 GLY E C   
342 O O   . GLY B 17 ? 1.6299 0.5754 0.7024 -0.0246 -0.1839 -0.0370 17 GLY E O   
343 N N   . THR B 18 ? 1.7169 0.5286 0.6574 -0.0133 -0.0919 -0.0401 18 THR E N   
344 C CA  . THR B 18 ? 1.6086 0.4450 0.5567 -0.0109 -0.0534 -0.0353 18 THR E CA  
345 C C   . THR B 18 ? 1.6853 0.5981 0.6968 -0.0101 0.0220  -0.0411 18 THR E C   
346 O O   . THR B 18 ? 1.7042 0.6125 0.7223 -0.0135 0.0508  -0.0490 18 THR E O   
347 C CB  . THR B 18 ? 1.9901 0.6852 0.7949 -0.0007 -0.0476 -0.0284 18 THR E CB  
348 O OG1 . THR B 18 ? 2.0618 0.6845 0.7746 0.0054  -0.0155 -0.0233 18 THR E OG1 
349 C CG2 . THR B 18 ? 2.0127 0.6786 0.7877 -0.0031 -0.1250 -0.0231 18 THR E CG2 
350 N N   . CYS B 19 ? 1.4884 0.4751 0.5568 -0.0062 0.0507  -0.0368 19 CYS E N   
351 C CA  . CYS B 19 ? 1.5199 0.5601 0.6344 -0.0023 0.1221  -0.0425 19 CYS E CA  
352 C C   . CYS B 19 ? 1.5379 0.4976 0.5802 0.0129  0.1598  -0.0350 19 CYS E C   
353 O O   . CYS B 19 ? 1.5830 0.4858 0.5758 0.0188  0.1259  -0.0269 19 CYS E O   
354 C CB  . CYS B 19 ? 1.4268 0.6483 0.6905 -0.0061 0.1257  -0.0466 19 CYS E CB  
355 S SG  . CYS B 19 ? 1.2812 0.6209 0.6378 -0.0183 0.0658  -0.0551 19 CYS E SG  
356 N N   . ALA B 20 ? 1.6165 0.5770 0.6644 0.0191  0.2307  -0.0401 20 ALA E N   
357 C CA  . ALA B 20 ? 1.7049 0.6010 0.6981 0.0381  0.2750  -0.0370 20 ALA E CA  
358 C C   . ALA B 20 ? 1.7177 0.7355 0.8304 0.0441  0.3331  -0.0405 20 ALA E C   
359 O O   . ALA B 20 ? 1.5396 0.5919 0.6927 0.0347  0.3783  -0.0498 20 ALA E O   
360 C CB  . ALA B 20 ? 1.8110 0.5401 0.6466 0.0437  0.3101  -0.0400 20 ALA E CB  
361 N N   . TYR B 21 ? 1.5036 0.5887 0.6806 0.0590  0.3272  -0.0318 21 TYR E N   
362 C CA  . TYR B 21 ? 1.4398 0.6383 0.7290 0.0712  0.3755  -0.0331 21 TYR E CA  
363 C C   . TYR B 21 ? 1.4816 0.7016 0.8009 0.0943  0.3623  -0.0166 21 TYR E C   
364 O O   . TYR B 21 ? 1.4410 0.6227 0.7251 0.0928  0.3083  -0.0034 21 TYR E O   
365 C CB  . TYR B 21 ? 1.3103 0.6698 0.7301 0.0548  0.3644  -0.0409 21 TYR E CB  
366 C CG  . TYR B 21 ? 1.2703 0.7225 0.7436 0.0468  0.2963  -0.0311 21 TYR E CG  
367 C CD1 . TYR B 21 ? 1.1790 0.7344 0.7301 0.0602  0.2794  -0.0131 21 TYR E CD1 
368 C CD2 . TYR B 21 ? 1.3036 0.7448 0.7540 0.0272  0.2521  -0.0380 21 TYR E CD2 
369 C CE1 . TYR B 21 ? 1.1223 0.7667 0.7187 0.0518  0.2249  -0.0001 21 TYR E CE1 
370 C CE2 . TYR B 21 ? 1.2345 0.7702 0.7401 0.0203  0.1978  -0.0299 21 TYR E CE2 
371 C CZ  . TYR B 21 ? 1.1457 0.7819 0.7199 0.0313  0.1872  -0.0102 21 TYR E CZ  
372 O OH  . TYR B 21 ? 1.0854 0.8175 0.7089 0.0233  0.1405  0.0016  21 TYR E OH  
373 N N   . GLN B 22 ? 1.4500 0.7288 0.8410 0.1156  0.4117  -0.0166 22 GLN E N   
374 C CA  . GLN B 22 ? 1.4351 0.7141 0.8511 0.1444  0.4088  -0.0001 22 GLN E CA  
375 C C   . GLN B 22 ? 1.5589 0.6702 0.8460 0.1547  0.3931  0.0008  22 GLN E C   
376 O O   . GLN B 22 ? 1.6824 0.7818 0.9823 0.1662  0.3577  0.0189  22 GLN E O   
377 C CB  . GLN B 22 ? 1.3675 0.7887 0.8930 0.1433  0.3583  0.0242  22 GLN E CB  
378 C CG  . GLN B 22 ? 1.3032 0.8942 0.9583 0.1417  0.3754  0.0183  22 GLN E CG  
379 C CD  . GLN B 22 ? 1.4586 1.1020 1.1930 0.1750  0.4197  0.0224  22 GLN E CD  
380 O OE1 . GLN B 22 ? 1.5318 1.0708 1.2162 0.1986  0.4584  0.0199  22 GLN E OE1 
381 N NE2 . GLN B 22 ? 1.4470 1.2546 1.3064 0.1795  0.4118  0.0265  22 GLN E NE2 
382 N N   . GLY B 23 ? 1.6667 0.6462 0.8274 0.1491  0.4167  -0.0185 23 GLY E N   
383 C CA  . GLY B 23 ? 1.8100 0.6229 0.8355 0.1625  0.4103  -0.0274 23 GLY E CA  
384 C C   . GLY B 23 ? 1.8598 0.5989 0.8107 0.1419  0.3310  -0.0232 23 GLY E C   
385 O O   . GLY B 23 ? 1.9968 0.5916 0.8285 0.1497  0.3154  -0.0357 23 GLY E O   
386 N N   . ARG B 24 ? 1.7417 0.5790 0.7634 0.1165  0.2797  -0.0091 24 ARG E N   
387 C CA  . ARG B 24 ? 1.7597 0.5417 0.7328 0.0971  0.2038  -0.0040 24 ARG E CA  
388 C C   . ARG B 24 ? 1.7189 0.5175 0.6742 0.0716  0.1702  -0.0085 24 ARG E C   
389 O O   . ARG B 24 ? 1.6598 0.5269 0.6557 0.0657  0.2026  -0.0135 24 ARG E O   
390 C CB  . ARG B 24 ? 1.8020 0.6592 0.8714 0.0947  0.1600  0.0221  24 ARG E CB  
391 C CG  . ARG B 24 ? 1.7035 0.7463 0.9171 0.0895  0.1622  0.0430  24 ARG E CG  
392 C CD  . ARG B 24 ? 1.5512 0.6402 0.8358 0.0922  0.1284  0.0759  24 ARG E CD  
393 N NE  . ARG B 24 ? 1.5606 0.5408 0.7833 0.0769  0.0741  0.0787  24 ARG E NE  
394 C CZ  . ARG B 24 ? 1.5648 0.5652 0.8411 0.0676  0.0335  0.1090  24 ARG E CZ  
395 N NH1 . ARG B 24 ? 1.5225 0.6399 0.9021 0.0767  0.0433  0.1437  24 ARG E NH1 
396 N NH2 . ARG B 24 ? 1.7632 0.6600 0.9873 0.0497  -0.0168 0.1056  24 ARG E NH2 
397 N N   . ALA B 25 ? 1.7468 0.4800 0.6485 0.0569  0.1031  -0.0080 25 ALA E N   
398 C CA  . ALA B 25 ? 1.7326 0.4659 0.6125 0.0377  0.0644  -0.0127 25 ALA E CA  
399 C C   . ALA B 25 ? 1.6410 0.5111 0.6478 0.0203  0.0163  0.0033  25 ALA E C   
400 O O   . ALA B 25 ? 1.6072 0.4896 0.6503 0.0161  -0.0183 0.0182  25 ALA E O   
401 C CB  . ALA B 25 ? 1.8556 0.4683 0.6126 0.0347  0.0178  -0.0215 25 ALA E CB  
402 N N   . TRP B 26 ? 1.5323 0.5060 0.6092 0.0107  0.0199  0.0003  26 TRP E N   
403 C CA  . TRP B 26 ? 1.4033 0.5194 0.5981 -0.0035 -0.0165 0.0108  26 TRP E CA  
404 C C   . TRP B 26 ? 1.4868 0.5915 0.6699 -0.0164 -0.0621 -0.0005 26 TRP E C   
405 O O   . TRP B 26 ? 1.5397 0.5554 0.6433 -0.0133 -0.0538 -0.0145 26 TRP E O   
406 C CB  . TRP B 26 ? 1.2751 0.5408 0.5755 0.0003  0.0270  0.0094  26 TRP E CB  
407 C CG  . TRP B 26 ? 1.2735 0.5617 0.5963 0.0178  0.0778  0.0177  26 TRP E CG  
408 C CD1 . TRP B 26 ? 1.3652 0.5738 0.6301 0.0327  0.1312  0.0069  26 TRP E CD1 
409 C CD2 . TRP B 26 ? 1.3172 0.7230 0.7334 0.0248  0.0804  0.0402  26 TRP E CD2 
410 N NE1 . TRP B 26 ? 1.4052 0.6768 0.7316 0.0501  0.1649  0.0185  26 TRP E NE1 
411 C CE2 . TRP B 26 ? 1.2280 0.6181 0.6444 0.0462  0.1315  0.0407  26 TRP E CE2 
412 C CE3 . TRP B 26 ? 1.1924 0.7158 0.6903 0.0161  0.0464  0.0629  26 TRP E CE3 
413 C CZ2 . TRP B 26 ? 1.1983 0.6825 0.6950 0.0617  0.1421  0.0640  26 TRP E CZ2 
414 C CZ3 . TRP B 26 ? 1.1046 0.7188 0.6709 0.0293  0.0598  0.0892  26 TRP E CZ3 
415 C CH2 . TRP B 26 ? 1.1497 0.7428 0.7159 0.0530  0.1040  0.0899  26 TRP E CH2 
416 N N   . ALA B 27 ? 1.3806 0.5744 0.6441 -0.0293 -0.1090 0.0080  27 ALA E N   
417 C CA  . ALA B 27 ? 1.3702 0.5775 0.6489 -0.0370 -0.1489 -0.0050 27 ALA E CA  
418 C C   . ALA B 27 ? 1.3430 0.6563 0.6919 -0.0345 -0.1133 -0.0215 27 ALA E C   
419 O O   . ALA B 27 ? 1.1877 0.6255 0.6192 -0.0337 -0.0832 -0.0185 27 ALA E O   
420 C CB  . ALA B 27 ? 1.3764 0.6582 0.7331 -0.0512 -0.2031 0.0077  27 ALA E CB  
421 N N   . ALA B 28 ? 1.3428 0.6047 0.6591 -0.0327 -0.1200 -0.0393 28 ALA E N   
422 C CA  . ALA B 28 ? 1.2630 0.6220 0.6577 -0.0329 -0.0972 -0.0605 28 ALA E CA  
423 C C   . ALA B 28 ? 1.2993 0.7476 0.7757 -0.0369 -0.1460 -0.0683 28 ALA E C   
424 O O   . ALA B 28 ? 1.3312 0.7098 0.7755 -0.0360 -0.1943 -0.0681 28 ALA E O   
425 C CB  . ALA B 28 ? 1.3122 0.5645 0.6377 -0.0292 -0.0745 -0.0730 28 ALA E CB  
426 N N   . CYS B 29 ? 1.1290 0.7358 0.7115 -0.0394 -0.1337 -0.0756 29 CYS E N   
427 C CA  . CYS B 29 ? 1.0663 0.7747 0.7324 -0.0421 -0.1714 -0.0815 29 CYS E CA  
428 C C   . CYS B 29 ? 0.9427 0.7423 0.6825 -0.0363 -0.1600 -0.1187 29 CYS E C   
429 O O   . CYS B 29 ? 0.9323 0.8306 0.7203 -0.0356 -0.1228 -0.1355 29 CYS E O   
430 C CB  . CYS B 29 ? 1.0677 0.8873 0.7911 -0.0496 -0.1711 -0.0562 29 CYS E CB  
431 S SG  . CYS B 29 ? 1.0562 0.7615 0.7032 -0.0564 -0.1836 -0.0163 29 CYS E SG  
432 N N   . CYS B 30 ? 1.1423 0.9126 0.8966 -0.0309 -0.1973 -0.1338 30 CYS E N   
439 N N   . ALA C 1  ? 1.0755 1.4411 1.0148 -0.0718 -0.1227 0.2734  1  ALA A N   
440 C CA  . ALA C 1  ? 1.0134 1.2221 0.9050 -0.0433 -0.1313 0.2443  1  ALA A CA  
441 C C   . ALA C 1  ? 1.0335 1.2100 0.8923 -0.0486 -0.1328 0.1871  1  ALA A C   
442 O O   . ALA C 1  ? 1.0375 1.2575 0.9222 -0.0692 -0.1488 0.1759  1  ALA A O   
443 C CB  . ALA C 1  ? 1.0412 1.1778 0.8978 -0.0104 -0.1068 0.2458  1  ALA A CB  
444 N N   . CYS C 2  ? 1.0317 1.1303 0.8373 -0.0276 -0.1132 0.1543  2  CYS A N   
445 C CA  . CYS C 2  ? 0.8888 0.9186 0.6537 -0.0221 -0.1187 0.1054  2  CYS A CA  
446 C C   . CYS C 2  ? 0.8676 0.9164 0.6150 -0.0255 -0.0839 0.0749  2  CYS A C   
447 O O   . CYS C 2  ? 0.8183 0.8929 0.5717 -0.0221 -0.0552 0.0897  2  CYS A O   
448 C CB  . CYS C 2  ? 1.1461 1.0166 0.8492 0.0139  -0.1406 0.0971  2  CYS A CB  
449 S SG  . CYS C 2  ? 1.2086 1.0564 0.9508 0.0142  -0.1826 0.1360  2  CYS A SG  
450 N N   . TYR C 3  ? 0.8109 0.8512 0.5492 -0.0333 -0.0874 0.0332  3  TYR A N   
451 C CA  . TYR C 3  ? 0.7961 0.8673 0.5359 -0.0448 -0.0579 0.0007  3  TYR A CA  
452 C C   . TYR C 3  ? 0.8313 0.7693 0.5105 -0.0185 -0.0555 -0.0281 3  TYR A C   
453 O O   . TYR C 3  ? 0.8985 0.7674 0.5519 -0.0039 -0.0866 -0.0380 3  TYR A O   
454 C CB  . TYR C 3  ? 0.8342 1.0297 0.6237 -0.0788 -0.0626 -0.0238 3  TYR A CB  
455 C CG  . TYR C 3  ? 0.8083 1.0512 0.6127 -0.0965 -0.0368 -0.0608 3  TYR A CG  
456 C CD1 . TYR C 3  ? 0.8386 1.1763 0.6761 -0.1161 -0.0209 -0.0508 3  TYR A CD1 
457 C CD2 . TYR C 3  ? 0.9106 1.1032 0.7029 -0.0942 -0.0328 -0.1067 3  TYR A CD2 
458 C CE1 . TYR C 3  ? 0.8483 1.2270 0.7086 -0.1358 -0.0032 -0.0895 3  TYR A CE1 
459 C CE2 . TYR C 3  ? 0.9074 1.1356 0.7218 -0.1124 -0.0109 -0.1433 3  TYR A CE2 
460 C CZ  . TYR C 3  ? 0.8764 1.1964 0.7256 -0.1347 0.0027  -0.1365 3  TYR A CZ  
461 O OH  . TYR C 3  ? 0.9510 1.3043 0.8305 -0.1562 0.0186  -0.1769 3  TYR A OH  
462 N N   . CYS C 4  ? 0.9091 0.8098 0.5679 -0.0113 -0.0201 -0.0371 4  CYS A N   
463 C CA  . CYS C 4  ? 0.9583 0.7243 0.5487 0.0185  -0.0131 -0.0540 4  CYS A CA  
464 C C   . CYS C 4  ? 0.9947 0.7735 0.6053 0.0033  -0.0116 -0.0949 4  CYS A C   
465 O O   . CYS C 4  ? 0.9150 0.7823 0.5813 -0.0268 0.0091  -0.1126 4  CYS A O   
466 C CB  . CYS C 4  ? 1.0429 0.7494 0.5998 0.0390  0.0317  -0.0335 4  CYS A CB  
467 S SG  . CYS C 4  ? 1.0802 0.7744 0.6217 0.0622  0.0375  0.0125  4  CYS A SG  
468 N N   . ARG C 5  ? 1.0476 0.7391 0.6167 0.0246  -0.0380 -0.1122 5  ARG A N   
469 C CA  . ARG C 5  ? 1.0521 0.7429 0.6418 0.0172  -0.0406 -0.1510 5  ARG A CA  
470 C C   . ARG C 5  ? 1.1540 0.6985 0.6680 0.0556  -0.0482 -0.1552 5  ARG A C   
471 O O   . ARG C 5  ? 1.1754 0.6271 0.6185 0.0878  -0.0703 -0.1366 5  ARG A O   
472 C CB  . ARG C 5  ? 1.0856 0.8521 0.7265 0.0023  -0.0772 -0.1700 5  ARG A CB  
473 C CG  . ARG C 5  ? 1.0007 0.9083 0.7030 -0.0301 -0.0771 -0.1591 5  ARG A CG  
474 C CD  . ARG C 5  ? 1.0621 1.0535 0.8205 -0.0460 -0.0957 -0.1848 5  ARG A CD  
475 N NE  . ARG C 5  ? 0.9835 1.1026 0.7876 -0.0719 -0.0968 -0.1642 5  ARG A NE  
476 C CZ  . ARG C 5  ? 0.8576 1.0899 0.6911 -0.0988 -0.0740 -0.1743 5  ARG A CZ  
477 N NH1 . ARG C 5  ? 0.9686 1.2011 0.8019 -0.1066 -0.0507 -0.2102 5  ARG A NH1 
478 N NH2 . ARG C 5  ? 0.8283 1.1716 0.6919 -0.1178 -0.0769 -0.1480 5  ARG A NH2 
479 N N   . ILE C 6  ? 1.2348 0.7567 0.7618 0.0536  -0.0339 -0.1812 6  ILE A N   
480 C CA  . ILE C 6  ? 1.3183 0.7186 0.7865 0.0888  -0.0523 -0.1878 6  ILE A CA  
481 C C   . ILE C 6  ? 1.3352 0.7849 0.8713 0.0753  -0.0692 -0.2279 6  ILE A C   
482 O O   . ILE C 6  ? 1.2506 0.8004 0.8599 0.0415  -0.0480 -0.2525 6  ILE A O   
483 C CB  . ILE C 6  ? 1.4379 0.7360 0.8493 0.1084  -0.0087 -0.1713 6  ILE A CB  
484 C CG1 . ILE C 6  ? 1.3556 0.7251 0.8472 0.0714  0.0351  -0.1880 6  ILE A CG1 
485 C CG2 . ILE C 6  ? 1.4109 0.6481 0.7448 0.1320  0.0120  -0.1319 6  ILE A CG2 
486 C CD1 . ILE C 6  ? 1.5061 0.7844 0.9653 0.0839  0.0836  -0.1672 6  ILE A CD1 
487 N N   . PRO C 7  ? 1.3631 0.7460 0.8765 0.1035  -0.1096 -0.2369 7  PRO A N   
488 C CA  . PRO C 7  ? 1.5235 0.8171 0.9657 0.1397  -0.1410 -0.2040 7  PRO A CA  
489 C C   . PRO C 7  ? 1.4902 0.8122 0.9356 0.1383  -0.1859 -0.1985 7  PRO A C   
490 O O   . PRO C 7  ? 1.5666 0.8249 0.9496 0.1631  -0.2072 -0.1702 7  PRO A O   
491 C CB  . PRO C 7  ? 1.5493 0.8185 1.0143 0.1575  -0.1653 -0.2120 7  PRO A CB  
492 C CG  . PRO C 7  ? 1.4847 0.8473 1.0453 0.1320  -0.1697 -0.2553 7  PRO A CG  
493 C CD  . PRO C 7  ? 1.4225 0.8448 1.0044 0.0988  -0.1248 -0.2744 7  PRO A CD  
494 N N   . ALA C 8  ? 1.4095 0.8425 0.9369 0.1074  -0.1970 -0.2181 8  ALA A N   
495 C CA  . ALA C 8  ? 1.3467 0.8164 0.8997 0.1014  -0.2387 -0.2049 8  ALA A CA  
496 C C   . ALA C 8  ? 1.2173 0.8393 0.8600 0.0595  -0.2207 -0.2014 8  ALA A C   
497 O O   . ALA C 8  ? 1.1396 0.8446 0.8237 0.0361  -0.1826 -0.2177 8  ALA A O   
498 C CB  . ALA C 8  ? 1.3801 0.8180 0.9567 0.1196  -0.2965 -0.2200 8  ALA A CB  
499 N N   . CYS C 9  ? 1.1859 0.8406 0.8560 0.0507  -0.2501 -0.1798 9  CYS A N   
500 C CA  . CYS C 9  ? 1.1599 0.9548 0.9064 0.0142  -0.2337 -0.1656 9  CYS A CA  
501 C C   . CYS C 9  ? 1.0785 0.9797 0.9115 -0.0038 -0.2316 -0.1908 9  CYS A C   
502 O O   . CYS C 9  ? 1.2342 1.0976 1.0844 0.0132  -0.2562 -0.2139 9  CYS A O   
503 C CB  . CYS C 9  ? 1.0694 0.8557 0.8264 0.0118  -0.2663 -0.1310 9  CYS A CB  
504 S SG  . CYS C 9  ? 1.1382 0.8077 0.7941 0.0370  -0.2599 -0.1057 9  CYS A SG  
505 N N   . ILE C 10 ? 1.0443 1.0788 0.9284 -0.0345 -0.2016 -0.1864 10 ILE A N   
506 C CA  . ILE C 10 ? 1.0576 1.2000 1.0169 -0.0484 -0.1922 -0.2106 10 ILE A CA  
507 C C   . ILE C 10 ? 1.0049 1.2311 1.0354 -0.0649 -0.2090 -0.1776 10 ILE A C   
508 O O   . ILE C 10 ? 1.0233 1.2270 1.0464 -0.0695 -0.2273 -0.1368 10 ILE A O   
509 C CB  . ILE C 10 ? 1.0637 1.3037 1.0275 -0.0690 -0.1464 -0.2361 10 ILE A CB  
510 C CG1 . ILE C 10 ? 1.0320 1.1995 0.9311 -0.0642 -0.1270 -0.2447 10 ILE A CG1 
511 C CG2 . ILE C 10 ? 1.2013 1.4889 1.2119 -0.0658 -0.1344 -0.2842 10 ILE A CG2 
512 C CD1 . ILE C 10 ? 1.1202 1.3786 1.0278 -0.0879 -0.0911 -0.2706 10 ILE A CD1 
513 N N   . ALA C 11 ? 1.0286 1.3502 1.1327 -0.0730 -0.1993 -0.1940 11 ALA A N   
514 C CA  . ALA C 11 ? 0.9516 1.3672 1.1371 -0.0910 -0.2055 -0.1586 11 ALA A CA  
515 C C   . ALA C 11 ? 0.9416 1.4314 1.1158 -0.1156 -0.1847 -0.1127 11 ALA A C   
516 O O   . ALA C 11 ? 0.9317 1.4760 1.0638 -0.1253 -0.1506 -0.1219 11 ALA A O   
517 C CB  . ALA C 11 ? 0.9282 1.4528 1.1852 -0.0943 -0.1795 -0.1859 11 ALA A CB  
518 N N   . GLY C 12 ? 0.8990 1.3887 1.1158 -0.1257 -0.2090 -0.0631 12 GLY A N   
519 C CA  . GLY C 12 ? 0.9067 1.4487 1.1150 -0.1449 -0.1952 -0.0115 12 GLY A CA  
520 C C   . GLY C 12 ? 0.9917 1.4136 1.1389 -0.1327 -0.2203 0.0073  12 GLY A C   
521 O O   . GLY C 12 ? 1.0900 1.5255 1.2468 -0.1435 -0.2232 0.0567  12 GLY A O   
522 N N   . GLU C 13 ? 0.9413 1.2439 1.0247 -0.1075 -0.2355 -0.0301 13 GLU A N   
523 C CA  . GLU C 13 ? 0.9138 1.0967 0.9274 -0.0893 -0.2523 -0.0174 13 GLU A CA  
524 C C   . GLU C 13 ? 0.8793 0.9325 0.8836 -0.0674 -0.3058 -0.0250 13 GLU A C   
525 O O   . GLU C 13 ? 0.9346 0.9798 0.9790 -0.0627 -0.3311 -0.0486 13 GLU A O   
526 C CB  . GLU C 13 ? 0.8568 0.9938 0.7907 -0.0743 -0.2245 -0.0481 13 GLU A CB  
527 C CG  . GLU C 13 ? 0.8251 1.0818 0.7656 -0.0954 -0.1800 -0.0530 13 GLU A CG  
528 C CD  . GLU C 13 ? 0.7865 0.9941 0.6681 -0.0844 -0.1556 -0.0850 13 GLU A CD  
529 O OE1 . GLU C 13 ? 0.8675 0.9819 0.7190 -0.0638 -0.1641 -0.1172 13 GLU A OE1 
530 O OE2 . GLU C 13 ? 0.8798 1.1440 0.7513 -0.0967 -0.1290 -0.0753 13 GLU A OE2 
531 N N   . ARG C 14 ? 1.0805 1.0309 1.0283 -0.0508 -0.3238 -0.0083 14 ARG A N   
532 C CA  . ARG C 14 ? 1.0967 0.9034 1.0030 -0.0233 -0.3768 -0.0234 14 ARG A CA  
533 C C   . ARG C 14 ? 1.1148 0.8056 0.9015 0.0098  -0.3630 -0.0343 14 ARG A C   
534 O O   . ARG C 14 ? 1.1390 0.8546 0.9007 0.0074  -0.3242 -0.0129 14 ARG A O   
535 C CB  . ARG C 14 ? 1.2632 1.0470 1.2259 -0.0338 -0.4196 0.0082  14 ARG A CB  
536 C CG  . ARG C 14 ? 1.4194 1.1252 1.3224 -0.0191 -0.4173 0.0317  14 ARG A CG  
537 C CD  . ARG C 14 ? 1.4958 1.2086 1.4766 -0.0381 -0.4462 0.0720  14 ARG A CD  
538 N NE  . ARG C 14 ? 1.4569 1.1515 1.4059 -0.0309 -0.4216 0.1050  14 ARG A NE  
539 C CZ  . ARG C 14 ? 1.4550 1.2649 1.4569 -0.0548 -0.3839 0.1512  14 ARG A CZ  
540 N NH1 . ARG C 14 ? 1.4275 1.3770 1.5070 -0.0874 -0.3644 0.1686  14 ARG A NH1 
541 N NH2 . ARG C 14 ? 1.4748 1.2614 1.4509 -0.0431 -0.3660 0.1811  14 ARG A NH2 
542 N N   . ARG C 15 ? 1.2481 0.8167 0.9611 0.0426  -0.3924 -0.0647 15 ARG A N   
543 C CA  . ARG C 15 ? 1.3174 0.7726 0.9106 0.0777  -0.3737 -0.0707 15 ARG A CA  
544 C C   . ARG C 15 ? 1.4678 0.8327 1.0199 0.0955  -0.4002 -0.0547 15 ARG A C   
545 O O   . ARG C 15 ? 1.5210 0.8220 1.0826 0.1020  -0.4607 -0.0634 15 ARG A O   
546 C CB  . ARG C 15 ? 1.4140 0.7686 0.9285 0.1106  -0.3904 -0.1042 15 ARG A CB  
547 C CG  . ARG C 15 ? 1.5548 0.7848 0.9363 0.1511  -0.3675 -0.1053 15 ARG A CG  
548 C CD  . ARG C 15 ? 1.6212 0.8005 0.9493 0.1788  -0.3648 -0.1163 15 ARG A CD  
549 N NE  . ARG C 15 ? 1.7283 0.8441 0.9527 0.2084  -0.3250 -0.0997 15 ARG A NE  
550 C CZ  . ARG C 15 ? 1.8157 0.9103 0.9948 0.2229  -0.2946 -0.0969 15 ARG A CZ  
551 N NH1 . ARG C 15 ? 1.7629 0.8901 0.9921 0.2138  -0.2997 -0.1111 15 ARG A NH1 
552 N NH2 . ARG C 15 ? 1.9804 1.0199 1.0661 0.2462  -0.2568 -0.0807 15 ARG A NH2 
553 N N   . ALA C 16 ? 1.3961 0.7512 0.9055 0.1053  -0.3570 -0.0342 16 ALA A N   
554 C CA  . ALA C 16 ? 1.5463 0.8217 1.0247 0.1239  -0.3752 -0.0189 16 ALA A CA  
555 C C   . ALA C 16 ? 1.6536 0.8067 1.0016 0.1715  -0.3489 -0.0288 16 ALA A C   
556 O O   . ALA C 16 ? 1.6740 0.7661 0.9854 0.1902  -0.3549 -0.0298 16 ALA A O   
557 C CB  . ALA C 16 ? 1.4244 0.8064 0.9888 0.0950  -0.3496 0.0240  16 ALA A CB  
558 N N   . GLY C 17 ? 1.5487 0.6977 0.8432 0.1833  -0.3081 -0.0402 17 GLY A N   
559 C CA  . GLY C 17 ? 1.5997 0.6703 0.7870 0.2208  -0.2670 -0.0444 17 GLY A CA  
560 C C   . GLY C 17 ? 1.5066 0.5791 0.6593 0.2273  -0.2175 -0.0455 17 GLY A C   
561 O O   . GLY C 17 ? 1.4818 0.5938 0.6702 0.2086  -0.2274 -0.0607 17 GLY A O   
562 N N   . THR C 18 ? 1.5811 0.6321 0.6821 0.2483  -0.1585 -0.0309 18 THR A N   
563 C CA  . THR C 18 ? 1.5570 0.6055 0.6338 0.2527  -0.1056 -0.0281 18 THR A CA  
564 C C   . THR C 18 ? 1.5089 0.6314 0.6357 0.2413  -0.0404 -0.0002 18 THR A C   
565 O O   . THR C 18 ? 1.5540 0.6943 0.6998 0.2476  -0.0306 0.0205  18 THR A O   
566 C CB  . THR C 18 ? 1.7681 0.7582 0.7467 0.2802  -0.0909 -0.0291 18 THR A CB  
567 O OG1 . THR C 18 ? 1.9604 0.9053 0.8764 0.3035  -0.1079 -0.0311 18 THR A OG1 
568 C CG2 . THR C 18 ? 1.8994 0.8826 0.8707 0.2754  -0.1358 -0.0435 18 THR A CG2 
569 N N   . CYS C 19 ? 1.4117 0.5867 0.5734 0.2218  0.0013  -0.0002 19 CYS A N   
570 C CA  . CYS C 19 ? 1.3192 0.5553 0.5254 0.2137  0.0651  0.0248  19 CYS A CA  
571 C C   . CYS C 19 ? 1.3973 0.5424 0.5277 0.2430  0.1156  0.0300  19 CYS A C   
572 O O   . CYS C 19 ? 1.5301 0.5987 0.5991 0.2557  0.0999  0.0128  19 CYS A O   
573 C CB  . CYS C 19 ? 1.3040 0.6960 0.6359 0.1586  0.0713  0.0217  19 CYS A CB  
574 S SG  . CYS C 19 ? 1.2045 0.6996 0.6125 0.1207  0.0083  0.0093  19 CYS A SG  
575 N N   . ALA C 20 ? 1.4097 0.5683 0.5528 0.2537  0.1777  0.0582  20 ALA A N   
576 C CA  . ALA C 20 ? 1.5408 0.6240 0.6255 0.2799  0.2384  0.0738  20 ALA A CA  
577 C C   . ALA C 20 ? 1.5444 0.7386 0.7466 0.2475  0.2950  0.0956  20 ALA A C   
578 O O   . ALA C 20 ? 1.3964 0.6503 0.6498 0.2493  0.3174  0.1179  20 ALA A O   
579 C CB  . ALA C 20 ? 1.6786 0.6404 0.6359 0.3417  0.2608  0.0882  20 ALA A CB  
580 N N   . TYR C 21 ? 1.4501 0.6727 0.7033 0.2171  0.3137  0.0879  21 TYR A N   
581 C CA  . TYR C 21 ? 1.3852 0.7020 0.7533 0.1846  0.3654  0.1051  21 TYR A CA  
582 C C   . TYR C 21 ? 1.4063 0.7048 0.8009 0.1607  0.3822  0.0922  21 TYR A C   
583 O O   . TYR C 21 ? 1.3700 0.6204 0.7210 0.1596  0.3422  0.0643  21 TYR A O   
584 C CB  . TYR C 21 ? 1.2719 0.7458 0.7646 0.1389  0.3373  0.0973  21 TYR A CB  
585 C CG  . TYR C 21 ? 1.2481 0.7873 0.7783 0.0998  0.2764  0.0575  21 TYR A CG  
586 C CD1 . TYR C 21 ? 1.1814 0.7770 0.7846 0.0580  0.2775  0.0309  21 TYR A CD1 
587 C CD2 . TYR C 21 ? 1.1829 0.7308 0.6834 0.1043  0.2205  0.0464  21 TYR A CD2 
588 C CE1 . TYR C 21 ? 1.1233 0.7819 0.7577 0.0266  0.2274  -0.0081 21 TYR A CE1 
589 C CE2 . TYR C 21 ? 1.1583 0.7743 0.6982 0.0703  0.1727  0.0139  21 TYR A CE2 
590 C CZ  . TYR C 21 ? 1.1374 0.8091 0.7393 0.0339  0.1782  -0.0143 21 TYR A CZ  
591 O OH  . TYR C 21 ? 1.0641 0.8052 0.7006 0.0051  0.1359  -0.0493 21 TYR A OH  
592 N N   . GLN C 22 ? 1.3724 0.7107 0.8492 0.1418  0.4407  0.1137  22 GLN A N   
593 C CA  . GLN C 22 ? 1.3577 0.6605 0.8639 0.1227  0.4686  0.1098  22 GLN A CA  
594 C C   . GLN C 22 ? 1.5963 0.7408 0.9635 0.1679  0.4755  0.1182  22 GLN A C   
595 O O   . GLN C 22 ? 1.6779 0.7838 1.0515 0.1539  0.4666  0.1017  22 GLN A O   
596 C CB  . GLN C 22 ? 1.3724 0.7734 0.9825 0.0653  0.4233  0.0630  22 GLN A CB  
597 C CG  . GLN C 22 ? 1.2825 0.8392 1.0310 0.0191  0.4217  0.0574  22 GLN A CG  
598 C CD  . GLN C 22 ? 1.4097 0.9966 1.2677 -0.0106 0.4762  0.0728  22 GLN A CD  
599 O OE1 . GLN C 22 ? 1.5369 1.0274 1.3628 0.0121  0.5327  0.1056  22 GLN A OE1 
600 N NE2 . GLN C 22 ? 1.3563 1.0772 1.3452 -0.0622 0.4580  0.0497  22 GLN A NE2 
601 N N   . GLY C 23 ? 1.5863 0.6371 0.8248 0.2247  0.4892  0.1429  23 GLY A N   
602 C CA  . GLY C 23 ? 1.7738 0.6719 0.8672 0.2743  0.5030  0.1587  23 GLY A CA  
603 C C   . GLY C 23 ? 1.8276 0.6718 0.8330 0.2898  0.4226  0.1219  23 GLY A C   
604 O O   . GLY C 23 ? 1.9388 0.7257 0.8488 0.3182  0.4103  0.1197  23 GLY A O   
605 N N   . ARG C 24 ? 1.6630 0.5863 0.7311 0.2589  0.3594  0.0850  24 ARG A N   
606 C CA  . ARG C 24 ? 1.7547 0.6429 0.7650 0.2681  0.2832  0.0535  24 ARG A CA  
607 C C   . ARG C 24 ? 1.7418 0.6667 0.7418 0.2709  0.2239  0.0350  24 ARG A C   
608 O O   . ARG C 24 ? 1.5971 0.5782 0.6383 0.2642  0.2394  0.0437  24 ARG A O   
609 C CB  . ARG C 24 ? 1.7933 0.7070 0.8789 0.2340  0.2616  0.0237  24 ARG A CB  
610 C CG  . ARG C 24 ? 1.7072 0.7733 0.9461 0.1731  0.2578  -0.0013 24 ARG A CG  
611 C CD  . ARG C 24 ? 1.6194 0.6861 0.9127 0.1491  0.2473  -0.0297 24 ARG A CD  
612 N NE  . ARG C 24 ? 1.6401 0.6163 0.8497 0.1822  0.1989  -0.0430 24 ARG A NE  
613 C CZ  . ARG C 24 ? 1.6098 0.5828 0.8571 0.1718  0.1734  -0.0702 24 ARG A CZ  
614 N NH1 . ARG C 24 ? 1.5130 0.5396 0.8638 0.1326  0.1975  -0.0919 24 ARG A NH1 
615 N NH2 . ARG C 24 ? 1.7663 0.7207 0.9728 0.1948  0.1197  -0.0692 24 ARG A NH2 
616 N N   . ALA C 25 ? 1.6826 0.6020 0.6479 0.2743  0.1533  0.0160  25 ALA A N   
617 C CA  . ALA C 25 ? 1.6498 0.5965 0.6131 0.2749  0.0944  0.0021  25 ALA A CA  
618 C C   . ALA C 25 ? 1.5583 0.5730 0.6153 0.2395  0.0538  -0.0308 25 ALA A C   
619 O O   . ALA C 25 ? 1.5324 0.5538 0.6174 0.2278  0.0393  -0.0460 25 ALA A O   
620 C CB  . ALA C 25 ? 1.7912 0.6843 0.6565 0.3031  0.0458  0.0015  25 ALA A CB  
621 N N   . TRP C 26 ? 1.4458 0.5351 0.5635 0.2178  0.0406  -0.0388 26 TRP A N   
622 C CA  . TRP C 26 ? 1.3674 0.5744 0.5911 0.1736  0.0053  -0.0628 26 TRP A CA  
623 C C   . TRP C 26 ? 1.4741 0.6836 0.6941 0.1779  -0.0547 -0.0678 26 TRP A C   
624 O O   . TRP C 26 ? 1.5267 0.6764 0.6882 0.2045  -0.0614 -0.0520 26 TRP A O   
625 C CB  . TRP C 26 ? 1.1946 0.5390 0.5234 0.1310  0.0406  -0.0555 26 TRP A CB  
626 C CG  . TRP C 26 ? 1.1967 0.5432 0.5454 0.1236  0.1022  -0.0452 26 TRP A CG  
627 C CD1 . TRP C 26 ? 1.2976 0.5819 0.5992 0.1502  0.1527  -0.0139 26 TRP A CD1 
628 C CD2 . TRP C 26 ? 1.1892 0.6062 0.6201 0.0860  0.1205  -0.0670 26 TRP A CD2 
629 N NE1 . TRP C 26 ? 1.2596 0.5741 0.6188 0.1283  0.2016  -0.0102 26 TRP A NE1 
630 C CE2 . TRP C 26 ? 1.1556 0.5484 0.5947 0.0877  0.1794  -0.0453 26 TRP A CE2 
631 C CE3 . TRP C 26 ? 1.1683 0.6658 0.6688 0.0521  0.0944  -0.1046 26 TRP A CE3 
632 C CZ2 . TRP C 26 ? 1.1747 0.6158 0.6948 0.0530  0.2066  -0.0612 26 TRP A CZ2 
633 C CZ3 . TRP C 26 ? 1.1584 0.7011 0.7277 0.0215  0.1219  -0.1256 26 TRP A CZ3 
634 C CH2 . TRP C 26 ? 1.1622 0.6745 0.7439 0.0202  0.1745  -0.1046 26 TRP A CH2 
635 N N   . ALA C 27 ? 1.4001 0.6744 0.6857 0.1531  -0.0971 -0.0899 27 ALA A N   
636 C CA  . ALA C 27 ? 1.4317 0.7259 0.7409 0.1487  -0.1499 -0.0888 27 ALA A CA  
637 C C   . ALA C 27 ? 1.2769 0.6883 0.6625 0.1174  -0.1316 -0.0669 27 ALA A C   
638 O O   . ALA C 27 ? 1.1488 0.6680 0.6016 0.0855  -0.1002 -0.0684 27 ALA A O   
639 C CB  . ALA C 27 ? 1.3411 0.6767 0.7086 0.1327  -0.1942 -0.1143 27 ALA A CB  
640 N N   . ALA C 28 ? 1.2322 0.6212 0.6077 0.1271  -0.1543 -0.0474 28 ALA A N   
641 C CA  . ALA C 28 ? 1.1415 0.6446 0.5969 0.0979  -0.1457 -0.0213 28 ALA A CA  
642 C C   . ALA C 28 ? 1.2078 0.7840 0.7389 0.0698  -0.1896 -0.0242 28 ALA A C   
643 O O   . ALA C 28 ? 1.2096 0.7201 0.7294 0.0818  -0.2377 -0.0280 28 ALA A O   
644 C CB  . ALA C 28 ? 1.2010 0.6439 0.6187 0.1234  -0.1419 0.0060  28 ALA A CB  
645 N N   . CYS C 29 ? 1.1062 0.8209 0.7165 0.0326  -0.1727 -0.0223 29 CYS A N   
646 C CA  . CYS C 29 ? 1.0377 0.8359 0.7227 0.0062  -0.2015 -0.0250 29 CYS A CA  
647 C C   . CYS C 29 ? 0.9297 0.8376 0.6815 -0.0203 -0.1984 0.0148  29 CYS A C   
648 O O   . CYS C 29 ? 0.8866 0.8863 0.6581 -0.0369 -0.1652 0.0285  29 CYS A O   
649 C CB  . CYS C 29 ? 1.0644 0.9308 0.7789 -0.0105 -0.1850 -0.0597 29 CYS A CB  
650 S SG  . CYS C 29 ? 1.0560 0.7920 0.6961 0.0217  -0.1848 -0.0984 29 CYS A SG  
651 N N   . CYS C 30 ? 1.1235 1.0204 0.9130 -0.0245 -0.2358 0.0350  30 CYS A N   
658 N N   . ALA D 1  ? 1.1776 1.2874 1.2648 0.0527  0.0240  -0.3719 1  ALA B N   
659 C CA  . ALA D 1  ? 1.1434 1.1165 1.1652 0.0642  0.0541  -0.3022 1  ALA B CA  
660 C C   . ALA D 1  ? 1.0825 1.0826 1.0644 0.0526  0.0776  -0.2556 1  ALA B C   
661 O O   . ALA D 1  ? 1.0431 1.1228 1.0891 0.0351  0.0879  -0.2644 1  ALA B O   
662 C CB  . ALA D 1  ? 1.1491 1.0204 1.0777 0.0877  0.0382  -0.2772 1  ALA B CB  
663 N N   . CYS D 2  ? 1.0259 0.9582 0.9067 0.0643  0.0811  -0.2089 2  CYS B N   
664 C CA  . CYS D 2  ? 0.9216 0.8436 0.7635 0.0608  0.1076  -0.1589 2  CYS B CA  
665 C C   . CYS D 2  ? 0.9148 0.8637 0.6912 0.0584  0.0853  -0.1412 2  CYS B C   
666 O O   . CYS D 2  ? 0.9186 0.8472 0.6558 0.0659  0.0554  -0.1540 2  CYS B O   
667 C CB  . CYS D 2  ? 1.1318 0.9132 0.9238 0.0824  0.1486  -0.1122 2  CYS B CB  
668 S SG  . CYS D 2  ? 1.1253 0.8692 1.0130 0.0826  0.1727  -0.1269 2  CYS B SG  
669 N N   . TYR D 3  ? 0.8777 0.8751 0.6568 0.0468  0.0972  -0.1105 3  TYR B N   
670 C CA  . TYR D 3  ? 0.8552 0.9007 0.6023 0.0377  0.0748  -0.0910 3  TYR B CA  
671 C C   . TYR D 3  ? 0.8979 0.8521 0.5874 0.0509  0.0951  -0.0403 3  TYR B C   
672 O O   . TYR D 3  ? 0.9146 0.8390 0.6197 0.0570  0.1306  -0.0193 3  TYR B O   
673 C CB  . TYR D 3  ? 0.7885 0.9945 0.6012 0.0118  0.0647  -0.1006 3  TYR B CB  
674 C CG  . TYR D 3  ? 0.9351 1.2118 0.7310 -0.0020 0.0418  -0.0777 3  TYR B CG  
675 C CD1 . TYR D 3  ? 0.9368 1.2189 0.7244 -0.0079 0.0473  -0.0251 3  TYR B CD1 
676 C CD2 . TYR D 3  ? 1.0034 1.3446 0.8048 -0.0092 0.0163  -0.1058 3  TYR B CD2 
677 C CE1 . TYR D 3  ? 0.9413 1.2852 0.7265 -0.0230 0.0270  0.0043  3  TYR B CE1 
678 C CE2 . TYR D 3  ? 0.9852 1.3949 0.7843 -0.0246 0.0003  -0.0768 3  TYR B CE2 
679 C CZ  . TYR D 3  ? 0.9434 1.3520 0.7350 -0.0327 0.0053  -0.0192 3  TYR B CZ  
680 O OH  . TYR D 3  ? 0.9550 1.4286 0.7568 -0.0502 -0.0099 0.0176  3  TYR B OH  
681 N N   . CYS D 4  ? 0.9567 0.8670 0.5891 0.0563  0.0724  -0.0244 4  CYS B N   
682 C CA  . CYS D 4  ? 0.9800 0.7899 0.5532 0.0746  0.0877  0.0124  4  CYS B CA  
683 C C   . CYS D 4  ? 0.9676 0.8479 0.5812 0.0580  0.0859  0.0465  4  CYS B C   
684 O O   . CYS D 4  ? 0.9018 0.8715 0.5477 0.0356  0.0557  0.0516  4  CYS B O   
685 C CB  . CYS D 4  ? 1.0450 0.7528 0.5360 0.0932  0.0572  0.0056  4  CYS B CB  
686 S SG  . CYS D 4  ? 1.1533 0.7772 0.5939 0.1160  0.0493  -0.0274 4  CYS B SG  
687 N N   . ARG D 5  ? 0.9652 0.8086 0.5837 0.0699  0.1208  0.0739  5  ARG B N   
688 C CA  . ARG D 5  ? 0.9391 0.8410 0.6055 0.0586  0.1202  0.1114  5  ARG B CA  
689 C C   . ARG D 5  ? 1.0161 0.8096 0.6470 0.0860  0.1458  0.1365  5  ARG B C   
690 O O   . ARG D 5  ? 1.0659 0.7603 0.6451 0.1137  0.1808  0.1284  5  ARG B O   
691 C CB  . ARG D 5  ? 0.9526 0.9645 0.7036 0.0431  0.1371  0.1171  5  ARG B CB  
692 C CG  . ARG D 5  ? 0.8732 0.9972 0.6648 0.0212  0.1187  0.0823  5  ARG B CG  
693 C CD  . ARG D 5  ? 0.8576 1.1085 0.7297 0.0039  0.1176  0.0931  5  ARG B CD  
694 N NE  . ARG D 5  ? 0.8249 1.1779 0.7324 -0.0119 0.1013  0.0464  5  ARG B NE  
695 C CZ  . ARG D 5  ? 0.7146 1.1713 0.6180 -0.0287 0.0713  0.0326  5  ARG B CZ  
696 N NH1 . ARG D 5  ? 0.8265 1.2974 0.7010 -0.0356 0.0554  0.0702  5  ARG B NH1 
697 N NH2 . ARG D 5  ? 0.7119 1.2586 0.6455 -0.0377 0.0589  -0.0199 5  ARG B NH2 
698 N N   . ILE D 6  ? 1.1028 0.9198 0.7658 0.0795  0.1306  0.1692  6  ILE B N   
699 C CA  . ILE D 6  ? 1.1340 0.8825 0.7999 0.1037  0.1580  0.1938  6  ILE B CA  
700 C C   . ILE D 6  ? 1.0997 0.9596 0.8648 0.0841  0.1524  0.2338  6  ILE B C   
701 O O   . ILE D 6  ? 1.0709 1.0350 0.8741 0.0544  0.1177  0.2482  6  ILE B O   
702 C CB  . ILE D 6  ? 1.2615 0.8972 0.8659 0.1233  0.1366  0.1917  6  ILE B CB  
703 C CG1 . ILE D 6  ? 1.2696 0.9644 0.9108 0.0931  0.0826  0.2070  6  ILE B CG1 
704 C CG2 . ILE D 6  ? 1.2001 0.7189 0.6937 0.1504  0.1417  0.1534  6  ILE B CG2 
705 C CD1 . ILE D 6  ? 1.3852 0.9719 0.9887 0.1079  0.0518  0.2014  6  ILE B CD1 
706 N N   . PRO D 7  ? 1.1029 0.9469 0.9109 0.1023  0.1872  0.2539  7  PRO B N   
707 C CA  . PRO D 7  ? 1.1779 0.9102 0.9457 0.1400  0.2389  0.2420  7  PRO B CA  
708 C C   . PRO D 7  ? 1.2021 0.9493 0.9779 0.1410  0.2785  0.2230  7  PRO B C   
709 O O   . PRO D 7  ? 1.3091 0.9586 1.0265 0.1701  0.3228  0.2120  7  PRO B O   
710 C CB  . PRO D 7  ? 1.1351 0.8845 0.9840 0.1522  0.2561  0.2775  7  PRO B CB  
711 C CG  . PRO D 7  ? 1.0894 0.9887 1.0340 0.1175  0.2265  0.3033  7  PRO B CG  
712 C CD  . PRO D 7  ? 1.0559 1.0048 0.9636 0.0877  0.1774  0.2952  7  PRO B CD  
713 N N   . ALA D 8  ? 1.1326 0.9992 0.9799 0.1108  0.2627  0.2192  8  ALA B N   
714 C CA  . ALA D 8  ? 1.0428 0.9275 0.9266 0.1085  0.2959  0.2009  8  ALA B CA  
715 C C   . ALA D 8  ? 0.9440 0.9431 0.8702 0.0751  0.2583  0.1748  8  ALA B C   
716 O O   . ALA D 8  ? 0.8986 0.9759 0.8261 0.0550  0.2131  0.1769  8  ALA B O   
717 C CB  . ALA D 8  ? 0.9954 0.9076 0.9755 0.1175  0.3361  0.2252  8  ALA B CB  
718 N N   . CYS D 9  ? 0.9519 0.9606 0.9162 0.0705  0.2788  0.1501  9  CYS B N   
719 C CA  . CYS D 9  ? 0.9783 1.0908 0.9880 0.0433  0.2438  0.1133  9  CYS B CA  
720 C C   . CYS D 9  ? 0.8654 1.1176 0.9674 0.0232  0.2169  0.1217  9  CYS B C   
721 O O   . CYS D 9  ? 0.9779 1.2397 1.1357 0.0305  0.2339  0.1550  9  CYS B O   
722 C CB  . CYS D 9  ? 0.8556 0.9308 0.8984 0.0448  0.2715  0.0852  9  CYS B CB  
723 S SG  . CYS D 9  ? 0.9678 0.8865 0.8895 0.0702  0.2939  0.0808  9  CYS B SG  
724 N N   . ILE D 10 ? 0.7811 1.1442 0.8978 0.0010  0.1741  0.0903  10 ILE B N   
725 C CA  . ILE D 10 ? 0.8139 1.3168 1.0009 -0.0154 0.1422  0.0958  10 ILE B CA  
726 C C   . ILE D 10 ? 0.7993 1.3657 1.0818 -0.0260 0.1379  0.0503  10 ILE B C   
727 O O   . ILE D 10 ? 0.7649 1.2678 1.0623 -0.0234 0.1599  0.0170  10 ILE B O   
728 C CB  . ILE D 10 ? 0.8729 1.4777 1.0129 -0.0313 0.0975  0.0928  10 ILE B CB  
729 C CG1 . ILE D 10 ? 0.8518 1.4924 0.9732 -0.0404 0.0820  0.0277  10 ILE B CG1 
730 C CG2 . ILE D 10 ? 0.8597 1.3997 0.9255 -0.0252 0.0982  0.1363  10 ILE B CG2 
731 C CD1 . ILE D 10 ? 0.8467 1.6093 0.9319 -0.0548 0.0457  0.0198  10 ILE B CD1 
732 N N   . ALA D 11 ? 0.7948 1.4843 1.1464 -0.0375 0.1057  0.0504  11 ALA B N   
733 C CA  . ALA D 11 ? 0.7107 1.4743 1.1636 -0.0492 0.0882  -0.0004 11 ALA B CA  
734 C C   . ALA D 11 ? 0.7980 1.5814 1.2320 -0.0582 0.0698  -0.0723 11 ALA B C   
735 O O   . ALA D 11 ? 0.8127 1.6413 1.1662 -0.0614 0.0461  -0.0880 11 ALA B O   
736 C CB  . ALA D 11 ? 0.6453 1.5519 1.1463 -0.0583 0.0406  0.0073  11 ALA B CB  
737 N N   . GLY D 12 ? 0.6596 1.4096 1.1790 -0.0617 0.0825  -0.1144 12 GLY B N   
738 C CA  . GLY D 12 ? 0.6637 1.4156 1.1825 -0.0670 0.0669  -0.1845 12 GLY B CA  
739 C C   . GLY D 12 ? 0.9018 1.5082 1.3717 -0.0550 0.1080  -0.1753 12 GLY B C   
740 O O   . GLY D 12 ? 0.8882 1.4654 1.3910 -0.0568 0.1049  -0.2251 12 GLY B O   
741 N N   . GLU D 13 ? 0.7026 1.2164 1.0930 -0.0404 0.1428  -0.1129 13 GLU B N   
742 C CA  . GLU D 13 ? 0.7407 1.1141 1.0662 -0.0244 0.1786  -0.0983 13 GLU B CA  
743 C C   . GLU D 13 ? 0.7773 1.0547 1.1415 -0.0126 0.2352  -0.0518 13 GLU B C   
744 O O   . GLU D 13 ? 0.7665 1.0835 1.1961 -0.0149 0.2472  -0.0242 13 GLU B O   
745 C CB  . GLU D 13 ? 0.7481 1.0798 0.9461 -0.0128 0.1745  -0.0678 13 GLU B CB  
746 C CG  . GLU D 13 ? 0.7451 1.1815 0.9043 -0.0244 0.1274  -0.0973 13 GLU B CG  
747 C CD  . GLU D 13 ? 0.7241 1.1173 0.7826 -0.0163 0.1246  -0.0591 13 GLU B CD  
748 O OE1 . GLU D 13 ? 0.7423 1.0781 0.7764 -0.0066 0.1454  -0.0070 13 GLU B OE1 
749 O OE2 . GLU D 13 ? 0.7865 1.2045 0.8004 -0.0193 0.1009  -0.0835 13 GLU B OE2 
750 N N   . ARG D 14 ? 0.8690 1.0232 1.1921 0.0023  0.2712  -0.0404 14 ARG B N   
751 C CA  . ARG D 14 ? 0.9266 0.9793 1.2494 0.0203  0.3356  0.0129  14 ARG B CA  
752 C C   . ARG D 14 ? 0.9580 0.8837 1.1335 0.0467  0.3553  0.0366  14 ARG B C   
753 O O   . ARG D 14 ? 1.0135 0.9155 1.1320 0.0476  0.3255  0.0080  14 ARG B O   
754 C CB  . ARG D 14 ? 1.0499 1.0854 1.5019 0.0112  0.3679  0.0092  14 ARG B CB  
755 C CG  . ARG D 14 ? 1.1087 1.1543 1.6115 -0.0031 0.3358  -0.0452 14 ARG B CG  
756 C CD  . ARG D 14 ? 1.3524 1.3290 1.9592 -0.0057 0.3828  -0.0267 14 ARG B CD  
757 N NE  . ARG D 14 ? 1.5642 1.4388 2.1150 0.0176  0.4565  0.0460  14 ARG B NE  
758 C CZ  . ARG D 14 ? 1.6972 1.4483 2.1321 0.0423  0.4908  0.0806  14 ARG B CZ  
759 N NH1 . ARG D 14 ? 1.7196 1.4312 2.0938 0.0456  0.4548  0.0516  14 ARG B NH1 
760 N NH2 . ARG D 14 ? 1.7378 1.4077 2.1149 0.0667  0.5601  0.1425  14 ARG B NH2 
761 N N   . ARG D 15 ? 1.0649 0.9130 1.1790 0.0705  0.4013  0.0845  15 ARG B N   
762 C CA  . ARG D 15 ? 1.1036 0.8305 1.0681 0.0998  0.4154  0.1033  15 ARG B CA  
763 C C   . ARG D 15 ? 1.2900 0.9095 1.2204 0.1161  0.4542  0.1174  15 ARG B C   
764 O O   . ARG D 15 ? 1.3401 0.9315 1.3344 0.1203  0.5119  0.1476  15 ARG B O   
765 C CB  . ARG D 15 ? 1.1992 0.8817 1.1060 0.1240  0.4490  0.1412  15 ARG B CB  
766 C CG  . ARG D 15 ? 1.3275 0.8788 1.0763 0.1594  0.4654  0.1559  15 ARG B CG  
767 C CD  . ARG D 15 ? 1.4329 0.9506 1.1350 0.1835  0.4894  0.1798  15 ARG B CD  
768 N NE  . ARG D 15 ? 1.5901 0.9839 1.1339 0.2201  0.4969  0.1834  15 ARG B NE  
769 C CZ  . ARG D 15 ? 1.6761 1.0303 1.1525 0.2413  0.4892  0.1850  15 ARG B CZ  
770 N NH1 . ARG D 15 ? 1.5804 1.0085 1.1383 0.2285  0.4754  0.1907  15 ARG B NH1 
771 N NH2 . ARG D 15 ? 1.9044 1.1443 1.2344 0.2761  0.4897  0.1794  15 ARG B NH2 
772 N N   . ALA D 16 ? 1.1842 0.7432 1.0163 0.1268  0.4234  0.1014  16 ALA B N   
773 C CA  . ALA D 16 ? 1.3311 0.7908 1.1298 0.1424  0.4496  0.1177  16 ALA B CA  
774 C C   . ALA D 16 ? 1.4737 0.8100 1.0968 0.1804  0.4568  0.1413  16 ALA B C   
775 O O   . ALA D 16 ? 1.4985 0.7401 1.0666 0.2009  0.4834  0.1677  16 ALA B O   
776 C CB  . ALA D 16 ? 1.2589 0.7568 1.1230 0.1226  0.4014  0.0732  16 ALA B CB  
777 N N   . GLY D 17 ? 1.3661 0.7011 0.9024 0.1911  0.4308  0.1335  17 GLY B N   
778 C CA  . GLY D 17 ? 1.5213 0.7411 0.8918 0.2282  0.4268  0.1452  17 GLY B CA  
779 C C   . GLY D 17 ? 1.4972 0.7283 0.8049 0.2322  0.3839  0.1264  17 GLY B C   
780 O O   . GLY D 17 ? 1.4010 0.7105 0.7782 0.2148  0.3819  0.1241  17 GLY B O   
781 N N   . THR D 18 ? 1.5212 0.6740 0.7050 0.2547  0.3446  0.1142  18 THR B N   
782 C CA  . THR D 18 ? 1.5150 0.6674 0.6480 0.2581  0.3010  0.0964  18 THR B CA  
783 C C   . THR D 18 ? 1.5467 0.7085 0.6575 0.2487  0.2248  0.0631  18 THR B C   
784 O O   . THR D 18 ? 1.5886 0.7254 0.6848 0.2525  0.2071  0.0544  18 THR B O   
785 C CB  . THR D 18 ? 1.7593 0.7928 0.7524 0.3036  0.3281  0.1101  18 THR B CB  
786 O OG1 . THR D 18 ? 1.8727 0.8032 0.7489 0.3359  0.3374  0.1198  18 THR B OG1 
787 C CG2 . THR D 18 ? 1.7430 0.7845 0.7743 0.3130  0.4020  0.1387  18 THR B CG2 
788 N N   . CYS D 19 ? 1.4503 0.6512 0.5723 0.2356  0.1800  0.0473  19 CYS B N   
789 C CA  . CYS D 19 ? 1.4540 0.6466 0.5454 0.2329  0.1110  0.0194  19 CYS B CA  
790 C C   . CYS D 19 ? 1.5671 0.6724 0.5622 0.2579  0.0852  0.0146  19 CYS B C   
791 O O   . CYS D 19 ? 1.5739 0.6606 0.5597 0.2669  0.1148  0.0286  19 CYS B O   
792 C CB  . CYS D 19 ? 1.3745 0.7031 0.5831 0.1908  0.0744  0.0027  19 CYS B CB  
793 S SG  . CYS D 19 ? 1.2631 0.7261 0.6055 0.1575  0.1083  0.0031  19 CYS B SG  
794 N N   . ALA D 20 ? 1.5904 0.6468 0.5274 0.2688  0.0250  -0.0096 20 ALA B N   
795 C CA  . ALA D 20 ? 1.7560 0.7281 0.6090 0.2918  -0.0129 -0.0247 20 ALA B CA  
796 C C   . ALA D 20 ? 1.7610 0.7779 0.6694 0.2682  -0.0894 -0.0500 20 ALA B C   
797 O O   . ALA D 20 ? 1.6401 0.6571 0.5438 0.2696  -0.1266 -0.0664 20 ALA B O   
798 C CB  . ALA D 20 ? 1.8398 0.6738 0.5304 0.3433  -0.0077 -0.0287 20 ALA B CB  
799 N N   . TYR D 21 ? 1.6545 0.7143 0.6299 0.2459  -0.1106 -0.0489 21 TYR B N   
800 C CA  . TYR D 21 ? 1.6126 0.7125 0.6515 0.2225  -0.1794 -0.0667 21 TYR B CA  
801 C C   . TYR D 21 ? 1.5713 0.6905 0.6732 0.2036  -0.1934 -0.0551 21 TYR B C   
802 O O   . TYR D 21 ? 1.5129 0.6555 0.6430 0.1988  -0.1472 -0.0286 21 TYR B O   
803 C CB  . TYR D 21 ? 1.4985 0.7286 0.6459 0.1864  -0.1858 -0.0663 21 TYR B CB  
804 C CG  . TYR D 21 ? 1.4206 0.7784 0.6683 0.1523  -0.1394 -0.0395 21 TYR B CG  
805 C CD1 . TYR D 21 ? 1.2702 0.7162 0.6106 0.1187  -0.1511 -0.0194 21 TYR B CD1 
806 C CD2 . TYR D 21 ? 1.2898 0.6830 0.5448 0.1533  -0.0885 -0.0331 21 TYR B CD2 
807 C CE1 . TYR D 21 ? 1.2654 0.8325 0.6858 0.0907  -0.1145 0.0067  21 TYR B CE1 
808 C CE2 . TYR D 21 ? 1.2758 0.7891 0.6207 0.1239  -0.0556 -0.0149 21 TYR B CE2 
809 C CZ  . TYR D 21 ? 1.2376 0.8380 0.6563 0.0945  -0.0697 0.0048  21 TYR B CZ  
810 O OH  . TYR D 21 ? 1.1604 0.8834 0.6559 0.0686  -0.0418 0.0247  21 TYR B OH  
811 N N   . GLN D 22 ? 1.5591 0.6710 0.6976 0.1921  -0.2597 -0.0728 22 GLN B N   
812 C CA  . GLN D 22 ? 1.5646 0.6723 0.7668 0.1765  -0.2836 -0.0626 22 GLN B CA  
813 C C   . GLN D 22 ? 1.6604 0.6592 0.7811 0.2123  -0.2585 -0.0668 22 GLN B C   
814 O O   . GLN D 22 ? 1.6622 0.6771 0.8502 0.1996  -0.2472 -0.0439 22 GLN B O   
815 C CB  . GLN D 22 ? 1.4351 0.6905 0.7781 0.1277  -0.2615 -0.0189 22 GLN B CB  
816 C CG  . GLN D 22 ? 1.4879 0.8563 0.9146 0.0948  -0.2862 -0.0202 22 GLN B CG  
817 C CD  . GLN D 22 ? 1.6069 0.9795 1.1128 0.0737  -0.3513 -0.0255 22 GLN B CD  
818 O OE1 . GLN D 22 ? 1.7109 0.9738 1.1857 0.0913  -0.3942 -0.0457 22 GLN B OE1 
819 N NE2 . GLN D 22 ? 1.5393 1.0421 1.1547 0.0363  -0.3584 -0.0096 22 GLN B NE2 
820 N N   . GLY D 23 ? 1.7712 0.6602 0.7467 0.2598  -0.2475 -0.0941 23 GLY B N   
821 C CA  . GLY D 23 ? 1.8897 0.6662 0.7708 0.3022  -0.2281 -0.1100 23 GLY B CA  
822 C C   . GLY D 23 ? 1.9407 0.7332 0.8102 0.3144  -0.1406 -0.0791 23 GLY B C   
823 O O   . GLY D 23 ? 1.9699 0.6752 0.7624 0.3538  -0.1128 -0.0922 23 GLY B O   
824 N N   . ARG D 24 ? 1.7443 0.6501 0.6965 0.2828  -0.0973 -0.0420 24 ARG B N   
825 C CA  . ARG D 24 ? 1.8100 0.7334 0.7684 0.2936  -0.0190 -0.0139 24 ARG B CA  
826 C C   . ARG D 24 ? 1.7162 0.6807 0.6597 0.2927  0.0334  0.0029  24 ARG B C   
827 O O   . ARG D 24 ? 1.6615 0.6511 0.5994 0.2809  0.0095  -0.0056 24 ARG B O   
828 C CB  . ARG D 24 ? 1.7683 0.7839 0.8626 0.2610  -0.0068 0.0204  24 ARG B CB  
829 C CG  . ARG D 24 ? 1.6985 0.8568 0.9043 0.2113  -0.0155 0.0463  24 ARG B CG  
830 C CD  . ARG D 24 ? 1.6143 0.8541 0.9153 0.1949  0.0241  0.0865  24 ARG B CD  
831 N NE  . ARG D 24 ? 1.4580 0.7106 0.8355 0.1788  -0.0101 0.1061  24 ARG B NE  
832 C CZ  . ARG D 24 ? 1.4709 0.7202 0.8996 0.1867  0.0127  0.1318  24 ARG B CZ  
833 N NH1 . ARG D 24 ? 1.5570 0.7884 0.9656 0.2131  0.0720  0.1367  24 ARG B NH1 
834 N NH2 . ARG D 24 ? 1.4224 0.6814 0.9306 0.1695  -0.0243 0.1540  24 ARG B NH2 
835 N N   . ALA D 25 ? 1.7018 0.6736 0.6548 0.3051  0.1038  0.0265  25 ALA B N   
836 C CA  . ALA D 25 ? 1.6557 0.6610 0.6136 0.3038  0.1590  0.0455  25 ALA B CA  
837 C C   . ALA D 25 ? 1.5147 0.6581 0.6216 0.2606  0.1737  0.0707  25 ALA B C   
838 O O   . ALA D 25 ? 1.4837 0.6637 0.6584 0.2538  0.1862  0.0885  25 ALA B O   
839 C CB  . ALA D 25 ? 1.8307 0.7537 0.7057 0.3481  0.2308  0.0561  25 ALA B CB  
840 N N   . TRP D 26 ? 1.4383 0.6573 0.5951 0.2340  0.1673  0.0694  26 TRP B N   
841 C CA  . TRP D 26 ? 1.3483 0.7053 0.6345 0.1947  0.1738  0.0839  26 TRP B CA  
842 C C   . TRP D 26 ? 1.3721 0.7482 0.6879 0.1958  0.2259  0.0912  26 TRP B C   
843 O O   . TRP D 26 ? 1.3795 0.6773 0.6236 0.2179  0.2438  0.0856  26 TRP B O   
844 C CB  . TRP D 26 ? 1.2400 0.6816 0.5722 0.1619  0.1187  0.0661  26 TRP B CB  
845 C CG  . TRP D 26 ? 1.2605 0.6783 0.5708 0.1581  0.0627  0.0572  26 TRP B CG  
846 C CD1 . TRP D 26 ? 1.4149 0.7263 0.6332 0.1825  0.0294  0.0343  26 TRP B CD1 
847 C CD2 . TRP D 26 ? 1.2320 0.7384 0.6235 0.1265  0.0306  0.0733  26 TRP B CD2 
848 N NE1 . TRP D 26 ? 1.3398 0.6666 0.5901 0.1662  -0.0233 0.0310  26 TRP B NE1 
849 C CE2 . TRP D 26 ? 1.2466 0.6926 0.6049 0.1308  -0.0198 0.0592  26 TRP B CE2 
850 C CE3 . TRP D 26 ? 1.1432 0.7753 0.6322 0.0957  0.0380  0.1018  26 TRP B CE3 
851 C CZ2 . TRP D 26 ? 1.2104 0.7158 0.6425 0.1024  -0.0574 0.0770  26 TRP B CZ2 
852 C CZ3 . TRP D 26 ? 1.1592 0.8522 0.7056 0.0700  0.0020  0.1237  26 TRP B CZ3 
853 C CH2 . TRP D 26 ? 1.1751 0.8044 0.6994 0.0719  -0.0425 0.1135  26 TRP B CH2 
854 N N   . ALA D 27 ? 1.2199 0.6992 0.6459 0.1721  0.2468  0.1056  27 ALA B N   
855 C CA  . ALA D 27 ? 1.2217 0.7292 0.7024 0.1666  0.2865  0.1072  27 ALA B CA  
856 C C   . ALA D 27 ? 1.1872 0.7519 0.6974 0.1438  0.2488  0.0767  27 ALA B C   
857 O O   . ALA D 27 ? 1.0839 0.7331 0.6274 0.1199  0.2028  0.0613  27 ALA B O   
858 C CB  . ALA D 27 ? 1.1763 0.7798 0.7738 0.1490  0.3106  0.1258  27 ALA B CB  
859 N N   . ALA D 28 ? 1.2312 0.7514 0.7341 0.1523  0.2703  0.0697  28 ALA B N   
860 C CA  . ALA D 28 ? 1.1897 0.7682 0.7444 0.1325  0.2388  0.0361  28 ALA B CA  
861 C C   . ALA D 28 ? 1.1068 0.7850 0.7901 0.1078  0.2574  0.0289  28 ALA B C   
862 O O   . ALA D 28 ? 1.1157 0.7613 0.8380 0.1141  0.3051  0.0486  28 ALA B O   
863 C CB  . ALA D 28 ? 1.2820 0.7558 0.7724 0.1551  0.2446  0.0335  28 ALA B CB  
864 N N   . CYS D 29 ? 0.9832 0.7869 0.7349 0.0804  0.2194  0.0002  29 CYS B N   
865 C CA  . CYS D 29 ? 0.9395 0.8487 0.8078 0.0582  0.2261  -0.0117 29 CYS B CA  
866 C C   . CYS D 29 ? 0.9515 0.9219 0.8871 0.0431  0.2003  -0.0649 29 CYS B C   
867 O O   . CYS D 29 ? 0.8634 0.8928 0.7850 0.0352  0.1602  -0.0985 29 CYS B O   
868 C CB  . CYS D 29 ? 0.8883 0.9032 0.7815 0.0420  0.2049  0.0007  29 CYS B CB  
869 S SG  . CYS D 29 ? 0.9345 0.8702 0.7596 0.0626  0.2280  0.0568  29 CYS B SG  
870 N N   . CYS D 30 ? 1.1700 1.1287 1.1891 0.0395  0.2248  -0.0734 30 CYS B N   
# 
